data_2VU1
#
_entry.id   2VU1
#
_cell.length_a   84.298
_cell.length_b   78.737
_cell.length_c   148.339
_cell.angle_alpha   90.00
_cell.angle_beta   92.93
_cell.angle_gamma   90.00
#
_symmetry.space_group_name_H-M   'P 1 21 1'
#
loop_
_entity.id
_entity.type
_entity.pdbx_description
1 polymer 'ACETYL-COA ACETYLTRANSFERASE'
2 non-polymer 'PANTOTHENYL-AMINOETHANOL-11-PIVALIC ACID'
3 non-polymer 'SODIUM ION'
4 non-polymer 'SULFATE ION'
5 water water
#
_entity_poly.entity_id   1
_entity_poly.type   'polypeptide(L)'
_entity_poly.pdbx_seq_one_letter_code
;STPSIVIASAARTAVGSFNGAFANTPAHELGATVISAVLERAGVAAGEVNEVILGQVLPAGEGQNPARQAAMKAGVPQEA
TAWGMNQL(CSO)GSGLRAVALGMQQIATGDASIIVAGGMESMSMAPHCAHLRGGVKMGDFKMIDTMIKDGLTDAFYGYH
MGTTAENVAKQWQLSRDEQDAFAVASQNKAEAAQKDGRFKDEIVPFIVKGRKGDITVDADEYIRHGATLDSMAKLRPAFD
KEGTVTAGNASGLNDGAAAALLMSEAEASRRGIQPLGRIVSWATVGVDPKVMGTGPIPASRKALERAGWKIGDLDLVEAN
EAFAAQACAVNKDLGWDPSIVNVNGGAIAIGHPIGASGARILNTLLFEMKRRGARKGLATLCIGGGMGVAMCIESL
;
_entity_poly.pdbx_strand_id   A,B,C,D
#
# COMPACT_ATOMS: atom_id res chain seq x y z
N THR A 2 -44.07 13.16 -29.83
CA THR A 2 -42.65 13.12 -29.38
C THR A 2 -42.66 12.82 -27.89
N PRO A 3 -41.77 11.93 -27.41
CA PRO A 3 -41.78 11.52 -26.02
C PRO A 3 -41.59 12.70 -25.08
N SER A 4 -42.25 12.70 -23.93
CA SER A 4 -42.10 13.78 -22.99
C SER A 4 -41.83 13.18 -21.62
N ILE A 5 -40.64 13.45 -21.03
CA ILE A 5 -40.20 12.79 -19.82
C ILE A 5 -40.16 13.87 -18.75
N VAL A 6 -40.65 13.51 -17.58
CA VAL A 6 -40.78 14.41 -16.47
C VAL A 6 -39.85 13.91 -15.37
N ILE A 7 -39.40 14.83 -14.54
CA ILE A 7 -38.78 14.47 -13.31
C ILE A 7 -39.88 14.49 -12.26
N ALA A 8 -40.30 13.34 -11.83
CA ALA A 8 -41.30 13.22 -10.84
C ALA A 8 -40.93 13.70 -9.45
N SER A 9 -39.73 13.43 -8.98
CA SER A 9 -39.27 13.75 -7.68
C SER A 9 -37.72 13.73 -7.75
N ALA A 10 -37.07 14.32 -6.74
CA ALA A 10 -35.61 14.41 -6.67
C ALA A 10 -35.24 14.47 -5.21
N ALA A 11 -34.01 14.13 -4.88
CA ALA A 11 -33.46 14.25 -3.55
C ALA A 11 -31.97 14.24 -3.64
N ARG A 12 -31.34 14.91 -2.67
CA ARG A 12 -29.91 14.77 -2.46
C ARG A 12 -29.58 14.66 -1.02
N THR A 13 -28.45 14.11 -0.80
CA THR A 13 -27.81 14.16 0.54
C THR A 13 -27.28 15.54 0.72
N ALA A 14 -27.08 15.92 1.97
CA ALA A 14 -26.16 17.01 2.30
C ALA A 14 -24.81 16.65 1.65
N VAL A 15 -24.07 17.69 1.30
CA VAL A 15 -22.74 17.47 0.79
C VAL A 15 -21.76 17.54 1.93
N GLY A 16 -20.96 16.49 2.14
CA GLY A 16 -20.00 16.45 3.18
C GLY A 16 -18.68 17.06 2.75
N SER A 17 -17.99 17.58 3.72
CA SER A 17 -16.62 18.01 3.63
C SER A 17 -15.67 16.81 3.48
N PHE A 18 -14.56 17.08 2.82
CA PHE A 18 -13.53 16.07 2.62
C PHE A 18 -13.13 15.46 3.96
N ASN A 19 -13.23 14.15 4.07
CA ASN A 19 -12.86 13.49 5.31
C ASN A 19 -13.68 14.01 6.52
N GLY A 20 -14.90 14.46 6.22
CA GLY A 20 -15.85 15.04 7.18
C GLY A 20 -16.91 14.05 7.56
N ALA A 21 -18.17 14.46 7.42
CA ALA A 21 -19.31 13.74 7.97
C ALA A 21 -19.38 12.35 7.35
N PHE A 22 -19.08 12.27 6.06
CA PHE A 22 -19.13 11.01 5.34
C PHE A 22 -17.80 10.39 5.02
N ALA A 23 -16.79 10.71 5.87
CA ALA A 23 -15.39 10.25 5.69
C ALA A 23 -15.28 8.73 5.47
N ASN A 24 -16.14 7.96 6.14
CA ASN A 24 -16.08 6.52 6.04
C ASN A 24 -17.41 5.92 5.51
N THR A 25 -18.18 6.68 4.74
CA THR A 25 -19.41 6.22 4.18
C THR A 25 -19.19 5.96 2.70
N PRO A 26 -19.33 4.69 2.27
CA PRO A 26 -19.29 4.32 0.87
C PRO A 26 -20.29 5.04 0.06
N ALA A 27 -19.90 5.47 -1.13
CA ALA A 27 -20.81 6.19 -2.01
C ALA A 27 -22.21 5.54 -2.23
N HIS A 28 -22.20 4.22 -2.40
CA HIS A 28 -23.45 3.50 -2.56
C HIS A 28 -24.41 3.55 -1.37
N GLU A 29 -23.93 3.78 -0.17
CA GLU A 29 -24.80 4.01 0.99
C GLU A 29 -25.50 5.36 0.84
N LEU A 30 -24.78 6.38 0.44
CA LEU A 30 -25.46 7.70 0.15
C LEU A 30 -26.43 7.54 -0.98
N GLY A 31 -26.05 6.80 -2.00
CA GLY A 31 -26.97 6.64 -3.11
C GLY A 31 -28.25 5.91 -2.73
N ALA A 32 -28.16 4.93 -1.89
CA ALA A 32 -29.35 4.18 -1.47
C ALA A 32 -30.36 5.07 -0.78
N THR A 33 -29.90 5.97 0.07
CA THR A 33 -30.74 6.83 0.81
C THR A 33 -31.40 7.76 -0.16
N VAL A 34 -30.66 8.25 -1.16
CA VAL A 34 -31.26 9.09 -2.16
CA VAL A 34 -31.35 9.11 -2.12
C VAL A 34 -32.32 8.37 -3.03
N ILE A 35 -32.01 7.11 -3.39
CA ILE A 35 -32.98 6.31 -4.14
C ILE A 35 -34.26 6.15 -3.33
N SER A 36 -34.12 5.74 -2.07
CA SER A 36 -35.31 5.58 -1.21
C SER A 36 -36.11 6.87 -1.11
N ALA A 37 -35.41 8.00 -1.03
CA ALA A 37 -36.06 9.28 -0.99
C ALA A 37 -36.81 9.64 -2.24
N VAL A 38 -36.22 9.51 -3.43
CA VAL A 38 -37.03 9.89 -4.60
C VAL A 38 -38.31 9.04 -4.75
N LEU A 39 -38.21 7.79 -4.37
CA LEU A 39 -39.35 6.88 -4.41
C LEU A 39 -40.42 7.33 -3.41
N GLU A 40 -39.98 7.62 -2.18
CA GLU A 40 -40.90 8.17 -1.14
CA GLU A 40 -40.96 8.14 -1.16
C GLU A 40 -41.61 9.42 -1.64
N ARG A 41 -40.83 10.33 -2.21
CA ARG A 41 -41.29 11.69 -2.54
C ARG A 41 -42.28 11.62 -3.67
N ALA A 42 -42.06 10.69 -4.59
CA ALA A 42 -42.98 10.51 -5.75
C ALA A 42 -44.22 9.67 -5.41
N GLY A 43 -44.20 8.96 -4.30
CA GLY A 43 -45.16 7.91 -4.04
C GLY A 43 -45.02 6.68 -4.93
N VAL A 44 -43.82 6.33 -5.33
CA VAL A 44 -43.57 5.19 -6.24
C VAL A 44 -42.82 4.15 -5.42
N ALA A 45 -43.18 2.87 -5.55
CA ALA A 45 -42.60 1.85 -4.73
C ALA A 45 -41.33 1.38 -5.44
N ALA A 46 -40.32 0.95 -4.68
CA ALA A 46 -39.10 0.39 -5.21
C ALA A 46 -39.35 -0.72 -6.23
N GLY A 47 -40.44 -1.50 -6.00
CA GLY A 47 -40.85 -2.55 -6.98
C GLY A 47 -41.15 -2.13 -8.41
N GLU A 48 -41.46 -0.83 -8.58
CA GLU A 48 -41.75 -0.26 -9.85
C GLU A 48 -40.55 0.25 -10.62
N VAL A 49 -39.39 0.26 -10.01
CA VAL A 49 -38.29 0.87 -10.70
C VAL A 49 -37.75 -0.12 -11.72
N ASN A 50 -37.45 0.34 -12.92
CA ASN A 50 -36.91 -0.54 -13.94
C ASN A 50 -35.35 -0.53 -13.95
N GLU A 51 -34.75 0.65 -13.82
CA GLU A 51 -33.32 0.78 -13.87
C GLU A 51 -32.85 1.96 -13.05
N VAL A 52 -31.71 1.79 -12.41
CA VAL A 52 -31.01 2.84 -11.65
C VAL A 52 -29.66 3.16 -12.43
N ILE A 53 -29.40 4.44 -12.63
CA ILE A 53 -28.26 4.91 -13.42
C ILE A 53 -27.59 5.95 -12.60
N LEU A 54 -26.41 5.63 -12.13
CA LEU A 54 -25.69 6.52 -11.25
C LEU A 54 -24.26 6.89 -11.74
N GLY A 55 -23.99 8.17 -11.94
CA GLY A 55 -22.72 8.63 -12.34
C GLY A 55 -21.84 8.47 -11.15
N GLN A 56 -20.56 8.11 -11.31
CA GLN A 56 -19.57 7.87 -10.24
C GLN A 56 -18.25 7.82 -10.93
N VAL A 57 -17.34 8.67 -10.46
CA VAL A 57 -16.02 8.79 -11.04
C VAL A 57 -15.00 7.97 -10.29
N LEU A 58 -15.21 7.67 -9.01
CA LEU A 58 -14.13 7.10 -8.17
C LEU A 58 -14.69 5.87 -7.42
N PRO A 59 -15.05 4.81 -8.16
CA PRO A 59 -15.57 3.55 -7.61
C PRO A 59 -14.50 2.58 -7.08
N ALA A 60 -13.19 2.89 -7.14
CA ALA A 60 -12.14 1.93 -6.86
C ALA A 60 -12.21 1.41 -5.40
N GLY A 61 -12.22 0.10 -5.31
CA GLY A 61 -12.35 -0.57 -4.02
C GLY A 61 -13.74 -0.75 -3.44
N GLU A 62 -14.74 -0.16 -4.08
CA GLU A 62 -16.10 -0.20 -3.56
C GLU A 62 -16.84 -1.51 -3.93
N GLY A 63 -16.24 -2.30 -4.78
CA GLY A 63 -16.87 -3.55 -5.22
C GLY A 63 -17.67 -3.45 -6.48
N GLN A 64 -18.19 -4.61 -6.90
CA GLN A 64 -18.88 -4.69 -8.18
C GLN A 64 -19.98 -3.73 -8.28
N ASN A 65 -19.91 -2.92 -9.35
CA ASN A 65 -20.98 -2.06 -9.81
C ASN A 65 -21.79 -1.39 -8.69
N PRO A 66 -21.19 -0.42 -8.04
CA PRO A 66 -21.84 0.21 -6.90
C PRO A 66 -23.27 0.74 -7.12
N ALA A 67 -23.59 1.09 -8.34
CA ALA A 67 -24.95 1.48 -8.71
C ALA A 67 -25.94 0.38 -8.28
N ARG A 68 -25.60 -0.83 -8.62
CA ARG A 68 -26.44 -2.00 -8.26
C ARG A 68 -26.49 -2.18 -6.76
N GLN A 69 -25.35 -1.94 -6.11
CA GLN A 69 -25.29 -1.99 -4.65
C GLN A 69 -26.21 -0.97 -4.01
N ALA A 70 -26.28 0.24 -4.56
CA ALA A 70 -27.21 1.29 -4.10
C ALA A 70 -28.65 0.86 -4.33
N ALA A 71 -28.90 0.31 -5.47
CA ALA A 71 -30.28 -0.08 -5.88
C ALA A 71 -30.75 -1.19 -4.95
N MET A 72 -29.89 -2.18 -4.70
CA MET A 72 -30.29 -3.30 -3.88
C MET A 72 -30.52 -2.91 -2.43
N LYS A 73 -29.72 -1.99 -1.95
CA LYS A 73 -29.81 -1.57 -0.55
C LYS A 73 -31.11 -0.81 -0.41
N ALA A 74 -31.51 -0.08 -1.44
CA ALA A 74 -32.73 0.66 -1.43
C ALA A 74 -33.97 -0.20 -1.63
N GLY A 75 -33.82 -1.50 -1.82
CA GLY A 75 -35.00 -2.38 -2.01
C GLY A 75 -35.50 -2.46 -3.45
N VAL A 76 -34.71 -1.92 -4.41
CA VAL A 76 -35.07 -2.06 -5.78
C VAL A 76 -34.88 -3.56 -6.10
N PRO A 77 -35.85 -4.13 -6.82
CA PRO A 77 -35.83 -5.56 -7.00
C PRO A 77 -34.67 -6.08 -7.82
N GLN A 78 -34.39 -7.34 -7.60
CA GLN A 78 -33.30 -7.95 -8.35
C GLN A 78 -33.64 -7.95 -9.84
N GLU A 79 -34.92 -7.88 -10.24
CA GLU A 79 -35.25 -7.93 -11.63
C GLU A 79 -34.95 -6.66 -12.41
N ALA A 80 -34.84 -5.55 -11.65
CA ALA A 80 -34.44 -4.26 -12.22
C ALA A 80 -32.97 -4.39 -12.58
N THR A 81 -32.46 -3.38 -13.27
CA THR A 81 -31.07 -3.37 -13.57
C THR A 81 -30.45 -2.06 -13.03
N ALA A 82 -29.14 -1.93 -13.05
CA ALA A 82 -28.41 -0.76 -12.48
C ALA A 82 -27.06 -0.73 -13.15
N TRP A 83 -26.51 0.45 -13.34
CA TRP A 83 -25.17 0.60 -13.91
C TRP A 83 -24.67 2.00 -13.61
N GLY A 84 -23.35 2.11 -13.65
CA GLY A 84 -22.61 3.30 -13.40
C GLY A 84 -22.09 3.90 -14.68
N MET A 85 -21.82 5.18 -14.64
CA MET A 85 -21.20 5.84 -15.77
C MET A 85 -20.33 6.97 -15.29
N ASN A 86 -19.54 7.45 -16.24
CA ASN A 86 -18.54 8.47 -15.96
C ASN A 86 -18.35 9.35 -17.15
N GLN A 87 -18.85 10.57 -17.00
CA GLN A 87 -18.43 11.68 -17.84
C GLN A 87 -17.99 12.79 -16.85
N LEU A 88 -17.11 12.40 -15.89
CA LEU A 88 -16.46 13.27 -14.86
C LEU A 88 -17.44 14.14 -14.17
N GLY A 90 -19.75 16.00 -15.27
CA GLY A 90 -21.03 16.00 -15.95
C GLY A 90 -21.82 14.78 -15.56
N SER A 91 -21.24 13.84 -14.88
CA SER A 91 -21.82 12.49 -14.81
C SER A 91 -23.22 12.47 -14.19
N GLY A 92 -23.46 13.12 -13.06
CA GLY A 92 -24.87 13.13 -12.49
C GLY A 92 -25.97 13.67 -13.31
N LEU A 93 -25.63 14.74 -14.05
CA LEU A 93 -26.54 15.30 -14.97
C LEU A 93 -26.64 14.41 -16.17
N ARG A 94 -25.55 13.93 -16.73
CA ARG A 94 -25.64 13.09 -17.90
C ARG A 94 -26.49 11.84 -17.60
N ALA A 95 -26.39 11.29 -16.42
CA ALA A 95 -27.20 10.13 -16.03
C ALA A 95 -28.68 10.38 -16.18
N VAL A 96 -29.08 11.58 -15.78
CA VAL A 96 -30.45 11.98 -15.96
C VAL A 96 -30.93 12.02 -17.40
N ALA A 97 -30.12 12.54 -18.29
CA ALA A 97 -30.36 12.50 -19.72
C ALA A 97 -30.36 11.08 -20.23
N LEU A 98 -29.46 10.23 -19.74
CA LEU A 98 -29.46 8.80 -20.16
C LEU A 98 -30.74 8.11 -19.72
N GLY A 99 -31.23 8.45 -18.52
CA GLY A 99 -32.52 7.91 -18.02
C GLY A 99 -33.62 8.30 -18.87
N MET A 100 -33.64 9.59 -19.20
CA MET A 100 -34.62 10.15 -20.08
CA MET A 100 -34.65 10.11 -20.05
C MET A 100 -34.67 9.29 -21.35
N GLN A 101 -33.52 8.96 -21.90
CA GLN A 101 -33.44 8.21 -23.14
C GLN A 101 -34.00 6.80 -23.06
N GLN A 102 -33.87 6.18 -21.93
CA GLN A 102 -34.41 4.83 -21.71
C GLN A 102 -35.96 4.89 -21.87
N ILE A 103 -36.54 5.91 -21.28
CA ILE A 103 -37.98 6.11 -21.39
C ILE A 103 -38.36 6.50 -22.72
N ALA A 104 -37.64 7.39 -23.36
CA ALA A 104 -38.03 7.88 -24.66
C ALA A 104 -37.98 6.79 -25.77
N THR A 105 -37.07 5.86 -25.66
CA THR A 105 -36.98 4.81 -26.64
C THR A 105 -37.84 3.57 -26.29
N GLY A 106 -38.61 3.69 -25.22
CA GLY A 106 -39.55 2.62 -24.82
C GLY A 106 -38.86 1.48 -24.09
N ASP A 107 -37.64 1.61 -23.62
CA ASP A 107 -36.91 0.49 -22.98
C ASP A 107 -37.20 0.40 -21.47
N ALA A 108 -37.70 1.48 -20.89
CA ALA A 108 -38.03 1.50 -19.47
C ALA A 108 -39.19 2.43 -19.22
N SER A 109 -39.87 2.27 -18.10
CA SER A 109 -40.94 3.23 -17.68
C SER A 109 -40.51 4.14 -16.52
N ILE A 110 -39.82 3.56 -15.57
CA ILE A 110 -39.45 4.31 -14.36
C ILE A 110 -37.99 4.10 -14.16
N ILE A 111 -37.30 5.27 -14.16
CA ILE A 111 -35.85 5.26 -13.89
C ILE A 111 -35.44 6.12 -12.71
N VAL A 112 -34.48 5.69 -11.86
CA VAL A 112 -33.86 6.58 -10.93
C VAL A 112 -32.48 6.89 -11.46
N ALA A 113 -32.21 8.16 -11.72
CA ALA A 113 -30.85 8.56 -12.21
C ALA A 113 -30.26 9.72 -11.50
N GLY A 114 -28.94 9.65 -11.35
CA GLY A 114 -28.23 10.74 -10.71
C GLY A 114 -26.77 10.39 -10.60
N GLY A 115 -26.15 10.69 -9.48
CA GLY A 115 -24.83 10.31 -9.23
C GLY A 115 -24.54 10.22 -7.78
N MET A 116 -23.38 9.70 -7.47
CA MET A 116 -22.88 9.51 -6.11
C MET A 116 -21.39 9.53 -6.12
N GLU A 117 -20.83 10.07 -5.04
CA GLU A 117 -19.39 10.13 -4.90
C GLU A 117 -18.86 10.24 -3.50
N SER A 118 -17.94 9.38 -3.21
CA SER A 118 -17.15 9.55 -2.01
C SER A 118 -15.71 9.79 -2.34
N MET A 119 -15.36 11.07 -2.32
CA MET A 119 -13.99 11.43 -2.57
C MET A 119 -13.20 11.05 -1.38
N SER A 120 -13.78 11.10 -0.18
CA SER A 120 -13.13 10.67 1.02
C SER A 120 -12.68 9.24 0.94
N MET A 121 -13.52 8.36 0.42
CA MET A 121 -13.25 6.91 0.49
C MET A 121 -12.38 6.46 -0.68
N ALA A 122 -12.03 7.35 -1.60
CA ALA A 122 -11.25 7.01 -2.78
C ALA A 122 -9.86 6.55 -2.31
N PRO A 123 -9.36 5.39 -2.76
CA PRO A 123 -8.11 4.81 -2.27
C PRO A 123 -6.92 5.33 -3.02
N HIS A 124 -5.78 4.97 -2.50
CA HIS A 124 -4.52 5.09 -3.19
C HIS A 124 -4.18 3.72 -3.84
N CYS A 125 -3.50 3.74 -4.99
CA CYS A 125 -3.30 2.52 -5.76
C CYS A 125 -1.97 2.46 -6.42
N ALA A 126 -1.56 1.23 -6.75
CA ALA A 126 -0.24 0.98 -7.40
C ALA A 126 -0.40 -0.31 -8.21
N HIS A 127 0.04 -0.29 -9.47
CA HIS A 127 0.09 -1.49 -10.31
C HIS A 127 1.28 -2.31 -9.92
N LEU A 128 1.02 -3.48 -9.34
CA LEU A 128 2.05 -4.29 -8.70
C LEU A 128 2.23 -5.70 -9.23
N ARG A 129 1.57 -6.02 -10.34
CA ARG A 129 1.61 -7.39 -10.92
C ARG A 129 2.96 -7.83 -11.44
N GLY A 130 3.70 -6.89 -12.03
CA GLY A 130 5.03 -7.18 -12.55
C GLY A 130 6.06 -7.20 -11.44
N GLY A 131 5.65 -6.81 -10.23
CA GLY A 131 6.58 -6.67 -9.12
C GLY A 131 7.34 -5.38 -9.24
N VAL A 132 8.05 -5.03 -8.18
CA VAL A 132 8.93 -3.86 -8.18
C VAL A 132 10.24 -4.38 -7.60
N LYS A 133 11.09 -4.88 -8.48
CA LYS A 133 12.25 -5.67 -8.08
C LYS A 133 13.20 -4.94 -7.09
N MET A 134 13.32 -3.62 -7.25
CA MET A 134 14.15 -2.84 -6.35
C MET A 134 13.87 -1.35 -6.54
N GLY A 135 13.98 -0.59 -5.44
CA GLY A 135 13.65 0.83 -5.43
C GLY A 135 12.24 1.17 -4.96
N ASP A 136 12.06 2.44 -4.63
CA ASP A 136 10.78 2.95 -4.16
C ASP A 136 9.80 3.00 -5.31
N PHE A 137 8.51 3.03 -4.99
CA PHE A 137 7.48 3.28 -5.99
C PHE A 137 6.35 4.13 -5.38
N LYS A 138 5.61 4.76 -6.26
CA LYS A 138 4.49 5.62 -5.85
C LYS A 138 3.16 4.91 -5.68
N MET A 139 2.55 5.23 -4.56
CA MET A 139 1.17 4.98 -4.33
C MET A 139 0.42 6.19 -4.74
N ILE A 140 -0.41 6.00 -5.76
CA ILE A 140 -1.20 7.04 -6.47
C ILE A 140 -2.52 7.30 -5.77
N ASP A 141 -2.80 8.58 -5.49
CA ASP A 141 -4.14 9.00 -5.11
C ASP A 141 -5.17 8.97 -6.24
N THR A 142 -6.06 7.99 -6.23
CA THR A 142 -7.05 7.79 -7.31
C THR A 142 -7.96 8.99 -7.48
N MET A 143 -8.27 9.65 -6.38
CA MET A 143 -9.00 10.88 -6.40
C MET A 143 -8.31 11.92 -7.26
N ILE A 144 -7.04 12.18 -7.04
CA ILE A 144 -6.34 13.20 -7.86
C ILE A 144 -6.12 12.72 -9.31
N LYS A 145 -5.70 11.50 -9.44
CA LYS A 145 -5.36 10.93 -10.71
C LYS A 145 -6.57 10.80 -11.60
N ASP A 146 -7.60 10.17 -11.11
CA ASP A 146 -8.75 9.82 -11.91
C ASP A 146 -9.79 10.89 -11.89
N GLY A 147 -9.74 11.79 -10.91
CA GLY A 147 -10.79 12.79 -10.74
C GLY A 147 -10.40 14.16 -11.23
N LEU A 148 -9.16 14.57 -10.93
CA LEU A 148 -8.72 15.95 -11.01
C LEU A 148 -7.56 16.38 -11.85
N THR A 149 -6.81 15.44 -12.38
CA THR A 149 -5.70 15.72 -13.20
C THR A 149 -6.10 15.55 -14.64
N ASP A 150 -5.67 16.46 -15.49
CA ASP A 150 -5.99 16.30 -16.93
C ASP A 150 -5.11 15.23 -17.48
N ALA A 151 -5.68 14.40 -18.32
CA ALA A 151 -4.99 13.21 -18.80
C ALA A 151 -4.05 13.59 -19.94
N PHE A 152 -4.26 14.76 -20.54
CA PHE A 152 -3.45 15.19 -21.70
C PHE A 152 -2.26 16.05 -21.41
N TYR A 153 -2.43 16.96 -20.44
CA TYR A 153 -1.43 17.92 -20.05
C TYR A 153 -0.74 17.60 -18.72
N GLY A 154 -1.29 16.67 -17.96
CA GLY A 154 -0.73 16.25 -16.69
C GLY A 154 -0.90 17.18 -15.50
N TYR A 155 -1.56 18.31 -15.68
CA TYR A 155 -1.77 19.24 -14.62
C TYR A 155 -3.18 19.19 -14.10
N HIS A 156 -3.36 19.73 -12.91
CA HIS A 156 -4.64 19.62 -12.21
C HIS A 156 -5.63 20.56 -12.87
N MET A 157 -6.89 20.39 -12.53
CA MET A 157 -7.98 21.17 -13.08
C MET A 157 -7.78 22.62 -12.75
N GLY A 158 -7.11 22.92 -11.64
CA GLY A 158 -6.93 24.32 -11.27
C GLY A 158 -6.06 25.07 -12.27
N THR A 159 -5.19 24.32 -12.94
CA THR A 159 -4.36 24.94 -13.96
C THR A 159 -5.19 25.31 -15.19
N THR A 160 -6.23 24.53 -15.50
CA THR A 160 -7.22 24.85 -16.55
C THR A 160 -7.97 26.09 -16.20
N ALA A 161 -8.34 26.20 -14.94
CA ALA A 161 -8.99 27.39 -14.46
C ALA A 161 -8.06 28.61 -14.59
N GLU A 162 -6.76 28.44 -14.34
CA GLU A 162 -5.80 29.56 -14.56
C GLU A 162 -5.76 29.99 -16.03
N ASN A 163 -5.81 29.00 -16.90
CA ASN A 163 -5.78 29.25 -18.33
C ASN A 163 -7.00 30.09 -18.72
N VAL A 164 -8.11 29.83 -18.06
CA VAL A 164 -9.35 30.54 -18.35
C VAL A 164 -9.29 31.95 -17.73
N ALA A 165 -8.74 32.04 -16.52
CA ALA A 165 -8.47 33.32 -15.88
C ALA A 165 -7.72 34.26 -16.80
N LYS A 166 -6.58 33.77 -17.28
CA LYS A 166 -5.72 34.54 -18.17
C LYS A 166 -6.41 34.91 -19.48
N GLN A 167 -7.09 33.97 -20.13
CA GLN A 167 -7.79 34.26 -21.39
C GLN A 167 -8.94 35.28 -21.25
N TRP A 168 -9.71 35.20 -20.17
CA TRP A 168 -10.85 36.09 -19.94
C TRP A 168 -10.43 37.32 -19.10
N GLN A 169 -9.14 37.42 -18.77
CA GLN A 169 -8.59 38.59 -18.08
C GLN A 169 -9.29 38.80 -16.74
N LEU A 170 -9.47 37.72 -15.98
CA LEU A 170 -10.24 37.76 -14.72
C LEU A 170 -9.31 38.03 -13.54
N SER A 171 -9.51 39.15 -12.86
CA SER A 171 -8.67 39.47 -11.73
C SER A 171 -8.96 38.50 -10.57
N ARG A 172 -7.93 38.37 -9.76
CA ARG A 172 -8.04 37.80 -8.43
C ARG A 172 -9.13 38.53 -7.63
N ASP A 173 -9.20 39.84 -7.66
CA ASP A 173 -10.39 40.48 -7.01
C ASP A 173 -11.75 40.07 -7.49
N GLU A 174 -11.97 40.02 -8.81
CA GLU A 174 -13.25 39.51 -9.33
C GLU A 174 -13.57 38.08 -8.86
N GLN A 175 -12.57 37.20 -8.98
CA GLN A 175 -12.74 35.82 -8.54
C GLN A 175 -13.04 35.70 -7.04
N ASP A 176 -12.31 36.49 -6.21
CA ASP A 176 -12.59 36.45 -4.75
C ASP A 176 -13.97 36.97 -4.42
N ALA A 177 -14.39 38.06 -5.06
CA ALA A 177 -15.72 38.59 -4.85
C ALA A 177 -16.76 37.52 -5.18
N PHE A 178 -16.59 36.82 -6.28
CA PHE A 178 -17.53 35.81 -6.75
C PHE A 178 -17.56 34.73 -5.68
N ALA A 179 -16.40 34.36 -5.12
CA ALA A 179 -16.38 33.24 -4.20
C ALA A 179 -17.07 33.63 -2.89
N VAL A 180 -16.77 34.82 -2.37
CA VAL A 180 -17.48 35.36 -1.19
C VAL A 180 -18.97 35.40 -1.41
N ALA A 181 -19.41 35.90 -2.55
CA ALA A 181 -20.83 35.89 -2.89
C ALA A 181 -21.45 34.55 -2.92
N SER A 182 -20.74 33.57 -3.39
CA SER A 182 -21.25 32.21 -3.36
C SER A 182 -21.47 31.75 -1.92
N GLN A 183 -20.46 31.91 -1.09
CA GLN A 183 -20.55 31.51 0.29
C GLN A 183 -21.67 32.23 1.01
N ASN A 184 -21.77 33.53 0.80
CA ASN A 184 -22.82 34.33 1.47
C ASN A 184 -24.23 33.95 0.95
N LYS A 185 -24.43 33.66 -0.34
CA LYS A 185 -25.73 33.20 -0.87
C LYS A 185 -26.11 31.85 -0.28
N ALA A 186 -25.13 30.93 -0.22
CA ALA A 186 -25.34 29.57 0.29
C ALA A 186 -25.61 29.60 1.80
N GLU A 187 -24.88 30.41 2.56
CA GLU A 187 -25.20 30.57 3.99
C GLU A 187 -26.60 31.10 4.21
N ALA A 188 -26.98 32.14 3.47
CA ALA A 188 -28.35 32.66 3.55
C ALA A 188 -29.43 31.63 3.23
N ALA A 189 -29.24 30.93 2.11
CA ALA A 189 -30.16 29.89 1.74
C ALA A 189 -30.23 28.85 2.76
N GLN A 190 -29.10 28.45 3.33
CA GLN A 190 -29.15 27.40 4.30
C GLN A 190 -29.90 27.84 5.55
N LYS A 191 -29.62 29.05 6.05
CA LYS A 191 -30.27 29.57 7.27
C LYS A 191 -31.77 29.76 7.04
N ASP A 192 -32.13 30.16 5.86
CA ASP A 192 -33.56 30.36 5.53
C ASP A 192 -34.31 29.02 5.29
N GLY A 193 -33.58 27.94 5.24
CA GLY A 193 -34.25 26.62 5.07
C GLY A 193 -34.46 26.21 3.61
N ARG A 194 -33.84 26.93 2.66
CA ARG A 194 -34.02 26.65 1.29
C ARG A 194 -33.37 25.36 0.77
N PHE A 195 -32.51 24.74 1.55
CA PHE A 195 -32.02 23.39 1.17
C PHE A 195 -32.82 22.27 1.80
N LYS A 196 -33.76 22.56 2.69
CA LYS A 196 -34.47 21.45 3.36
C LYS A 196 -35.22 20.56 2.44
N ASP A 197 -35.89 21.16 1.49
CA ASP A 197 -36.80 20.40 0.62
C ASP A 197 -35.99 19.41 -0.16
N GLU A 198 -34.89 19.86 -0.75
CA GLU A 198 -33.99 18.92 -1.51
C GLU A 198 -33.26 17.87 -0.74
N ILE A 199 -32.78 18.23 0.43
CA ILE A 199 -31.92 17.37 1.19
C ILE A 199 -32.78 16.27 1.82
N VAL A 200 -32.30 15.05 1.67
CA VAL A 200 -32.81 13.96 2.47
C VAL A 200 -31.75 13.68 3.58
N PRO A 201 -32.16 13.60 4.85
CA PRO A 201 -31.11 13.39 5.89
C PRO A 201 -30.48 12.01 5.76
N PHE A 202 -29.21 11.90 6.07
CA PHE A 202 -28.47 10.68 5.96
C PHE A 202 -28.01 10.27 7.33
N ILE A 203 -28.32 9.04 7.73
CA ILE A 203 -27.88 8.62 9.04
C ILE A 203 -26.58 7.88 8.90
N VAL A 204 -25.56 8.43 9.54
CA VAL A 204 -24.24 7.81 9.60
C VAL A 204 -24.17 6.92 10.83
N LYS A 205 -24.11 5.60 10.59
CA LYS A 205 -24.17 4.62 11.65
C LYS A 205 -22.83 4.50 12.29
N GLY A 206 -22.83 4.36 13.61
CA GLY A 206 -21.60 4.27 14.40
C GLY A 206 -21.84 3.55 15.69
N ARG A 207 -20.82 2.81 16.16
CA ARG A 207 -20.90 2.10 17.44
C ARG A 207 -21.21 3.11 18.55
N LYS A 208 -20.50 4.23 18.52
CA LYS A 208 -20.61 5.29 19.52
C LYS A 208 -21.90 6.08 19.36
N GLY A 209 -22.80 5.59 18.50
CA GLY A 209 -24.07 6.26 18.21
C GLY A 209 -24.19 6.59 16.73
N ASP A 210 -25.42 6.91 16.32
CA ASP A 210 -25.72 7.33 14.96
C ASP A 210 -25.75 8.85 14.92
N ILE A 211 -25.39 9.39 13.76
CA ILE A 211 -25.38 10.82 13.53
C ILE A 211 -26.21 11.09 12.32
N THR A 212 -27.17 11.96 12.47
CA THR A 212 -28.02 12.34 11.36
C THR A 212 -27.39 13.59 10.70
N VAL A 213 -27.19 13.49 9.39
CA VAL A 213 -26.53 14.60 8.68
C VAL A 213 -27.51 15.18 7.72
N ASP A 214 -27.84 16.46 7.88
CA ASP A 214 -28.83 17.04 7.01
C ASP A 214 -28.57 18.48 6.66
N ALA A 215 -27.36 18.92 6.91
CA ALA A 215 -26.92 20.23 6.49
C ALA A 215 -25.60 20.08 5.72
N ASP A 216 -25.47 20.91 4.73
CA ASP A 216 -24.31 20.99 3.84
C ASP A 216 -23.17 21.50 4.67
N GLU A 217 -22.16 20.70 4.92
CA GLU A 217 -21.17 21.15 5.90
C GLU A 217 -19.99 21.94 5.38
N TYR A 218 -19.85 22.08 4.08
CA TYR A 218 -18.75 22.77 3.49
C TYR A 218 -18.98 24.31 3.45
N ILE A 219 -20.26 24.73 3.54
CA ILE A 219 -20.57 26.12 3.44
C ILE A 219 -19.86 26.82 4.60
N ARG A 220 -19.14 27.88 4.27
CA ARG A 220 -18.49 28.75 5.26
C ARG A 220 -19.47 29.84 5.72
N HIS A 221 -19.62 29.92 7.04
CA HIS A 221 -20.44 30.92 7.66
C HIS A 221 -19.62 32.16 7.97
N GLY A 222 -20.11 33.30 7.52
CA GLY A 222 -19.48 34.55 7.76
C GLY A 222 -18.16 34.71 7.02
N ALA A 223 -18.11 34.18 5.83
CA ALA A 223 -16.92 34.20 5.00
C ALA A 223 -16.63 35.63 4.65
N THR A 224 -15.38 36.01 4.88
CA THR A 224 -14.94 37.37 4.63
C THR A 224 -14.12 37.45 3.36
N LEU A 225 -14.15 38.62 2.71
CA LEU A 225 -13.32 38.86 1.56
C LEU A 225 -11.83 38.77 1.98
N ASP A 226 -11.49 39.26 3.16
CA ASP A 226 -10.12 39.18 3.66
CA ASP A 226 -10.11 39.18 3.59
C ASP A 226 -9.58 37.77 3.65
N SER A 227 -10.42 36.83 4.10
CA SER A 227 -10.04 35.43 4.21
C SER A 227 -9.68 34.88 2.84
N MET A 228 -10.41 35.27 1.79
CA MET A 228 -10.08 34.98 0.41
C MET A 228 -8.84 35.68 -0.13
N ALA A 229 -8.75 36.98 0.12
CA ALA A 229 -7.58 37.75 -0.27
C ALA A 229 -6.25 37.28 0.34
N LYS A 230 -6.30 36.76 1.56
CA LYS A 230 -5.11 36.29 2.25
C LYS A 230 -4.46 35.06 1.61
N LEU A 231 -5.20 34.34 0.77
CA LEU A 231 -4.77 33.01 0.31
C LEU A 231 -3.70 33.14 -0.74
N ARG A 232 -2.81 32.17 -0.79
CA ARG A 232 -1.84 32.08 -1.88
C ARG A 232 -2.44 31.34 -3.07
N PRO A 233 -2.05 31.78 -4.29
CA PRO A 233 -2.43 31.05 -5.46
C PRO A 233 -1.97 29.61 -5.28
N ALA A 234 -2.82 28.67 -5.64
CA ALA A 234 -2.67 27.25 -5.37
C ALA A 234 -2.01 26.49 -6.52
N PHE A 235 -2.05 27.07 -7.73
CA PHE A 235 -1.65 26.34 -8.97
C PHE A 235 -0.55 27.00 -9.79
N ASP A 236 -0.40 28.31 -9.64
CA ASP A 236 0.73 29.02 -10.21
C ASP A 236 1.16 30.11 -9.24
N LYS A 237 2.46 30.26 -8.99
CA LYS A 237 2.95 31.24 -7.98
C LYS A 237 2.56 32.70 -8.30
N GLU A 238 2.32 32.99 -9.58
CA GLU A 238 1.82 34.30 -10.00
C GLU A 238 0.40 34.14 -10.51
N GLY A 239 -0.29 33.12 -10.02
CA GLY A 239 -1.67 32.85 -10.37
C GLY A 239 -2.68 33.67 -9.60
N THR A 240 -3.95 33.37 -9.87
CA THR A 240 -5.06 33.99 -9.19
C THR A 240 -6.02 32.98 -8.59
N VAL A 241 -5.94 31.72 -8.99
CA VAL A 241 -6.81 30.69 -8.52
C VAL A 241 -6.28 30.17 -7.16
N THR A 242 -7.19 30.07 -6.17
CA THR A 242 -6.80 29.68 -4.80
C THR A 242 -7.78 28.62 -4.28
N ALA A 243 -7.48 28.05 -3.11
CA ALA A 243 -8.33 27.08 -2.49
C ALA A 243 -9.65 27.75 -2.16
N GLY A 244 -9.62 29.09 -2.00
CA GLY A 244 -10.82 29.83 -1.60
C GLY A 244 -11.77 30.12 -2.75
N ASN A 245 -11.21 30.33 -3.97
CA ASN A 245 -12.10 30.60 -5.14
C ASN A 245 -12.24 29.42 -6.08
N ALA A 246 -11.94 28.22 -5.55
CA ALA A 246 -12.22 26.96 -6.16
C ALA A 246 -13.19 26.18 -5.29
N SER A 247 -13.94 25.26 -5.86
CA SER A 247 -14.61 24.27 -5.05
C SER A 247 -13.67 23.31 -4.31
N GLY A 248 -14.25 22.42 -3.53
CA GLY A 248 -13.49 21.56 -2.68
C GLY A 248 -13.63 20.11 -3.17
N LEU A 249 -13.24 19.24 -2.27
CA LEU A 249 -13.30 17.81 -2.42
C LEU A 249 -14.39 17.39 -1.48
N ASN A 250 -15.41 16.69 -1.98
CA ASN A 250 -16.57 16.45 -1.16
C ASN A 250 -17.30 15.15 -1.45
N ASP A 251 -18.22 14.79 -0.56
CA ASP A 251 -18.95 13.48 -0.64
C ASP A 251 -20.46 13.78 -0.80
N GLY A 252 -21.21 12.99 -1.54
CA GLY A 252 -22.62 13.14 -1.55
C GLY A 252 -23.21 12.28 -2.62
N ALA A 253 -24.55 12.31 -2.70
CA ALA A 253 -25.32 11.69 -3.76
C ALA A 253 -26.56 12.54 -4.03
N ALA A 254 -27.08 12.36 -5.20
CA ALA A 254 -28.27 13.07 -5.69
C ALA A 254 -28.90 12.34 -6.79
N ALA A 255 -30.23 12.40 -6.84
CA ALA A 255 -30.93 11.63 -7.85
C ALA A 255 -32.26 12.26 -8.15
N ALA A 256 -32.85 11.79 -9.26
CA ALA A 256 -34.11 12.21 -9.78
C ALA A 256 -34.85 10.93 -10.16
N LEU A 257 -36.20 10.90 -10.01
CA LEU A 257 -36.96 9.74 -10.48
CA LEU A 257 -36.99 9.75 -10.45
C LEU A 257 -37.62 10.20 -11.72
N LEU A 258 -37.37 9.48 -12.81
CA LEU A 258 -38.07 9.84 -14.07
C LEU A 258 -39.09 8.91 -14.60
N MET A 259 -40.06 9.49 -15.33
CA MET A 259 -41.11 8.77 -15.99
C MET A 259 -41.67 9.65 -17.09
N SER A 260 -42.50 9.09 -17.92
CA SER A 260 -43.18 9.84 -18.94
C SER A 260 -44.19 10.78 -18.29
N GLU A 261 -44.41 11.90 -19.00
CA GLU A 261 -45.41 12.88 -18.59
C GLU A 261 -46.75 12.19 -18.45
N ALA A 262 -47.14 11.29 -19.38
CA ALA A 262 -48.37 10.53 -19.27
C ALA A 262 -48.45 9.68 -18.01
N GLU A 263 -47.37 8.95 -17.75
CA GLU A 263 -47.31 8.09 -16.57
C GLU A 263 -47.54 8.95 -15.28
N ALA A 264 -46.85 10.08 -15.18
CA ALA A 264 -47.08 10.97 -14.04
C ALA A 264 -48.53 11.38 -13.93
N SER A 265 -49.16 11.71 -15.04
CA SER A 265 -50.54 12.09 -15.01
CA SER A 265 -50.55 12.10 -15.00
C SER A 265 -51.41 10.92 -14.52
N ARG A 266 -51.16 9.72 -15.03
CA ARG A 266 -51.87 8.53 -14.52
CA ARG A 266 -51.88 8.53 -14.53
C ARG A 266 -51.74 8.37 -13.00
N ARG A 267 -50.55 8.58 -12.47
CA ARG A 267 -50.33 8.38 -11.03
C ARG A 267 -50.82 9.59 -10.19
N GLY A 268 -51.11 10.73 -10.82
CA GLY A 268 -51.57 11.87 -10.07
C GLY A 268 -50.43 12.70 -9.49
N ILE A 269 -49.24 12.61 -10.09
CA ILE A 269 -48.00 13.13 -9.55
C ILE A 269 -47.86 14.52 -10.13
N GLN A 270 -47.51 15.49 -9.30
CA GLN A 270 -47.24 16.83 -9.80
C GLN A 270 -45.77 16.92 -9.98
N PRO A 271 -45.27 16.75 -11.21
CA PRO A 271 -43.81 16.63 -11.30
C PRO A 271 -42.98 17.95 -11.09
N LEU A 272 -41.68 17.82 -10.75
CA LEU A 272 -40.77 18.89 -10.56
C LEU A 272 -40.43 19.62 -11.87
N GLY A 273 -40.60 18.98 -13.01
CA GLY A 273 -40.31 19.64 -14.29
C GLY A 273 -40.31 18.65 -15.43
N ARG A 274 -40.56 19.15 -16.65
CA ARG A 274 -40.37 18.43 -17.86
C ARG A 274 -38.95 18.66 -18.40
N ILE A 275 -38.26 17.60 -18.80
CA ILE A 275 -36.99 17.66 -19.52
C ILE A 275 -37.33 18.15 -20.92
N VAL A 276 -36.90 19.35 -21.22
CA VAL A 276 -37.21 19.92 -22.53
CA VAL A 276 -37.17 19.99 -22.48
C VAL A 276 -36.07 19.67 -23.51
N SER A 277 -34.82 19.64 -23.03
CA SER A 277 -33.70 19.40 -23.90
C SER A 277 -32.50 19.17 -23.04
N TRP A 278 -31.47 18.68 -23.70
CA TRP A 278 -30.19 18.49 -23.08
C TRP A 278 -29.13 18.49 -24.18
N ALA A 279 -27.87 18.63 -23.79
CA ALA A 279 -26.76 18.64 -24.71
C ALA A 279 -25.49 18.41 -24.03
N THR A 280 -24.61 17.82 -24.83
CA THR A 280 -23.22 17.69 -24.37
C THR A 280 -22.28 18.01 -25.53
N VAL A 281 -21.24 18.80 -25.24
CA VAL A 281 -20.32 19.31 -26.29
C VAL A 281 -18.92 19.23 -25.74
N GLY A 282 -17.94 19.15 -26.64
CA GLY A 282 -16.54 19.17 -26.27
C GLY A 282 -15.97 20.56 -26.52
N VAL A 283 -14.93 20.86 -25.75
CA VAL A 283 -14.00 22.07 -25.90
C VAL A 283 -12.53 21.62 -25.66
N ASP A 284 -11.61 22.55 -25.82
CA ASP A 284 -10.21 22.24 -25.53
C ASP A 284 -10.05 21.82 -24.06
N PRO A 285 -9.40 20.69 -23.79
CA PRO A 285 -9.20 20.39 -22.38
C PRO A 285 -8.44 21.46 -21.58
N LYS A 286 -7.63 22.27 -22.24
CA LYS A 286 -6.87 23.30 -21.56
C LYS A 286 -7.75 24.36 -20.88
N VAL A 287 -8.89 24.54 -21.47
CA VAL A 287 -9.89 25.45 -20.97
CA VAL A 287 -9.91 25.47 -21.01
C VAL A 287 -11.24 24.75 -20.77
N MET A 288 -11.22 23.59 -20.11
CA MET A 288 -12.41 22.77 -19.88
C MET A 288 -13.56 23.51 -19.16
N GLY A 289 -13.20 24.52 -18.36
CA GLY A 289 -14.20 25.38 -17.63
C GLY A 289 -15.17 26.09 -18.55
N THR A 290 -14.79 26.18 -19.81
CA THR A 290 -15.65 26.78 -20.83
C THR A 290 -16.72 25.90 -21.37
N GLY A 291 -16.74 24.61 -21.03
CA GLY A 291 -17.71 23.67 -21.58
C GLY A 291 -19.12 24.14 -21.52
N PRO A 292 -19.54 24.76 -20.38
CA PRO A 292 -20.90 25.21 -20.32
C PRO A 292 -21.36 26.14 -21.37
N ILE A 293 -20.45 26.89 -21.95
CA ILE A 293 -20.82 27.83 -22.97
C ILE A 293 -21.48 27.14 -24.17
N PRO A 294 -20.73 26.30 -24.93
CA PRO A 294 -21.41 25.62 -26.02
C PRO A 294 -22.52 24.65 -25.67
N ALA A 295 -22.40 24.02 -24.49
CA ALA A 295 -23.39 23.05 -24.00
C ALA A 295 -24.75 23.71 -23.73
N SER A 296 -24.71 24.88 -23.08
CA SER A 296 -25.89 25.68 -22.80
C SER A 296 -26.49 26.23 -24.06
N ARG A 297 -25.68 26.82 -24.94
CA ARG A 297 -26.20 27.31 -26.18
C ARG A 297 -26.87 26.19 -26.92
N LYS A 298 -26.29 24.98 -26.95
CA LYS A 298 -26.86 23.88 -27.77
C LYS A 298 -28.21 23.39 -27.16
N ALA A 299 -28.24 23.29 -25.86
CA ALA A 299 -29.44 22.91 -25.12
C ALA A 299 -30.52 23.90 -25.36
N LEU A 300 -30.20 25.18 -25.29
CA LEU A 300 -31.20 26.22 -25.54
C LEU A 300 -31.68 26.13 -26.97
N GLU A 301 -30.77 25.90 -27.92
CA GLU A 301 -31.24 25.77 -29.29
C GLU A 301 -32.22 24.63 -29.44
N ARG A 302 -31.87 23.50 -28.83
CA ARG A 302 -32.68 22.31 -28.94
CA ARG A 302 -32.69 22.30 -28.95
C ARG A 302 -34.04 22.48 -28.29
N ALA A 303 -34.15 23.36 -27.30
CA ALA A 303 -35.39 23.65 -26.57
C ALA A 303 -36.25 24.68 -27.29
N GLY A 304 -35.58 25.40 -28.18
CA GLY A 304 -36.17 26.53 -28.87
C GLY A 304 -36.29 27.80 -28.00
N TRP A 305 -35.36 27.98 -27.10
CA TRP A 305 -35.39 29.01 -26.13
C TRP A 305 -34.24 29.98 -26.36
N LYS A 306 -34.49 31.26 -26.06
CA LYS A 306 -33.45 32.30 -26.00
C LYS A 306 -32.88 32.26 -24.58
N ILE A 307 -31.63 32.68 -24.43
CA ILE A 307 -31.03 32.85 -23.10
C ILE A 307 -31.97 33.70 -22.20
N GLY A 308 -32.48 34.80 -22.75
CA GLY A 308 -33.49 35.63 -22.10
C GLY A 308 -34.73 34.98 -21.55
N ASP A 309 -35.07 33.83 -22.11
CA ASP A 309 -36.25 33.06 -21.72
C ASP A 309 -36.10 32.41 -20.34
N LEU A 310 -34.85 32.15 -19.91
CA LEU A 310 -34.53 31.46 -18.67
C LEU A 310 -34.97 32.32 -17.50
N ASP A 311 -35.61 31.67 -16.54
CA ASP A 311 -36.04 32.27 -15.26
C ASP A 311 -35.02 31.95 -14.13
N LEU A 312 -34.32 30.80 -14.23
CA LEU A 312 -33.38 30.35 -13.21
CA LEU A 312 -33.37 30.35 -13.22
C LEU A 312 -32.33 29.52 -13.94
N VAL A 313 -31.11 29.59 -13.43
CA VAL A 313 -29.91 28.90 -13.92
C VAL A 313 -29.11 28.37 -12.76
N GLU A 314 -28.68 27.13 -12.87
CA GLU A 314 -27.66 26.55 -12.01
C GLU A 314 -26.51 26.23 -12.91
N ALA A 315 -25.47 27.04 -12.78
CA ALA A 315 -24.24 26.88 -13.61
C ALA A 315 -23.16 26.48 -12.63
N ASN A 316 -22.73 25.25 -12.71
CA ASN A 316 -21.78 24.72 -11.71
C ASN A 316 -20.46 25.56 -11.51
N GLU A 317 -20.07 25.82 -10.23
CA GLU A 317 -18.91 26.66 -9.89
C GLU A 317 -17.75 25.76 -9.51
N ALA A 318 -17.14 25.12 -10.50
CA ALA A 318 -15.87 24.46 -10.28
C ALA A 318 -14.80 25.44 -9.72
N PHE A 319 -14.68 26.58 -10.37
CA PHE A 319 -13.77 27.61 -9.98
C PHE A 319 -14.41 28.91 -10.29
N ALA A 320 -14.15 29.93 -9.48
CA ALA A 320 -14.66 31.28 -9.76
C ALA A 320 -14.33 31.73 -11.20
N ALA A 321 -13.12 31.46 -11.60
CA ALA A 321 -12.61 31.87 -12.92
C ALA A 321 -13.56 31.35 -13.98
N GLN A 322 -13.84 30.08 -13.93
CA GLN A 322 -14.61 29.58 -15.05
C GLN A 322 -16.03 30.02 -14.97
N ALA A 323 -16.58 30.10 -13.74
CA ALA A 323 -17.97 30.44 -13.53
C ALA A 323 -18.18 31.87 -14.07
N CYS A 324 -17.20 32.72 -13.87
CA CYS A 324 -17.25 34.10 -14.32
C CYS A 324 -17.16 34.20 -15.83
N ALA A 325 -16.27 33.44 -16.45
CA ALA A 325 -16.18 33.38 -17.90
C ALA A 325 -17.52 32.93 -18.50
N VAL A 326 -18.15 31.87 -17.94
CA VAL A 326 -19.41 31.33 -18.46
C VAL A 326 -20.42 32.45 -18.43
N ASN A 327 -20.49 33.14 -17.29
CA ASN A 327 -21.53 34.16 -17.12
C ASN A 327 -21.31 35.33 -18.06
N LYS A 328 -20.07 35.67 -18.26
CA LYS A 328 -19.67 36.75 -19.18
C LYS A 328 -20.07 36.42 -20.59
N ASP A 329 -19.74 35.21 -21.04
CA ASP A 329 -20.08 34.82 -22.40
C ASP A 329 -21.58 34.72 -22.64
N LEU A 330 -22.26 33.97 -21.80
CA LEU A 330 -23.68 33.72 -22.00
C LEU A 330 -24.50 34.99 -21.80
N GLY A 331 -24.10 35.84 -20.87
CA GLY A 331 -24.74 37.16 -20.74
C GLY A 331 -26.03 37.13 -19.97
N TRP A 332 -26.39 35.98 -19.42
CA TRP A 332 -27.61 35.86 -18.63
C TRP A 332 -27.48 36.67 -17.34
N ASP A 333 -28.61 37.11 -16.82
CA ASP A 333 -28.62 38.04 -15.68
C ASP A 333 -28.04 37.32 -14.53
N PRO A 334 -26.95 37.82 -13.98
CA PRO A 334 -26.27 37.12 -12.89
C PRO A 334 -27.23 36.84 -11.70
N SER A 335 -28.26 37.65 -11.50
CA SER A 335 -29.20 37.57 -10.36
C SER A 335 -30.05 36.32 -10.39
N ILE A 336 -30.14 35.63 -11.57
CA ILE A 336 -30.84 34.39 -11.69
C ILE A 336 -29.98 33.14 -11.66
N VAL A 337 -28.68 33.33 -11.44
CA VAL A 337 -27.73 32.25 -11.53
C VAL A 337 -27.28 31.87 -10.14
N ASN A 338 -27.39 30.59 -9.80
CA ASN A 338 -26.88 30.08 -8.50
C ASN A 338 -27.44 30.92 -7.34
N VAL A 339 -28.74 31.12 -7.35
CA VAL A 339 -29.37 32.09 -6.42
C VAL A 339 -29.18 31.60 -4.96
N ASN A 340 -28.98 30.29 -4.73
CA ASN A 340 -28.76 29.77 -3.39
C ASN A 340 -27.29 29.45 -3.13
N GLY A 341 -26.44 30.03 -3.96
CA GLY A 341 -25.04 29.72 -3.92
C GLY A 341 -24.67 28.56 -4.80
N GLY A 342 -23.40 28.30 -4.90
CA GLY A 342 -22.93 27.25 -5.78
C GLY A 342 -21.83 26.42 -5.12
N ALA A 343 -21.15 25.63 -5.95
CA ALA A 343 -20.10 24.70 -5.47
C ALA A 343 -18.97 25.22 -4.68
N ILE A 344 -18.61 26.45 -4.94
CA ILE A 344 -17.53 27.00 -4.18
C ILE A 344 -17.89 26.91 -2.68
N ALA A 345 -19.15 27.21 -2.33
CA ALA A 345 -19.63 27.07 -0.95
C ALA A 345 -20.15 25.69 -0.62
N ILE A 346 -20.94 25.11 -1.50
CA ILE A 346 -21.61 23.86 -1.17
CA ILE A 346 -21.62 23.84 -1.22
C ILE A 346 -20.71 22.62 -1.37
N GLY A 347 -19.83 22.65 -2.33
CA GLY A 347 -18.91 21.53 -2.51
C GLY A 347 -19.11 20.85 -3.83
N HIS A 348 -18.16 19.96 -4.19
CA HIS A 348 -18.14 19.35 -5.53
CA HIS A 348 -18.12 19.34 -5.52
C HIS A 348 -17.89 17.85 -5.50
N PRO A 349 -18.90 17.07 -5.12
CA PRO A 349 -18.82 15.62 -5.07
C PRO A 349 -18.90 15.11 -6.49
N ILE A 350 -17.72 14.97 -7.12
CA ILE A 350 -17.64 14.91 -8.61
C ILE A 350 -18.81 14.25 -9.33
N GLY A 351 -19.01 12.92 -9.19
CA GLY A 351 -20.04 12.26 -9.97
C GLY A 351 -21.46 12.57 -9.58
N ALA A 352 -21.65 13.19 -8.41
CA ALA A 352 -23.04 13.54 -7.97
C ALA A 352 -23.35 14.99 -8.35
N SER A 353 -22.30 15.78 -8.65
CA SER A 353 -22.47 17.23 -8.68
CA SER A 353 -22.32 17.20 -8.84
C SER A 353 -23.52 17.65 -9.71
N GLY A 354 -23.59 17.00 -10.84
CA GLY A 354 -24.64 17.38 -11.80
C GLY A 354 -26.11 17.22 -11.40
N ALA A 355 -26.34 16.11 -10.68
CA ALA A 355 -27.57 15.82 -10.04
C ALA A 355 -27.81 16.71 -8.83
N ARG A 356 -26.76 17.02 -8.09
CA ARG A 356 -26.92 18.02 -7.03
C ARG A 356 -27.41 19.33 -7.51
N ILE A 357 -26.80 19.90 -8.51
CA ILE A 357 -27.21 21.23 -8.93
C ILE A 357 -28.60 21.13 -9.58
N LEU A 358 -28.88 20.00 -10.20
CA LEU A 358 -30.20 19.78 -10.73
C LEU A 358 -31.24 19.82 -9.60
N ASN A 359 -30.98 19.19 -8.50
CA ASN A 359 -31.82 19.20 -7.31
C ASN A 359 -32.02 20.62 -6.91
N THR A 360 -30.95 21.36 -6.77
CA THR A 360 -31.11 22.74 -6.33
C THR A 360 -31.97 23.58 -7.31
N LEU A 361 -31.73 23.45 -8.61
CA LEU A 361 -32.59 24.07 -9.62
C LEU A 361 -34.12 23.74 -9.48
N LEU A 362 -34.49 22.44 -9.43
CA LEU A 362 -35.81 21.99 -9.42
C LEU A 362 -36.51 22.53 -8.19
N PHE A 363 -35.85 22.52 -7.03
CA PHE A 363 -36.52 22.92 -5.79
C PHE A 363 -36.67 24.43 -5.75
N GLU A 364 -35.75 25.14 -6.34
CA GLU A 364 -35.90 26.58 -6.37
C GLU A 364 -36.96 26.98 -7.43
N MET A 365 -36.95 26.36 -8.59
CA MET A 365 -38.02 26.63 -9.57
C MET A 365 -39.40 26.44 -8.92
N LYS A 366 -39.61 25.35 -8.22
CA LYS A 366 -40.88 25.13 -7.53
C LYS A 366 -41.12 26.21 -6.50
N ARG A 367 -40.13 26.50 -5.68
CA ARG A 367 -40.24 27.50 -4.61
C ARG A 367 -40.73 28.87 -5.15
N ARG A 368 -40.14 29.33 -6.25
CA ARG A 368 -40.38 30.71 -6.71
C ARG A 368 -41.32 30.76 -7.90
N GLY A 369 -41.69 29.59 -8.34
CA GLY A 369 -42.68 29.47 -9.45
C GLY A 369 -42.00 29.86 -10.77
N ALA A 370 -40.72 29.48 -10.93
CA ALA A 370 -39.90 29.80 -12.17
C ALA A 370 -40.37 28.81 -13.22
N ARG A 371 -40.69 29.28 -14.41
CA ARG A 371 -41.15 28.39 -15.49
C ARG A 371 -40.02 27.64 -16.23
N LYS A 372 -38.92 28.31 -16.51
CA LYS A 372 -37.89 27.77 -17.39
CA LYS A 372 -37.89 27.76 -17.38
C LYS A 372 -36.58 27.85 -16.66
N GLY A 373 -35.85 26.73 -16.63
CA GLY A 373 -34.59 26.56 -15.92
C GLY A 373 -33.61 25.84 -16.78
N LEU A 374 -32.38 26.10 -16.44
CA LEU A 374 -31.22 25.44 -17.04
C LEU A 374 -30.18 25.06 -15.99
N ALA A 375 -29.66 23.84 -16.09
CA ALA A 375 -28.56 23.40 -15.28
C ALA A 375 -27.38 23.05 -16.25
N THR A 376 -26.16 23.45 -15.89
CA THR A 376 -24.96 23.22 -16.73
C THR A 376 -23.72 23.02 -15.91
N LEU A 377 -22.83 22.12 -16.35
CA LEU A 377 -21.52 22.00 -15.73
C LEU A 377 -20.44 21.86 -16.79
N CYS A 378 -19.26 22.24 -16.35
CA CYS A 378 -18.05 21.99 -17.10
C CYS A 378 -17.56 20.65 -16.70
N ILE A 379 -16.68 20.07 -17.52
CA ILE A 379 -16.23 18.67 -17.42
C ILE A 379 -14.75 18.53 -17.74
N GLY A 380 -13.98 17.99 -16.84
CA GLY A 380 -12.57 17.68 -17.07
C GLY A 380 -12.31 16.91 -18.36
N GLY A 381 -11.30 17.31 -19.10
CA GLY A 381 -11.02 16.72 -20.42
C GLY A 381 -11.71 17.50 -21.52
N GLY A 382 -12.34 18.60 -21.14
CA GLY A 382 -12.96 19.50 -22.10
C GLY A 382 -14.31 19.16 -22.62
N MET A 383 -15.31 19.23 -21.75
CA MET A 383 -16.66 19.06 -22.20
C MET A 383 -17.58 19.87 -21.35
N GLY A 384 -18.78 20.02 -21.85
CA GLY A 384 -19.85 20.57 -21.08
C GLY A 384 -21.08 19.77 -21.20
N VAL A 385 -21.96 19.86 -20.23
CA VAL A 385 -23.33 19.23 -20.35
C VAL A 385 -24.31 20.24 -19.83
N ALA A 386 -25.46 20.33 -20.47
CA ALA A 386 -26.51 21.22 -19.96
C ALA A 386 -27.90 20.58 -20.23
N MET A 387 -28.85 21.04 -19.42
CA MET A 387 -30.20 20.50 -19.46
C MET A 387 -31.20 21.57 -19.23
N CYS A 388 -32.24 21.64 -20.04
CA CYS A 388 -33.31 22.56 -19.89
C CYS A 388 -34.53 21.89 -19.31
N ILE A 389 -35.12 22.59 -18.34
CA ILE A 389 -36.26 22.06 -17.57
C ILE A 389 -37.36 23.09 -17.60
N GLU A 390 -38.59 22.69 -17.87
CA GLU A 390 -39.71 23.53 -17.71
C GLU A 390 -40.63 23.01 -16.66
N SER A 391 -41.12 23.93 -15.85
CA SER A 391 -42.20 23.62 -14.88
C SER A 391 -43.49 23.13 -15.61
N LEU A 392 -44.25 22.22 -14.98
CA LEU A 392 -45.48 21.67 -15.64
C LEU A 392 -46.80 22.45 -15.49
N SER B 1 -41.02 8.24 -37.70
CA SER B 1 -41.15 6.75 -37.73
C SER B 1 -40.15 6.14 -36.77
N THR B 2 -40.33 4.86 -36.44
CA THR B 2 -39.39 4.14 -35.53
C THR B 2 -37.96 4.18 -36.09
N PRO B 3 -37.01 4.80 -35.37
CA PRO B 3 -35.64 4.89 -35.88
C PRO B 3 -34.98 3.53 -36.21
N SER B 4 -34.05 3.53 -37.14
CA SER B 4 -33.36 2.30 -37.52
C SER B 4 -31.88 2.59 -37.49
N ILE B 5 -31.17 1.93 -36.58
CA ILE B 5 -29.77 2.19 -36.37
CA ILE B 5 -29.79 2.18 -36.39
C ILE B 5 -29.00 0.95 -36.86
N VAL B 6 -27.93 1.20 -37.60
CA VAL B 6 -27.07 0.15 -38.12
C VAL B 6 -25.72 0.20 -37.47
N ILE B 7 -25.07 -0.95 -37.49
CA ILE B 7 -23.66 -1.05 -37.19
C ILE B 7 -22.91 -1.00 -38.52
N ALA B 8 -22.23 0.09 -38.79
CA ALA B 8 -21.60 0.29 -40.06
C ALA B 8 -20.31 -0.47 -40.20
N SER B 9 -19.64 -0.66 -39.09
CA SER B 9 -18.30 -1.32 -39.05
C SER B 9 -18.02 -1.70 -37.60
N ALA B 10 -17.09 -2.62 -37.41
CA ALA B 10 -16.68 -3.13 -36.12
C ALA B 10 -15.24 -3.57 -36.19
N ALA B 11 -14.60 -3.62 -35.03
CA ALA B 11 -13.23 -4.15 -34.86
C ALA B 11 -12.97 -4.46 -33.44
N ARG B 12 -12.01 -5.40 -33.24
CA ARG B 12 -11.51 -5.73 -31.91
C ARG B 12 -10.08 -5.95 -31.99
N THR B 13 -9.47 -5.76 -30.85
CA THR B 13 -8.08 -6.25 -30.67
C THR B 13 -8.12 -7.74 -30.50
N ALA B 14 -6.99 -8.41 -30.75
CA ALA B 14 -6.76 -9.77 -30.19
C ALA B 14 -6.96 -9.64 -28.68
N VAL B 15 -7.43 -10.72 -28.10
CA VAL B 15 -7.53 -10.75 -26.67
C VAL B 15 -6.22 -11.29 -26.06
N GLY B 16 -5.62 -10.52 -25.15
CA GLY B 16 -4.41 -10.84 -24.49
C GLY B 16 -4.66 -11.71 -23.30
N SER B 17 -3.73 -12.58 -23.03
CA SER B 17 -3.61 -13.35 -21.79
C SER B 17 -3.19 -12.47 -20.64
N PHE B 18 -3.67 -12.84 -19.48
CA PHE B 18 -3.32 -12.08 -18.23
C PHE B 18 -1.84 -11.91 -18.07
N ASN B 19 -1.42 -10.66 -17.92
CA ASN B 19 0.02 -10.38 -17.83
C ASN B 19 0.82 -10.90 -19.04
N GLY B 20 0.17 -10.95 -20.22
CA GLY B 20 0.71 -11.48 -21.52
C GLY B 20 1.01 -10.31 -22.47
N ALA B 21 0.44 -10.33 -23.66
CA ALA B 21 0.90 -9.43 -24.71
C ALA B 21 0.69 -7.98 -24.35
N PHE B 22 -0.42 -7.75 -23.68
CA PHE B 22 -0.78 -6.43 -23.28
C PHE B 22 -0.56 -6.11 -21.82
N ALA B 23 0.38 -6.85 -21.18
CA ALA B 23 0.62 -6.72 -19.72
C ALA B 23 0.75 -5.28 -19.24
N ASN B 24 1.36 -4.45 -20.05
CA ASN B 24 1.61 -3.07 -19.69
C ASN B 24 1.04 -2.04 -20.60
N THR B 25 -0.04 -2.38 -21.26
CA THR B 25 -0.71 -1.56 -22.22
C THR B 25 -1.98 -1.06 -21.55
N PRO B 26 -2.07 0.25 -21.30
CA PRO B 26 -3.29 0.79 -20.76
C PRO B 26 -4.48 0.57 -21.64
N ALA B 27 -5.61 0.28 -21.05
CA ALA B 27 -6.81 0.05 -21.80
C ALA B 27 -7.17 1.03 -22.96
N HIS B 28 -7.12 2.35 -22.68
CA HIS B 28 -7.41 3.38 -23.71
C HIS B 28 -6.50 3.32 -24.94
N GLU B 29 -5.33 2.73 -24.84
CA GLU B 29 -4.49 2.48 -26.01
C GLU B 29 -5.06 1.40 -26.91
N LEU B 30 -5.57 0.33 -26.31
CA LEU B 30 -6.28 -0.66 -27.06
C LEU B 30 -7.46 -0.02 -27.66
N GLY B 31 -8.13 0.79 -26.85
CA GLY B 31 -9.37 1.38 -27.34
C GLY B 31 -9.12 2.31 -28.56
N ALA B 32 -8.09 3.12 -28.47
CA ALA B 32 -7.73 4.05 -29.56
C ALA B 32 -7.54 3.28 -30.85
N THR B 33 -6.89 2.13 -30.81
CA THR B 33 -6.64 1.37 -32.01
C THR B 33 -7.90 0.89 -32.58
N VAL B 34 -8.81 0.45 -31.72
CA VAL B 34 -10.07 -0.04 -32.20
CA VAL B 34 -10.07 -0.05 -32.19
C VAL B 34 -10.94 1.05 -32.77
N ILE B 35 -10.89 2.26 -32.17
CA ILE B 35 -11.70 3.40 -32.70
C ILE B 35 -11.18 3.77 -34.09
N SER B 36 -9.86 3.86 -34.25
CA SER B 36 -9.23 4.11 -35.54
C SER B 36 -9.69 3.09 -36.57
N ALA B 37 -9.75 1.83 -36.16
CA ALA B 37 -10.14 0.74 -37.02
C ALA B 37 -11.58 0.85 -37.50
N VAL B 38 -12.54 1.15 -36.61
CA VAL B 38 -13.90 1.15 -37.05
C VAL B 38 -14.18 2.25 -38.04
N LEU B 39 -13.51 3.38 -37.85
CA LEU B 39 -13.60 4.57 -38.71
C LEU B 39 -13.04 4.20 -40.10
N GLU B 40 -11.82 3.70 -40.10
CA GLU B 40 -11.16 3.20 -41.35
C GLU B 40 -12.05 2.21 -42.07
N ARG B 41 -12.58 1.24 -41.33
CA ARG B 41 -13.30 0.16 -41.97
C ARG B 41 -14.60 0.68 -42.54
N ALA B 42 -15.15 1.76 -41.99
CA ALA B 42 -16.43 2.34 -42.45
C ALA B 42 -16.22 3.46 -43.50
N GLY B 43 -14.99 3.89 -43.64
CA GLY B 43 -14.72 5.03 -44.47
C GLY B 43 -15.20 6.35 -43.85
N VAL B 44 -15.25 6.43 -42.51
CA VAL B 44 -15.77 7.57 -41.78
C VAL B 44 -14.57 8.20 -41.08
N ALA B 45 -14.41 9.53 -41.24
CA ALA B 45 -13.30 10.26 -40.61
C ALA B 45 -13.58 10.53 -39.18
N ALA B 46 -12.52 10.56 -38.39
CA ALA B 46 -12.65 10.79 -36.99
C ALA B 46 -13.34 12.10 -36.70
N GLY B 47 -13.15 13.07 -37.61
CA GLY B 47 -13.81 14.35 -37.47
C GLY B 47 -15.32 14.35 -37.45
N GLU B 48 -15.87 13.21 -37.90
CA GLU B 48 -17.31 13.05 -37.99
C GLU B 48 -17.95 12.39 -36.75
N VAL B 49 -17.12 11.90 -35.83
CA VAL B 49 -17.65 11.19 -34.68
C VAL B 49 -18.28 12.22 -33.78
N ASN B 50 -19.46 11.93 -33.24
CA ASN B 50 -20.05 12.78 -32.24
C ASN B 50 -19.71 12.40 -30.79
N GLU B 51 -19.80 11.10 -30.51
CA GLU B 51 -19.48 10.67 -29.17
C GLU B 51 -18.82 9.32 -29.20
N VAL B 52 -17.92 9.02 -28.24
CA VAL B 52 -17.39 7.70 -28.00
C VAL B 52 -17.86 7.18 -26.63
N ILE B 53 -18.34 5.94 -26.59
CA ILE B 53 -18.92 5.42 -25.38
C ILE B 53 -18.31 4.10 -25.15
N LEU B 54 -17.52 3.99 -24.09
CA LEU B 54 -16.76 2.79 -23.87
C LEU B 54 -17.03 2.12 -22.51
N GLY B 55 -17.49 0.89 -22.48
CA GLY B 55 -17.60 0.21 -21.22
C GLY B 55 -16.24 -0.10 -20.68
N GLN B 56 -16.12 -0.03 -19.38
CA GLN B 56 -14.83 -0.24 -18.72
C GLN B 56 -15.08 -0.42 -17.25
N VAL B 57 -14.71 -1.58 -16.69
CA VAL B 57 -15.04 -1.87 -15.33
C VAL B 57 -13.91 -1.52 -14.41
N LEU B 58 -12.64 -1.47 -14.88
CA LEU B 58 -11.46 -1.35 -14.04
C LEU B 58 -10.59 -0.18 -14.50
N PRO B 59 -11.10 1.03 -14.41
CA PRO B 59 -10.35 2.21 -14.85
C PRO B 59 -9.38 2.81 -13.79
N ALA B 60 -9.27 2.23 -12.62
CA ALA B 60 -8.42 2.82 -11.56
C ALA B 60 -6.95 3.05 -11.90
N GLY B 61 -6.54 4.27 -11.72
CA GLY B 61 -5.16 4.65 -11.97
C GLY B 61 -4.87 5.05 -13.41
N GLU B 62 -5.84 4.86 -14.30
CA GLU B 62 -5.65 5.24 -15.69
C GLU B 62 -5.80 6.73 -15.97
N GLY B 63 -6.34 7.46 -15.02
CA GLY B 63 -6.55 8.87 -15.18
C GLY B 63 -7.95 9.19 -15.71
N GLN B 64 -8.17 10.48 -15.87
CA GLN B 64 -9.45 11.05 -16.13
C GLN B 64 -10.03 10.46 -17.36
N ASN B 65 -11.23 9.90 -17.17
CA ASN B 65 -12.18 9.40 -18.25
C ASN B 65 -11.46 8.75 -19.44
N PRO B 66 -10.94 7.54 -19.21
CA PRO B 66 -10.12 6.85 -20.23
C PRO B 66 -10.81 6.75 -21.59
N ALA B 67 -12.14 6.79 -21.67
CA ALA B 67 -12.84 6.86 -22.94
C ALA B 67 -12.39 8.08 -23.75
N ARG B 68 -12.34 9.18 -23.08
CA ARG B 68 -11.95 10.47 -23.73
C ARG B 68 -10.50 10.32 -24.16
N GLN B 69 -9.65 9.68 -23.34
CA GLN B 69 -8.28 9.50 -23.69
C GLN B 69 -8.16 8.66 -24.97
N ALA B 70 -8.96 7.60 -25.07
CA ALA B 70 -9.01 6.68 -26.23
C ALA B 70 -9.41 7.52 -27.47
N ALA B 71 -10.49 8.26 -27.33
CA ALA B 71 -11.03 9.05 -28.41
C ALA B 71 -10.02 10.06 -28.92
N MET B 72 -9.38 10.82 -28.01
CA MET B 72 -8.43 11.87 -28.38
C MET B 72 -7.23 11.28 -29.08
N LYS B 73 -6.79 10.14 -28.58
CA LYS B 73 -5.60 9.42 -29.17
C LYS B 73 -5.95 9.03 -30.61
N ALA B 74 -7.17 8.61 -30.79
CA ALA B 74 -7.68 8.19 -32.10
C ALA B 74 -7.91 9.36 -33.06
N GLY B 75 -7.70 10.60 -32.62
CA GLY B 75 -7.95 11.78 -33.46
C GLY B 75 -9.38 12.23 -33.51
N VAL B 76 -10.22 11.75 -32.59
CA VAL B 76 -11.54 12.23 -32.50
C VAL B 76 -11.44 13.70 -31.94
N PRO B 77 -12.13 14.61 -32.61
CA PRO B 77 -11.96 16.01 -32.26
C PRO B 77 -12.38 16.34 -30.86
N GLN B 78 -11.70 17.30 -30.29
CA GLN B 78 -12.08 17.78 -28.97
C GLN B 78 -13.54 18.22 -28.84
N GLU B 79 -14.19 18.57 -29.95
CA GLU B 79 -15.57 18.99 -29.94
C GLU B 79 -16.56 17.85 -29.73
N ALA B 80 -16.15 16.62 -30.01
CA ALA B 80 -16.92 15.42 -29.69
C ALA B 80 -16.83 15.21 -28.16
N THR B 81 -17.60 14.24 -27.66
CA THR B 81 -17.61 13.96 -26.27
C THR B 81 -17.34 12.46 -26.17
N ALA B 82 -17.11 11.98 -24.96
CA ALA B 82 -16.79 10.58 -24.71
C ALA B 82 -17.04 10.35 -23.23
N TRP B 83 -17.41 9.10 -22.92
CA TRP B 83 -17.67 8.69 -21.55
C TRP B 83 -17.59 7.23 -21.41
N GLY B 84 -17.45 6.80 -20.16
CA GLY B 84 -17.30 5.41 -19.84
C GLY B 84 -18.54 4.97 -19.06
N MET B 85 -18.75 3.66 -19.07
CA MET B 85 -19.79 3.12 -18.26
C MET B 85 -19.51 1.72 -17.80
N ASN B 86 -20.33 1.27 -16.85
CA ASN B 86 -20.04 0.03 -16.18
C ASN B 86 -21.35 -0.64 -15.87
N GLN B 87 -21.68 -1.67 -16.67
CA GLN B 87 -22.63 -2.67 -16.31
C GLN B 87 -21.84 -4.02 -16.34
N LEU B 88 -20.68 -4.04 -15.69
CA LEU B 88 -19.79 -5.20 -15.51
C LEU B 88 -19.56 -5.94 -16.85
N GLY B 90 -21.58 -6.95 -18.98
CA GLY B 90 -22.45 -6.50 -19.99
C GLY B 90 -22.01 -5.20 -20.64
N SER B 91 -20.98 -4.59 -20.12
CA SER B 91 -20.70 -3.15 -20.40
C SER B 91 -20.52 -2.87 -21.91
N GLY B 92 -19.76 -3.72 -22.59
CA GLY B 92 -19.37 -3.46 -23.98
C GLY B 92 -20.56 -3.57 -24.93
N LEU B 93 -21.49 -4.47 -24.64
CA LEU B 93 -22.69 -4.58 -25.40
C LEU B 93 -23.69 -3.50 -24.99
N ARG B 94 -23.85 -3.19 -23.73
CA ARG B 94 -24.73 -2.09 -23.32
C ARG B 94 -24.28 -0.79 -23.94
N ALA B 95 -22.99 -0.53 -24.04
CA ALA B 95 -22.51 0.67 -24.68
C ALA B 95 -23.04 0.82 -26.07
N VAL B 96 -23.13 -0.30 -26.77
CA VAL B 96 -23.56 -0.27 -28.11
C VAL B 96 -25.08 0.14 -28.16
N ALA B 97 -25.86 -0.42 -27.27
CA ALA B 97 -27.25 -0.07 -27.08
C ALA B 97 -27.40 1.39 -26.67
N LEU B 98 -26.57 1.89 -25.80
CA LEU B 98 -26.65 3.29 -25.40
C LEU B 98 -26.32 4.17 -26.58
N GLY B 99 -25.31 3.81 -27.39
CA GLY B 99 -25.03 4.53 -28.66
C GLY B 99 -26.21 4.64 -29.59
N MET B 100 -26.84 3.48 -29.81
CA MET B 100 -28.04 3.40 -30.62
CA MET B 100 -28.01 3.43 -30.65
C MET B 100 -29.04 4.42 -30.10
N GLN B 101 -29.20 4.50 -28.79
CA GLN B 101 -30.15 5.38 -28.16
C GLN B 101 -29.87 6.87 -28.48
N GLN B 102 -28.63 7.20 -28.51
CA GLN B 102 -28.18 8.60 -28.80
C GLN B 102 -28.66 9.03 -30.19
N ILE B 103 -28.50 8.08 -31.13
CA ILE B 103 -28.96 8.31 -32.49
C ILE B 103 -30.46 8.30 -32.56
N ALA B 104 -31.12 7.36 -31.89
CA ALA B 104 -32.58 7.22 -31.99
C ALA B 104 -33.28 8.45 -31.47
N THR B 105 -32.74 9.04 -30.43
CA THR B 105 -33.33 10.24 -29.85
C THR B 105 -32.92 11.58 -30.55
N GLY B 106 -32.21 11.49 -31.67
CA GLY B 106 -31.64 12.65 -32.36
C GLY B 106 -30.58 13.47 -31.70
N ASP B 107 -29.91 12.95 -30.67
CA ASP B 107 -28.83 13.67 -30.06
C ASP B 107 -27.46 13.50 -30.69
N ALA B 108 -27.26 12.44 -31.48
CA ALA B 108 -26.00 12.27 -32.22
C ALA B 108 -26.30 11.65 -33.54
N SER B 109 -25.35 11.71 -34.47
CA SER B 109 -25.45 10.98 -35.76
CA SER B 109 -25.48 10.97 -35.75
C SER B 109 -24.44 9.84 -35.87
N ILE B 110 -23.25 10.06 -35.33
CA ILE B 110 -22.27 9.02 -35.46
C ILE B 110 -21.64 8.76 -34.13
N ILE B 111 -21.70 7.49 -33.71
CA ILE B 111 -21.18 7.08 -32.41
C ILE B 111 -20.22 5.90 -32.55
N VAL B 112 -19.09 5.89 -31.82
CA VAL B 112 -18.27 4.69 -31.64
C VAL B 112 -18.60 4.19 -30.24
N ALA B 113 -19.00 2.93 -30.15
CA ALA B 113 -19.35 2.32 -28.88
C ALA B 113 -18.78 0.97 -28.75
N GLY B 114 -18.35 0.69 -27.54
CA GLY B 114 -18.03 -0.66 -27.29
C GLY B 114 -17.36 -0.73 -25.91
N GLY B 115 -16.22 -1.37 -25.71
CA GLY B 115 -15.65 -1.44 -24.47
C GLY B 115 -14.19 -1.73 -24.52
N MET B 116 -13.50 -1.54 -23.40
CA MET B 116 -12.07 -1.80 -23.27
C MET B 116 -11.73 -2.22 -21.90
N GLU B 117 -10.70 -3.05 -21.75
CA GLU B 117 -10.27 -3.51 -20.44
C GLU B 117 -8.92 -3.95 -20.44
N SER B 118 -8.17 -3.53 -19.40
CA SER B 118 -6.84 -4.13 -19.08
C SER B 118 -6.94 -4.60 -17.68
N MET B 119 -7.18 -5.91 -17.59
CA MET B 119 -7.17 -6.56 -16.31
C MET B 119 -5.79 -6.61 -15.80
N SER B 120 -4.84 -6.81 -16.68
CA SER B 120 -3.44 -6.84 -16.26
C SER B 120 -2.99 -5.51 -15.59
N MET B 121 -3.46 -4.37 -16.08
CA MET B 121 -3.04 -3.08 -15.55
C MET B 121 -3.85 -2.64 -14.36
N ALA B 122 -4.80 -3.46 -13.95
CA ALA B 122 -5.65 -3.11 -12.79
C ALA B 122 -4.75 -3.08 -11.55
N PRO B 123 -4.78 -2.01 -10.73
CA PRO B 123 -3.90 -1.89 -9.59
C PRO B 123 -4.45 -2.51 -8.33
N HIS B 124 -3.60 -2.52 -7.32
CA HIS B 124 -4.03 -2.83 -6.00
C HIS B 124 -4.26 -1.50 -5.29
N CYS B 125 -5.16 -1.50 -4.29
CA CYS B 125 -5.49 -0.27 -3.61
C CYS B 125 -5.81 -0.39 -2.15
N ALA B 126 -5.74 0.74 -1.48
CA ALA B 126 -6.21 0.79 -0.13
C ALA B 126 -6.57 2.21 0.22
N HIS B 127 -7.64 2.35 0.98
CA HIS B 127 -8.10 3.61 1.49
C HIS B 127 -7.22 3.95 2.68
N LEU B 128 -6.41 5.01 2.57
CA LEU B 128 -5.45 5.38 3.57
C LEU B 128 -5.55 6.79 4.09
N ARG B 129 -6.66 7.48 3.80
CA ARG B 129 -6.86 8.89 4.25
C ARG B 129 -6.90 9.10 5.74
N GLY B 130 -7.54 8.18 6.45
CA GLY B 130 -7.78 8.34 7.88
C GLY B 130 -6.67 7.70 8.67
N GLY B 131 -5.65 7.22 7.96
CA GLY B 131 -4.56 6.50 8.58
C GLY B 131 -4.99 5.12 8.99
N VAL B 132 -4.00 4.27 9.23
CA VAL B 132 -4.22 2.95 9.83
C VAL B 132 -3.45 3.06 11.13
N LYS B 133 -4.15 3.43 12.20
CA LYS B 133 -3.47 3.80 13.44
C LYS B 133 -2.76 2.63 14.06
N MET B 134 -3.31 1.44 13.87
CA MET B 134 -2.59 0.23 14.25
C MET B 134 -3.23 -1.01 13.66
N GLY B 135 -2.39 -2.00 13.38
CA GLY B 135 -2.81 -3.29 12.85
C GLY B 135 -2.64 -3.37 11.35
N ASP B 136 -2.54 -4.59 10.85
CA ASP B 136 -2.38 -4.85 9.43
C ASP B 136 -3.57 -4.39 8.63
N PHE B 137 -3.35 -4.19 7.34
CA PHE B 137 -4.42 -3.84 6.44
C PHE B 137 -4.17 -4.48 5.08
N LYS B 138 -5.24 -4.66 4.33
CA LYS B 138 -5.13 -5.26 3.02
C LYS B 138 -4.91 -4.23 1.91
N MET B 139 -3.98 -4.56 1.02
CA MET B 139 -3.95 -3.97 -0.30
C MET B 139 -4.79 -4.84 -1.20
N ILE B 140 -5.88 -4.26 -1.71
CA ILE B 140 -6.95 -4.97 -2.36
C ILE B 140 -6.64 -5.03 -3.84
N ASP B 141 -6.75 -6.20 -4.42
CA ASP B 141 -6.74 -6.29 -5.88
C ASP B 141 -8.02 -5.79 -6.52
N THR B 142 -7.94 -4.60 -7.12
CA THR B 142 -9.12 -4.04 -7.75
C THR B 142 -9.81 -4.89 -8.81
N MET B 143 -9.04 -5.67 -9.52
CA MET B 143 -9.56 -6.56 -10.47
C MET B 143 -10.51 -7.57 -9.79
N ILE B 144 -10.04 -8.15 -8.69
CA ILE B 144 -10.86 -9.15 -7.98
C ILE B 144 -12.06 -8.46 -7.29
N LYS B 145 -11.80 -7.39 -6.56
CA LYS B 145 -12.82 -6.71 -5.79
C LYS B 145 -13.88 -6.05 -6.67
N ASP B 146 -13.46 -5.28 -7.67
CA ASP B 146 -14.42 -4.53 -8.47
C ASP B 146 -14.88 -5.30 -9.66
N GLY B 147 -14.17 -6.33 -10.09
CA GLY B 147 -14.61 -7.05 -11.29
C GLY B 147 -15.28 -8.42 -11.06
N LEU B 148 -14.82 -9.15 -10.04
CA LEU B 148 -15.05 -10.60 -9.96
C LEU B 148 -15.65 -11.13 -8.66
N THR B 149 -15.77 -10.30 -7.66
CA THR B 149 -16.36 -10.71 -6.40
C THR B 149 -17.80 -10.13 -6.33
N ASP B 150 -18.78 -10.95 -5.94
CA ASP B 150 -20.11 -10.45 -5.71
C ASP B 150 -20.13 -9.57 -4.49
N ALA B 151 -20.77 -8.41 -4.66
CA ALA B 151 -20.85 -7.37 -3.64
C ALA B 151 -21.80 -7.70 -2.49
N PHE B 152 -22.68 -8.68 -2.70
CA PHE B 152 -23.72 -9.01 -1.75
C PHE B 152 -23.39 -10.23 -0.92
N TYR B 153 -22.83 -11.24 -1.55
CA TYR B 153 -22.48 -12.49 -0.87
C TYR B 153 -21.01 -12.60 -0.56
N GLY B 154 -20.19 -11.78 -1.22
CA GLY B 154 -18.76 -11.66 -0.95
C GLY B 154 -17.92 -12.74 -1.61
N TYR B 155 -18.57 -13.66 -2.33
CA TYR B 155 -17.84 -14.68 -3.00
C TYR B 155 -17.60 -14.37 -4.46
N HIS B 156 -16.69 -15.14 -5.06
CA HIS B 156 -16.27 -14.87 -6.42
C HIS B 156 -17.32 -15.35 -7.39
N MET B 157 -17.26 -14.86 -8.62
CA MET B 157 -18.21 -15.24 -9.65
C MET B 157 -18.25 -16.76 -9.85
N GLY B 158 -17.14 -17.44 -9.65
CA GLY B 158 -17.14 -18.88 -9.87
C GLY B 158 -18.02 -19.63 -8.87
N THR B 159 -18.28 -19.03 -7.71
CA THR B 159 -19.21 -19.65 -6.76
C THR B 159 -20.66 -19.54 -7.29
N THR B 160 -20.96 -18.44 -7.94
CA THR B 160 -22.23 -18.30 -8.57
C THR B 160 -22.33 -19.35 -9.64
N ALA B 161 -21.21 -19.67 -10.27
CA ALA B 161 -21.24 -20.68 -11.30
C ALA B 161 -21.52 -22.07 -10.68
N GLU B 162 -20.94 -22.33 -9.53
CA GLU B 162 -21.25 -23.55 -8.77
C GLU B 162 -22.69 -23.64 -8.41
N ASN B 163 -23.24 -22.50 -8.02
CA ASN B 163 -24.67 -22.43 -7.72
C ASN B 163 -25.52 -22.86 -8.90
N VAL B 164 -25.15 -22.45 -10.10
CA VAL B 164 -25.91 -22.79 -11.30
C VAL B 164 -25.66 -24.30 -11.64
N ALA B 165 -24.42 -24.73 -11.48
CA ALA B 165 -24.10 -26.14 -11.69
C ALA B 165 -25.04 -26.98 -10.88
N LYS B 166 -25.23 -26.58 -9.62
CA LYS B 166 -26.06 -27.35 -8.68
C LYS B 166 -27.53 -27.31 -9.06
N GLN B 167 -28.07 -26.13 -9.35
CA GLN B 167 -29.47 -26.01 -9.78
C GLN B 167 -29.81 -26.78 -11.05
N TRP B 168 -28.85 -26.83 -12.00
CA TRP B 168 -29.11 -27.43 -13.29
C TRP B 168 -28.56 -28.86 -13.34
N GLN B 169 -27.96 -29.31 -12.23
CA GLN B 169 -27.37 -30.66 -12.11
CA GLN B 169 -27.32 -30.64 -12.08
C GLN B 169 -26.42 -30.97 -13.26
N LEU B 170 -25.54 -30.01 -13.57
CA LEU B 170 -24.54 -30.08 -14.65
C LEU B 170 -23.29 -30.81 -14.14
N SER B 171 -22.97 -31.97 -14.71
CA SER B 171 -21.81 -32.71 -14.25
C SER B 171 -20.49 -32.01 -14.60
N ARG B 172 -19.44 -32.38 -13.86
CA ARG B 172 -18.08 -32.03 -14.22
C ARG B 172 -17.73 -32.48 -15.64
N ASP B 173 -18.17 -33.67 -16.04
CA ASP B 173 -17.89 -34.15 -17.40
C ASP B 173 -18.58 -33.33 -18.46
N GLU B 174 -19.81 -32.92 -18.16
CA GLU B 174 -20.48 -32.07 -19.11
C GLU B 174 -19.76 -30.74 -19.32
N GLN B 175 -19.41 -30.09 -18.20
CA GLN B 175 -18.73 -28.80 -18.24
C GLN B 175 -17.39 -28.91 -18.90
N ASP B 176 -16.67 -29.97 -18.59
CA ASP B 176 -15.37 -30.21 -19.23
C ASP B 176 -15.45 -30.42 -20.72
N ALA B 177 -16.41 -31.22 -21.16
CA ALA B 177 -16.69 -31.41 -22.60
C ALA B 177 -17.01 -30.05 -23.29
N PHE B 178 -17.86 -29.25 -22.69
CA PHE B 178 -18.16 -27.92 -23.19
C PHE B 178 -16.88 -27.10 -23.35
N ALA B 179 -16.02 -27.09 -22.34
CA ALA B 179 -14.84 -26.29 -22.35
C ALA B 179 -13.81 -26.74 -23.42
N VAL B 180 -13.58 -28.02 -23.56
CA VAL B 180 -12.72 -28.60 -24.63
C VAL B 180 -13.28 -28.24 -25.99
N ALA B 181 -14.60 -28.34 -26.11
CA ALA B 181 -15.26 -27.95 -27.39
C ALA B 181 -15.10 -26.49 -27.68
N SER B 182 -15.05 -25.66 -26.67
CA SER B 182 -14.86 -24.24 -26.89
C SER B 182 -13.44 -24.02 -27.43
N GLN B 183 -12.46 -24.62 -26.76
CA GLN B 183 -11.08 -24.53 -27.17
C GLN B 183 -10.87 -25.04 -28.59
N ASN B 184 -11.37 -26.23 -28.88
CA ASN B 184 -11.22 -26.76 -30.19
C ASN B 184 -11.93 -25.95 -31.30
N LYS B 185 -13.13 -25.39 -31.09
CA LYS B 185 -13.77 -24.53 -32.05
C LYS B 185 -12.95 -23.27 -32.26
N ALA B 186 -12.51 -22.63 -31.18
CA ALA B 186 -11.71 -21.40 -31.31
C ALA B 186 -10.41 -21.65 -32.04
N GLU B 187 -9.72 -22.76 -31.72
CA GLU B 187 -8.42 -23.13 -32.42
C GLU B 187 -8.66 -23.24 -33.90
N ALA B 188 -9.69 -24.01 -34.26
CA ALA B 188 -10.12 -24.21 -35.67
C ALA B 188 -10.45 -22.92 -36.40
N ALA B 189 -11.28 -22.08 -35.78
CA ALA B 189 -11.57 -20.73 -36.30
C ALA B 189 -10.28 -19.90 -36.49
N GLN B 190 -9.39 -19.92 -35.48
CA GLN B 190 -8.17 -19.19 -35.55
C GLN B 190 -7.28 -19.63 -36.72
N LYS B 191 -7.15 -20.94 -36.88
CA LYS B 191 -6.20 -21.54 -37.84
C LYS B 191 -6.80 -21.28 -39.23
N ASP B 192 -8.12 -21.37 -39.37
CA ASP B 192 -8.81 -21.08 -40.66
C ASP B 192 -8.82 -19.61 -41.04
N GLY B 193 -8.45 -18.75 -40.13
CA GLY B 193 -8.47 -17.31 -40.41
C GLY B 193 -9.74 -16.57 -40.08
N ARG B 194 -10.68 -17.21 -39.38
CA ARG B 194 -12.01 -16.61 -39.17
C ARG B 194 -12.02 -15.43 -38.19
N PHE B 195 -10.96 -15.21 -37.46
CA PHE B 195 -10.92 -14.00 -36.64
C PHE B 195 -10.17 -12.88 -37.33
N LYS B 196 -9.61 -13.10 -38.52
CA LYS B 196 -8.84 -12.03 -39.14
C LYS B 196 -9.63 -10.78 -39.40
N ASP B 197 -10.81 -10.97 -39.89
CA ASP B 197 -11.63 -9.85 -40.33
C ASP B 197 -11.90 -9.00 -39.12
N GLU B 198 -12.26 -9.63 -38.00
CA GLU B 198 -12.68 -8.79 -36.84
C GLU B 198 -11.51 -8.16 -36.14
N ILE B 199 -10.36 -8.82 -36.12
CA ILE B 199 -9.22 -8.36 -35.35
C ILE B 199 -8.49 -7.22 -36.09
N VAL B 200 -8.28 -6.11 -35.43
CA VAL B 200 -7.28 -5.14 -35.87
C VAL B 200 -5.96 -5.38 -35.15
N PRO B 201 -4.85 -5.46 -35.88
CA PRO B 201 -3.61 -5.66 -35.17
C PRO B 201 -3.21 -4.50 -34.25
N PHE B 202 -2.62 -4.84 -33.16
CA PHE B 202 -2.15 -3.89 -32.12
C PHE B 202 -0.67 -3.88 -31.97
N ILE B 203 -0.05 -2.71 -32.08
CA ILE B 203 1.37 -2.65 -31.97
C ILE B 203 1.71 -2.28 -30.53
N VAL B 204 2.37 -3.20 -29.86
CA VAL B 204 2.95 -2.96 -28.55
C VAL B 204 4.33 -2.35 -28.72
N LYS B 205 4.40 -1.05 -28.43
CA LYS B 205 5.63 -0.31 -28.53
C LYS B 205 6.53 -0.72 -27.38
N GLY B 206 7.83 -0.77 -27.65
CA GLY B 206 8.83 -0.95 -26.60
C GLY B 206 10.01 0.01 -26.72
N ARG B 207 11.16 -0.50 -26.34
CA ARG B 207 12.48 0.16 -26.54
C ARG B 207 13.34 -0.88 -27.26
N LYS B 208 13.26 -2.10 -26.72
CA LYS B 208 13.77 -3.31 -27.34
C LYS B 208 13.22 -3.63 -28.73
N GLY B 209 12.09 -3.01 -29.09
CA GLY B 209 11.42 -3.23 -30.38
C GLY B 209 9.89 -3.24 -30.26
N ASP B 210 9.22 -3.04 -31.36
CA ASP B 210 7.75 -3.07 -31.38
C ASP B 210 7.32 -4.48 -31.68
N ILE B 211 6.15 -4.88 -31.18
CA ILE B 211 5.63 -6.21 -31.45
C ILE B 211 4.18 -6.02 -31.88
N THR B 212 3.82 -6.64 -32.99
CA THR B 212 2.46 -6.57 -33.49
C THR B 212 1.70 -7.81 -33.00
N VAL B 213 0.60 -7.55 -32.34
CA VAL B 213 -0.28 -8.59 -31.82
C VAL B 213 -1.57 -8.63 -32.63
N ASP B 214 -1.81 -9.78 -33.27
CA ASP B 214 -3.03 -9.94 -34.08
C ASP B 214 -3.61 -11.36 -33.94
N ALA B 215 -3.16 -12.12 -32.94
CA ALA B 215 -3.71 -13.44 -32.63
C ALA B 215 -4.15 -13.44 -31.18
N ASP B 216 -5.28 -14.06 -30.95
CA ASP B 216 -5.81 -14.27 -29.62
C ASP B 216 -4.97 -15.22 -28.90
N GLU B 217 -4.31 -14.74 -27.86
CA GLU B 217 -3.27 -15.55 -27.26
C GLU B 217 -3.68 -16.56 -26.20
N TYR B 218 -4.88 -16.48 -25.75
CA TYR B 218 -5.38 -17.31 -24.66
C TYR B 218 -5.86 -18.67 -25.17
N ILE B 219 -6.21 -18.77 -26.46
CA ILE B 219 -6.71 -20.01 -27.02
C ILE B 219 -5.64 -21.07 -26.85
N ARG B 220 -6.02 -22.20 -26.28
CA ARG B 220 -5.15 -23.33 -26.09
C ARG B 220 -5.24 -24.22 -27.30
N HIS B 221 -4.11 -24.46 -27.91
CA HIS B 221 -4.04 -25.38 -29.02
C HIS B 221 -3.93 -26.80 -28.57
N GLY B 222 -4.71 -27.66 -29.18
CA GLY B 222 -4.63 -29.07 -28.87
C GLY B 222 -5.04 -29.43 -27.46
N ALA B 223 -6.02 -28.71 -26.98
CA ALA B 223 -6.58 -28.89 -25.64
C ALA B 223 -7.20 -30.26 -25.52
N THR B 224 -6.81 -30.94 -24.45
CA THR B 224 -7.23 -32.32 -24.22
C THR B 224 -8.26 -32.36 -23.11
N LEU B 225 -9.15 -33.32 -23.21
CA LEU B 225 -10.13 -33.59 -22.16
C LEU B 225 -9.36 -33.97 -20.88
N ASP B 226 -8.33 -34.79 -20.97
CA ASP B 226 -7.51 -35.13 -19.81
CA ASP B 226 -7.48 -35.14 -19.81
C ASP B 226 -7.00 -33.87 -19.11
N SER B 227 -6.62 -32.87 -19.89
CA SER B 227 -6.05 -31.66 -19.32
C SER B 227 -7.07 -30.98 -18.41
N MET B 228 -8.34 -31.02 -18.79
CA MET B 228 -9.46 -30.47 -18.03
C MET B 228 -9.85 -31.34 -16.88
N ALA B 229 -9.88 -32.64 -17.13
CA ALA B 229 -10.31 -33.61 -16.13
C ALA B 229 -9.39 -33.63 -14.92
N LYS B 230 -8.10 -33.36 -15.14
CA LYS B 230 -7.07 -33.43 -14.10
C LYS B 230 -7.10 -32.27 -13.10
N LEU B 231 -7.85 -31.22 -13.42
CA LEU B 231 -7.80 -29.98 -12.64
C LEU B 231 -8.62 -30.14 -11.36
N ARG B 232 -8.25 -29.41 -10.32
CA ARG B 232 -8.99 -29.43 -9.08
C ARG B 232 -10.04 -28.37 -9.15
N PRO B 233 -11.21 -28.63 -8.51
CA PRO B 233 -12.21 -27.59 -8.41
C PRO B 233 -11.64 -26.33 -7.73
N ALA B 234 -11.98 -25.17 -8.27
CA ALA B 234 -11.29 -23.91 -7.92
C ALA B 234 -12.04 -23.10 -6.87
N PHE B 235 -13.31 -23.40 -6.69
CA PHE B 235 -14.18 -22.60 -5.79
C PHE B 235 -14.87 -23.36 -4.66
N ASP B 236 -15.06 -24.66 -4.82
CA ASP B 236 -15.68 -25.51 -3.81
C ASP B 236 -14.93 -26.82 -3.86
N LYS B 237 -14.48 -27.33 -2.71
CA LYS B 237 -13.66 -28.53 -2.76
C LYS B 237 -14.42 -29.72 -3.36
N GLU B 238 -15.73 -29.75 -3.20
CA GLU B 238 -16.53 -30.85 -3.75
C GLU B 238 -17.29 -30.34 -4.95
N GLY B 239 -16.76 -29.31 -5.58
CA GLY B 239 -17.42 -28.65 -6.72
C GLY B 239 -16.98 -29.18 -8.08
N THR B 240 -17.48 -28.49 -9.11
CA THR B 240 -17.26 -28.87 -10.52
C THR B 240 -16.62 -27.80 -11.42
N VAL B 241 -16.63 -26.55 -10.98
CA VAL B 241 -16.05 -25.42 -11.66
C VAL B 241 -14.56 -25.33 -11.43
N THR B 242 -13.79 -25.22 -12.53
CA THR B 242 -12.31 -25.25 -12.52
C THR B 242 -11.76 -24.08 -13.34
N ALA B 243 -10.43 -23.89 -13.25
CA ALA B 243 -9.79 -22.91 -14.08
C ALA B 243 -9.98 -23.29 -15.56
N GLY B 244 -10.13 -24.58 -15.86
CA GLY B 244 -10.28 -25.03 -17.25
C GLY B 244 -11.65 -24.84 -17.85
N ASN B 245 -12.70 -24.90 -17.02
CA ASN B 245 -14.08 -24.70 -17.53
C ASN B 245 -14.73 -23.36 -17.21
N ALA B 246 -13.87 -22.38 -16.86
CA ALA B 246 -14.17 -20.98 -16.63
C ALA B 246 -13.35 -20.18 -17.63
N SER B 247 -13.82 -19.00 -17.96
CA SER B 247 -13.00 -18.09 -18.71
C SER B 247 -11.82 -17.57 -17.91
N GLY B 248 -11.04 -16.65 -18.49
CA GLY B 248 -9.78 -16.28 -17.85
C GLY B 248 -9.86 -14.78 -17.53
N LEU B 249 -8.68 -14.28 -17.16
CA LEU B 249 -8.46 -12.85 -16.92
C LEU B 249 -7.72 -12.35 -18.12
N ASN B 250 -8.26 -11.36 -18.81
CA ASN B 250 -7.75 -10.97 -20.13
C ASN B 250 -7.84 -9.48 -20.43
N ASP B 251 -7.08 -9.06 -21.45
CA ASP B 251 -7.05 -7.64 -21.91
C ASP B 251 -7.52 -7.53 -23.34
N GLY B 252 -8.15 -6.42 -23.67
CA GLY B 252 -8.68 -6.25 -25.01
C GLY B 252 -9.65 -5.09 -25.15
N ALA B 253 -9.93 -4.70 -26.37
CA ALA B 253 -10.94 -3.71 -26.60
C ALA B 253 -11.69 -4.12 -27.82
N ALA B 254 -12.87 -3.55 -27.99
CA ALA B 254 -13.74 -3.87 -29.13
C ALA B 254 -14.76 -2.84 -29.33
N ALA B 255 -15.16 -2.55 -30.57
CA ALA B 255 -16.08 -1.42 -30.81
C ALA B 255 -16.82 -1.61 -32.07
N ALA B 256 -17.87 -0.81 -32.21
CA ALA B 256 -18.74 -0.72 -33.36
C ALA B 256 -18.95 0.76 -33.69
N LEU B 257 -19.12 1.07 -34.96
CA LEU B 257 -19.39 2.43 -35.38
C LEU B 257 -20.83 2.39 -35.76
N LEU B 258 -21.63 3.22 -35.07
CA LEU B 258 -23.04 3.36 -35.34
C LEU B 258 -23.54 4.57 -36.05
N MET B 259 -24.61 4.40 -36.80
CA MET B 259 -25.22 5.49 -37.43
C MET B 259 -26.60 5.04 -37.89
N SER B 260 -27.45 5.96 -38.30
CA SER B 260 -28.81 5.63 -38.80
C SER B 260 -28.71 4.82 -40.09
N GLU B 261 -29.71 3.97 -40.34
CA GLU B 261 -29.72 3.24 -41.59
C GLU B 261 -29.75 4.20 -42.81
N ALA B 262 -30.44 5.31 -42.70
CA ALA B 262 -30.51 6.33 -43.71
C ALA B 262 -29.15 6.98 -43.96
N GLU B 263 -28.37 7.20 -42.91
CA GLU B 263 -27.04 7.80 -43.01
C GLU B 263 -26.07 6.81 -43.70
N ALA B 264 -26.12 5.53 -43.34
CA ALA B 264 -25.34 4.52 -44.02
C ALA B 264 -25.63 4.48 -45.49
N SER B 265 -26.88 4.57 -45.83
CA SER B 265 -27.28 4.52 -47.22
C SER B 265 -26.79 5.76 -47.99
N ARG B 266 -26.94 6.95 -47.41
CA ARG B 266 -26.30 8.15 -47.99
C ARG B 266 -24.80 7.99 -48.29
N ARG B 267 -24.07 7.39 -47.37
CA ARG B 267 -22.66 7.27 -47.48
C ARG B 267 -22.24 6.12 -48.39
N GLY B 268 -23.16 5.23 -48.71
CA GLY B 268 -22.86 4.09 -49.52
C GLY B 268 -22.17 2.96 -48.75
N ILE B 269 -22.41 2.93 -47.45
CA ILE B 269 -21.90 1.90 -46.59
C ILE B 269 -22.79 0.66 -46.56
N GLN B 270 -22.18 -0.50 -46.68
CA GLN B 270 -22.85 -1.81 -46.51
C GLN B 270 -22.67 -2.18 -45.06
N PRO B 271 -23.70 -1.97 -44.20
CA PRO B 271 -23.47 -2.19 -42.79
C PRO B 271 -23.38 -3.66 -42.39
N LEU B 272 -22.76 -3.92 -41.26
CA LEU B 272 -22.67 -5.24 -40.66
C LEU B 272 -24.02 -5.71 -40.14
N GLY B 273 -24.98 -4.80 -39.93
CA GLY B 273 -26.34 -5.21 -39.52
C GLY B 273 -27.07 -4.08 -38.90
N ARG B 274 -28.35 -4.36 -38.75
CA ARG B 274 -29.32 -3.45 -38.15
CA ARG B 274 -29.30 -3.48 -38.16
C ARG B 274 -29.57 -3.92 -36.74
N ILE B 275 -29.59 -3.00 -35.81
CA ILE B 275 -29.99 -3.30 -34.44
C ILE B 275 -31.52 -3.38 -34.40
N VAL B 276 -32.06 -4.56 -34.15
CA VAL B 276 -33.51 -4.71 -34.22
CA VAL B 276 -33.48 -4.81 -34.22
C VAL B 276 -34.09 -4.62 -32.83
N SER B 277 -33.35 -5.06 -31.80
CA SER B 277 -33.81 -4.97 -30.42
C SER B 277 -32.64 -5.20 -29.45
N TRP B 278 -32.86 -4.81 -28.20
CA TRP B 278 -31.97 -5.17 -27.14
C TRP B 278 -32.82 -5.24 -25.83
N ALA B 279 -32.25 -5.82 -24.80
CA ALA B 279 -32.79 -5.83 -23.54
C ALA B 279 -31.76 -6.07 -22.47
N THR B 280 -32.11 -5.61 -21.27
CA THR B 280 -31.37 -5.92 -20.09
C THR B 280 -32.37 -6.20 -18.96
N VAL B 281 -32.06 -7.27 -18.25
CA VAL B 281 -32.93 -7.80 -17.19
C VAL B 281 -32.11 -8.20 -16.01
N GLY B 282 -32.72 -8.14 -14.81
CA GLY B 282 -32.02 -8.58 -13.61
C GLY B 282 -32.47 -9.99 -13.22
N VAL B 283 -31.61 -10.67 -12.49
CA VAL B 283 -31.86 -12.00 -11.87
C VAL B 283 -31.16 -12.02 -10.45
N ASP B 284 -31.35 -13.11 -9.72
CA ASP B 284 -30.68 -13.29 -8.43
C ASP B 284 -29.18 -13.21 -8.64
N PRO B 285 -28.45 -12.37 -7.89
CA PRO B 285 -26.98 -12.41 -7.92
C PRO B 285 -26.35 -13.78 -7.72
N LYS B 286 -26.99 -14.63 -6.93
CA LYS B 286 -26.42 -15.96 -6.64
C LYS B 286 -26.32 -16.85 -7.86
N VAL B 287 -27.19 -16.61 -8.84
CA VAL B 287 -27.16 -17.34 -10.10
C VAL B 287 -27.12 -16.30 -11.24
N MET B 288 -26.15 -15.41 -11.15
CA MET B 288 -26.05 -14.34 -12.16
C MET B 288 -25.84 -14.90 -13.58
N GLY B 289 -25.30 -16.13 -13.68
CA GLY B 289 -24.98 -16.79 -14.98
C GLY B 289 -26.21 -17.03 -15.78
N THR B 290 -27.37 -16.93 -15.09
CA THR B 290 -28.67 -17.14 -15.71
C THR B 290 -29.26 -15.88 -16.42
N GLY B 291 -28.57 -14.73 -16.32
CA GLY B 291 -29.04 -13.47 -16.88
C GLY B 291 -29.45 -13.55 -18.32
N PRO B 292 -28.65 -14.27 -19.15
CA PRO B 292 -28.92 -14.37 -20.57
C PRO B 292 -30.28 -14.91 -20.87
N ILE B 293 -30.82 -15.73 -20.00
CA ILE B 293 -32.08 -16.36 -20.27
C ILE B 293 -33.18 -15.29 -20.37
N PRO B 294 -33.50 -14.55 -19.27
CA PRO B 294 -34.56 -13.54 -19.45
C PRO B 294 -34.18 -12.41 -20.43
N ALA B 295 -32.90 -12.12 -20.54
CA ALA B 295 -32.43 -10.98 -21.38
C ALA B 295 -32.72 -11.34 -22.84
N SER B 296 -32.41 -12.58 -23.19
CA SER B 296 -32.60 -13.07 -24.55
C SER B 296 -34.02 -13.15 -24.91
N ARG B 297 -34.84 -13.70 -23.99
CA ARG B 297 -36.23 -13.84 -24.23
C ARG B 297 -36.83 -12.48 -24.48
N LYS B 298 -36.46 -11.51 -23.66
CA LYS B 298 -37.03 -10.15 -23.80
C LYS B 298 -36.58 -9.49 -25.11
N ALA B 299 -35.33 -9.62 -25.45
CA ALA B 299 -34.80 -9.10 -26.69
C ALA B 299 -35.58 -9.67 -27.88
N LEU B 300 -35.75 -10.97 -27.87
CA LEU B 300 -36.56 -11.63 -28.92
C LEU B 300 -37.99 -11.16 -28.98
N GLU B 301 -38.65 -11.05 -27.83
CA GLU B 301 -39.98 -10.52 -27.81
C GLU B 301 -40.05 -9.15 -28.48
N ARG B 302 -39.11 -8.27 -28.11
CA ARG B 302 -39.07 -6.92 -28.59
CA ARG B 302 -39.07 -6.90 -28.59
C ARG B 302 -38.81 -6.86 -30.10
N ALA B 303 -38.12 -7.86 -30.62
CA ALA B 303 -37.80 -7.95 -32.04
C ALA B 303 -39.00 -8.56 -32.83
N GLY B 304 -39.87 -9.24 -32.14
CA GLY B 304 -40.93 -10.03 -32.77
C GLY B 304 -40.40 -11.34 -33.37
N TRP B 305 -39.40 -11.92 -32.77
CA TRP B 305 -38.75 -13.13 -33.24
C TRP B 305 -38.98 -14.29 -32.29
N LYS B 306 -39.03 -15.50 -32.84
CA LYS B 306 -38.96 -16.76 -32.03
C LYS B 306 -37.51 -17.18 -31.91
N ILE B 307 -37.20 -17.93 -30.89
CA ILE B 307 -35.92 -18.50 -30.71
C ILE B 307 -35.49 -19.19 -31.99
N GLY B 308 -36.38 -19.97 -32.57
CA GLY B 308 -36.07 -20.71 -33.80
C GLY B 308 -35.73 -19.85 -35.02
N ASP B 309 -36.05 -18.55 -34.97
CA ASP B 309 -35.79 -17.62 -36.08
C ASP B 309 -34.26 -17.29 -36.19
N LEU B 310 -33.54 -17.41 -35.08
CA LEU B 310 -32.11 -17.10 -35.00
C LEU B 310 -31.34 -18.01 -35.90
N ASP B 311 -30.42 -17.44 -36.66
CA ASP B 311 -29.46 -18.19 -37.47
C ASP B 311 -28.05 -18.33 -36.81
N LEU B 312 -27.70 -17.41 -35.89
CA LEU B 312 -26.42 -17.49 -35.15
CA LEU B 312 -26.43 -17.49 -35.15
C LEU B 312 -26.65 -16.82 -33.81
N VAL B 313 -25.85 -17.27 -32.82
CA VAL B 313 -25.94 -16.82 -31.48
C VAL B 313 -24.55 -16.78 -30.92
N GLU B 314 -24.19 -15.65 -30.32
CA GLU B 314 -23.04 -15.50 -29.41
C GLU B 314 -23.53 -15.32 -28.00
N ALA B 315 -23.39 -16.41 -27.21
CA ALA B 315 -23.82 -16.40 -25.80
C ALA B 315 -22.52 -16.52 -25.03
N ASN B 316 -22.22 -15.50 -24.27
CA ASN B 316 -20.91 -15.43 -23.64
C ASN B 316 -20.68 -16.57 -22.62
N GLU B 317 -19.49 -17.19 -22.73
CA GLU B 317 -19.02 -18.30 -21.85
C GLU B 317 -18.17 -17.81 -20.68
N ALA B 318 -18.80 -17.23 -19.69
CA ALA B 318 -18.12 -16.89 -18.43
C ALA B 318 -17.65 -18.17 -17.81
N PHE B 319 -18.53 -19.15 -17.75
CA PHE B 319 -18.23 -20.45 -17.16
C PHE B 319 -18.99 -21.51 -17.92
N ALA B 320 -18.42 -22.70 -18.09
CA ALA B 320 -19.15 -23.75 -18.78
C ALA B 320 -20.53 -24.04 -18.12
N ALA B 321 -20.56 -24.01 -16.80
CA ALA B 321 -21.84 -24.27 -16.05
C ALA B 321 -22.95 -23.32 -16.54
N GLN B 322 -22.68 -22.02 -16.53
CA GLN B 322 -23.78 -21.13 -16.88
C GLN B 322 -24.08 -21.18 -18.36
N ALA B 323 -23.02 -21.38 -19.19
CA ALA B 323 -23.19 -21.51 -20.62
C ALA B 323 -24.16 -22.64 -20.93
N CYS B 324 -23.94 -23.76 -20.29
CA CYS B 324 -24.74 -24.97 -20.53
C CYS B 324 -26.20 -24.78 -20.07
N ALA B 325 -26.36 -24.11 -18.93
CA ALA B 325 -27.66 -23.80 -18.35
C ALA B 325 -28.45 -22.89 -19.30
N VAL B 326 -27.76 -21.90 -19.87
CA VAL B 326 -28.42 -20.99 -20.76
C VAL B 326 -28.90 -21.75 -22.02
N ASN B 327 -28.06 -22.60 -22.58
CA ASN B 327 -28.43 -23.34 -23.78
C ASN B 327 -29.55 -24.32 -23.51
N LYS B 328 -29.49 -24.96 -22.35
CA LYS B 328 -30.55 -25.89 -21.97
C LYS B 328 -31.89 -25.17 -21.88
N ASP B 329 -31.93 -24.02 -21.23
CA ASP B 329 -33.20 -23.32 -21.01
C ASP B 329 -33.75 -22.77 -22.29
N LEU B 330 -32.89 -22.10 -23.07
CA LEU B 330 -33.34 -21.44 -24.29
C LEU B 330 -33.70 -22.45 -25.38
N GLY B 331 -32.93 -23.54 -25.48
CA GLY B 331 -33.29 -24.66 -26.35
C GLY B 331 -32.85 -24.36 -27.77
N TRP B 332 -31.97 -23.40 -27.94
CA TRP B 332 -31.53 -23.11 -29.29
C TRP B 332 -30.51 -24.14 -29.72
N ASP B 333 -30.41 -24.35 -31.02
CA ASP B 333 -29.58 -25.43 -31.57
C ASP B 333 -28.17 -25.13 -31.16
N PRO B 334 -27.57 -25.99 -30.37
CA PRO B 334 -26.21 -25.64 -29.93
C PRO B 334 -25.24 -25.43 -31.11
N SER B 335 -25.53 -26.02 -32.27
CA SER B 335 -24.65 -25.90 -33.43
C SER B 335 -24.57 -24.48 -33.98
N ILE B 336 -25.56 -23.61 -33.65
CA ILE B 336 -25.53 -22.22 -34.04
C ILE B 336 -24.95 -21.30 -33.01
N VAL B 337 -24.52 -21.84 -31.89
CA VAL B 337 -24.07 -21.02 -30.78
C VAL B 337 -22.55 -21.06 -30.64
N ASN B 338 -21.93 -19.89 -30.59
CA ASN B 338 -20.48 -19.72 -30.44
C ASN B 338 -19.79 -20.64 -31.42
N VAL B 339 -20.13 -20.48 -32.68
CA VAL B 339 -19.58 -21.43 -33.72
C VAL B 339 -18.04 -21.35 -33.87
N ASN B 340 -17.49 -20.21 -33.50
CA ASN B 340 -16.03 -20.00 -33.55
C ASN B 340 -15.37 -20.13 -32.18
N GLY B 341 -16.08 -20.75 -31.27
CA GLY B 341 -15.62 -20.85 -29.88
C GLY B 341 -16.11 -19.65 -29.07
N GLY B 342 -15.82 -19.68 -27.80
CA GLY B 342 -16.26 -18.67 -26.91
C GLY B 342 -15.20 -18.29 -25.91
N ALA B 343 -15.67 -17.53 -24.92
CA ALA B 343 -14.75 -16.99 -23.91
C ALA B 343 -13.89 -17.97 -23.13
N ILE B 344 -14.30 -19.22 -22.93
CA ILE B 344 -13.41 -20.14 -22.18
C ILE B 344 -12.10 -20.21 -22.90
N ALA B 345 -12.13 -20.21 -24.21
CA ALA B 345 -10.96 -20.24 -25.07
C ALA B 345 -10.40 -18.90 -25.38
N ILE B 346 -11.24 -17.96 -25.79
CA ILE B 346 -10.76 -16.68 -26.28
C ILE B 346 -10.34 -15.73 -25.14
N GLY B 347 -11.05 -15.76 -24.02
CA GLY B 347 -10.82 -14.91 -22.89
C GLY B 347 -11.93 -13.96 -22.57
N HIS B 348 -11.82 -13.30 -21.42
CA HIS B 348 -12.89 -12.45 -20.90
CA HIS B 348 -12.87 -12.45 -20.87
C HIS B 348 -12.38 -11.10 -20.39
N PRO B 349 -12.08 -10.17 -21.33
CA PRO B 349 -11.68 -8.83 -20.92
C PRO B 349 -12.95 -8.06 -20.51
N ILE B 350 -13.29 -8.14 -19.22
CA ILE B 350 -14.65 -7.74 -18.71
C ILE B 350 -15.38 -6.66 -19.49
N GLY B 351 -14.92 -5.38 -19.45
CA GLY B 351 -15.71 -4.36 -20.05
C GLY B 351 -15.78 -4.36 -21.55
N ALA B 352 -14.88 -5.14 -22.15
CA ALA B 352 -14.79 -5.28 -23.62
C ALA B 352 -15.61 -6.47 -24.14
N SER B 353 -15.84 -7.43 -23.24
CA SER B 353 -16.31 -8.74 -23.75
CA SER B 353 -16.44 -8.74 -23.56
C SER B 353 -17.63 -8.69 -24.54
N GLY B 354 -18.59 -7.86 -24.16
CA GLY B 354 -19.85 -7.74 -24.91
C GLY B 354 -19.67 -7.25 -26.32
N ALA B 355 -18.73 -6.32 -26.49
CA ALA B 355 -18.37 -5.80 -27.82
C ALA B 355 -17.56 -6.82 -28.57
N ARG B 356 -16.77 -7.58 -27.82
CA ARG B 356 -15.96 -8.66 -28.42
C ARG B 356 -16.90 -9.66 -29.02
N ILE B 357 -17.88 -10.16 -28.27
CA ILE B 357 -18.68 -11.22 -28.82
C ILE B 357 -19.67 -10.62 -29.93
N LEU B 358 -20.13 -9.41 -29.81
CA LEU B 358 -20.72 -8.71 -30.90
C LEU B 358 -19.86 -8.72 -32.19
N ASN B 359 -18.60 -8.40 -32.07
CA ASN B 359 -17.63 -8.43 -33.21
C ASN B 359 -17.75 -9.79 -33.85
N THR B 360 -17.65 -10.80 -33.04
CA THR B 360 -17.55 -12.19 -33.54
C THR B 360 -18.84 -12.54 -34.23
N LEU B 361 -19.97 -12.18 -33.62
CA LEU B 361 -21.28 -12.39 -34.23
C LEU B 361 -21.43 -11.70 -35.58
N LEU B 362 -21.07 -10.43 -35.65
CA LEU B 362 -21.24 -9.69 -36.85
C LEU B 362 -20.41 -10.23 -38.00
N PHE B 363 -19.16 -10.58 -37.75
CA PHE B 363 -18.27 -11.03 -38.85
C PHE B 363 -18.63 -12.43 -39.29
N GLU B 364 -19.09 -13.27 -38.36
CA GLU B 364 -19.65 -14.55 -38.78
C GLU B 364 -20.98 -14.46 -39.53
N MET B 365 -21.90 -13.63 -39.08
CA MET B 365 -23.14 -13.44 -39.86
C MET B 365 -22.73 -13.09 -41.26
N LYS B 366 -21.79 -12.16 -41.41
CA LYS B 366 -21.35 -11.71 -42.74
C LYS B 366 -20.77 -12.89 -43.54
N ARG B 367 -19.81 -13.58 -42.91
CA ARG B 367 -19.12 -14.70 -43.54
C ARG B 367 -20.15 -15.68 -44.10
N ARG B 368 -21.12 -16.08 -43.32
CA ARG B 368 -21.96 -17.22 -43.71
C ARG B 368 -23.30 -16.78 -44.30
N GLY B 369 -23.61 -15.48 -44.26
CA GLY B 369 -24.85 -14.96 -44.78
C GLY B 369 -26.02 -15.28 -43.86
N ALA B 370 -25.79 -15.25 -42.54
CA ALA B 370 -26.89 -15.46 -41.59
C ALA B 370 -27.71 -14.17 -41.51
N ARG B 371 -29.02 -14.34 -41.49
CA ARG B 371 -29.94 -13.20 -41.48
C ARG B 371 -30.15 -12.62 -40.06
N LYS B 372 -30.29 -13.47 -39.07
CA LYS B 372 -30.71 -12.99 -37.77
C LYS B 372 -29.75 -13.54 -36.74
N GLY B 373 -29.24 -12.71 -35.87
CA GLY B 373 -28.33 -13.11 -34.82
C GLY B 373 -28.73 -12.49 -33.49
N LEU B 374 -28.22 -13.11 -32.46
CA LEU B 374 -28.34 -12.63 -31.09
C LEU B 374 -27.00 -12.75 -30.32
N ALA B 375 -26.64 -11.67 -29.60
CA ALA B 375 -25.50 -11.64 -28.68
C ALA B 375 -26.06 -11.43 -27.26
N THR B 376 -25.62 -12.24 -26.30
CA THR B 376 -26.07 -12.15 -24.92
C THR B 376 -24.92 -12.46 -23.96
N LEU B 377 -24.96 -11.82 -22.81
CA LEU B 377 -23.95 -12.05 -21.73
C LEU B 377 -24.65 -12.01 -20.37
N CYS B 378 -24.09 -12.79 -19.46
CA CYS B 378 -24.49 -12.73 -18.06
C CYS B 378 -23.64 -11.67 -17.41
N ILE B 379 -24.10 -11.16 -16.28
CA ILE B 379 -23.49 -9.98 -15.64
C ILE B 379 -23.48 -10.14 -14.13
N GLY B 380 -22.30 -9.97 -13.53
CA GLY B 380 -22.06 -10.00 -12.08
C GLY B 380 -23.07 -9.08 -11.38
N GLY B 381 -23.55 -9.54 -10.24
CA GLY B 381 -24.61 -8.89 -9.50
C GLY B 381 -25.97 -9.22 -9.99
N GLY B 382 -26.08 -10.21 -10.90
CA GLY B 382 -27.41 -10.69 -11.34
C GLY B 382 -28.07 -9.88 -12.43
N MET B 383 -27.45 -9.83 -13.59
CA MET B 383 -28.15 -9.25 -14.71
C MET B 383 -27.81 -9.99 -16.00
N GLY B 384 -28.57 -9.68 -17.03
CA GLY B 384 -28.32 -10.15 -18.40
C GLY B 384 -28.49 -8.98 -19.35
N VAL B 385 -27.79 -9.05 -20.48
CA VAL B 385 -28.04 -8.13 -21.62
C VAL B 385 -28.03 -8.89 -22.92
N ALA B 386 -28.94 -8.54 -23.83
CA ALA B 386 -29.03 -9.23 -25.14
C ALA B 386 -29.34 -8.22 -26.20
N MET B 387 -28.85 -8.49 -27.40
CA MET B 387 -29.15 -7.64 -28.55
C MET B 387 -29.38 -8.55 -29.76
N CYS B 388 -30.39 -8.19 -30.51
CA CYS B 388 -30.76 -8.79 -31.77
C CYS B 388 -30.31 -7.93 -32.95
N ILE B 389 -29.74 -8.63 -33.93
CA ILE B 389 -29.10 -8.02 -35.11
C ILE B 389 -29.66 -8.70 -36.35
N GLU B 390 -30.03 -7.95 -37.35
CA GLU B 390 -30.40 -8.51 -38.62
C GLU B 390 -29.52 -7.99 -39.71
N SER B 391 -29.10 -8.86 -40.61
CA SER B 391 -28.38 -8.46 -41.83
C SER B 391 -29.18 -7.53 -42.71
N LEU B 392 -28.52 -6.62 -43.43
CA LEU B 392 -29.20 -5.75 -44.41
CA LEU B 392 -29.26 -5.86 -44.45
C LEU B 392 -28.46 -5.85 -45.75
N THR C 2 40.10 -5.43 39.04
CA THR C 2 38.67 -5.60 38.62
C THR C 2 38.05 -4.24 38.23
N PRO C 3 37.43 -4.14 37.03
CA PRO C 3 37.18 -2.85 36.38
C PRO C 3 36.47 -1.72 37.16
N SER C 4 35.25 -1.95 37.64
CA SER C 4 34.38 -0.90 38.24
C SER C 4 34.04 0.26 37.30
N ILE C 5 32.80 0.24 36.83
CA ILE C 5 32.33 1.17 35.83
C ILE C 5 31.09 1.83 36.39
N VAL C 6 31.00 3.16 36.25
CA VAL C 6 29.89 3.89 36.80
C VAL C 6 28.97 4.52 35.77
N ILE C 7 27.77 4.86 36.22
CA ILE C 7 26.84 5.68 35.43
C ILE C 7 27.09 7.10 35.88
N ALA C 8 27.85 7.85 35.09
CA ALA C 8 28.15 9.24 35.41
C ALA C 8 26.87 10.06 35.40
N SER C 9 26.03 9.89 34.38
CA SER C 9 24.86 10.73 34.26
C SER C 9 23.80 9.99 33.48
N ALA C 10 22.57 10.52 33.48
CA ALA C 10 21.48 9.85 32.84
C ALA C 10 20.43 10.86 32.42
N ALA C 11 19.61 10.48 31.45
CA ALA C 11 18.49 11.30 31.06
C ALA C 11 17.55 10.53 30.14
N ARG C 12 16.29 10.90 30.19
CA ARG C 12 15.28 10.36 29.28
C ARG C 12 14.34 11.42 28.81
N THR C 13 13.76 11.25 27.65
CA THR C 13 12.66 12.14 27.26
C THR C 13 11.51 11.77 28.19
N ALA C 14 10.49 12.61 28.19
CA ALA C 14 9.16 12.21 28.63
C ALA C 14 8.66 11.07 27.71
N VAL C 15 7.77 10.23 28.24
CA VAL C 15 7.19 9.18 27.44
C VAL C 15 5.88 9.68 26.83
N GLY C 16 5.82 9.56 25.50
CA GLY C 16 4.69 10.01 24.70
C GLY C 16 3.64 8.94 24.51
N SER C 17 2.39 9.38 24.31
CA SER C 17 1.28 8.49 24.09
C SER C 17 1.24 8.15 22.62
N PHE C 18 0.65 7.01 22.31
CA PHE C 18 0.59 6.52 20.94
C PHE C 18 -0.06 7.54 20.04
N ASN C 19 0.68 7.93 19.01
CA ASN C 19 0.28 8.99 18.11
C ASN C 19 -0.11 10.27 18.84
N GLY C 20 0.67 10.58 19.87
CA GLY C 20 0.44 11.72 20.73
C GLY C 20 1.43 12.81 20.43
N ALA C 21 2.20 13.20 21.45
CA ALA C 21 3.08 14.35 21.33
C ALA C 21 4.24 14.08 20.36
N PHE C 22 4.72 12.84 20.30
CA PHE C 22 5.81 12.47 19.40
C PHE C 22 5.29 11.65 18.23
N ALA C 23 4.01 11.86 17.84
CA ALA C 23 3.43 11.16 16.73
C ALA C 23 4.37 11.15 15.55
N ASN C 24 5.02 12.27 15.26
CA ASN C 24 5.76 12.40 14.01
C ASN C 24 7.21 12.66 14.22
N THR C 25 7.69 12.27 15.40
CA THR C 25 9.07 12.52 15.79
C THR C 25 9.85 11.23 15.64
N PRO C 26 10.84 11.19 14.72
CA PRO C 26 11.73 10.02 14.56
C PRO C 26 12.41 9.56 15.84
N ALA C 27 12.62 8.25 16.04
CA ALA C 27 13.34 7.81 17.26
C ALA C 27 14.69 8.53 17.49
N HIS C 28 15.52 8.65 16.46
CA HIS C 28 16.85 9.23 16.62
C HIS C 28 16.79 10.71 17.08
N GLU C 29 15.70 11.40 16.78
CA GLU C 29 15.52 12.79 17.27
C GLU C 29 15.40 12.81 18.79
N LEU C 30 14.57 11.93 19.34
CA LEU C 30 14.47 11.74 20.79
C LEU C 30 15.83 11.26 21.33
N GLY C 31 16.41 10.37 20.54
CA GLY C 31 17.74 9.84 20.85
C GLY C 31 18.72 10.96 21.03
N ALA C 32 18.87 11.80 20.02
CA ALA C 32 19.88 12.85 20.05
C ALA C 32 19.76 13.76 21.28
N THR C 33 18.53 14.13 21.63
CA THR C 33 18.23 14.99 22.80
C THR C 33 18.75 14.33 24.09
N VAL C 34 18.50 13.03 24.24
CA VAL C 34 18.95 12.36 25.46
C VAL C 34 20.50 12.13 25.50
N ILE C 35 21.15 12.10 24.33
CA ILE C 35 22.61 11.94 24.25
C ILE C 35 23.33 13.22 24.68
N SER C 36 22.90 14.36 24.13
CA SER C 36 23.41 15.68 24.57
C SER C 36 23.12 15.92 26.03
N ALA C 37 21.97 15.43 26.49
CA ALA C 37 21.53 15.63 27.90
C ALA C 37 22.48 14.94 28.86
N VAL C 38 22.74 13.67 28.63
CA VAL C 38 23.68 12.90 29.47
C VAL C 38 25.08 13.58 29.44
N LEU C 39 25.47 14.10 28.27
CA LEU C 39 26.77 14.77 28.11
C LEU C 39 26.80 16.09 28.90
N GLU C 40 25.76 16.91 28.71
CA GLU C 40 25.63 18.17 29.45
C GLU C 40 25.51 17.94 30.96
N ARG C 41 24.83 16.88 31.35
CA ARG C 41 24.61 16.55 32.75
C ARG C 41 25.87 16.06 33.45
N ALA C 42 26.80 15.46 32.72
CA ALA C 42 28.07 15.00 33.34
C ALA C 42 29.20 16.01 33.15
N GLY C 43 29.02 16.95 32.24
CA GLY C 43 30.07 17.93 31.96
C GLY C 43 31.15 17.35 31.06
N VAL C 44 30.77 16.38 30.24
CA VAL C 44 31.69 15.74 29.29
C VAL C 44 31.34 16.24 27.88
N ALA C 45 32.36 16.55 27.08
CA ALA C 45 32.14 17.01 25.69
C ALA C 45 31.74 15.85 24.80
N ALA C 46 30.77 16.07 23.90
CA ALA C 46 30.33 15.04 22.93
C ALA C 46 31.52 14.46 22.16
N GLY C 47 32.54 15.28 21.97
CA GLY C 47 33.79 14.86 21.31
C GLY C 47 34.60 13.86 22.10
N GLU C 48 34.20 13.56 23.33
CA GLU C 48 34.92 12.62 24.18
C GLU C 48 34.26 11.24 24.23
N VAL C 49 33.07 11.12 23.64
CA VAL C 49 32.31 9.88 23.55
C VAL C 49 32.99 8.97 22.54
N ASN C 50 33.31 7.75 22.94
CA ASN C 50 33.91 6.80 22.02
C ASN C 50 32.83 6.10 21.20
N GLU C 51 31.71 5.75 21.83
CA GLU C 51 30.71 4.92 21.14
C GLU C 51 29.34 5.18 21.68
N VAL C 52 28.33 5.05 20.84
CA VAL C 52 26.95 5.18 21.30
C VAL C 52 26.25 3.85 21.02
N ILE C 53 25.58 3.32 22.03
CA ILE C 53 24.89 2.02 21.83
C ILE C 53 23.41 2.20 22.15
N LEU C 54 22.54 1.99 21.19
CA LEU C 54 21.11 2.23 21.43
C LEU C 54 20.18 1.04 21.11
N GLY C 55 19.46 0.58 22.13
CA GLY C 55 18.39 -0.38 21.94
C GLY C 55 17.28 0.20 21.13
N GLN C 56 16.90 -0.52 20.08
CA GLN C 56 15.80 -0.12 19.23
C GLN C 56 15.23 -1.35 18.54
N VAL C 57 13.91 -1.45 18.62
CA VAL C 57 13.18 -2.61 18.11
C VAL C 57 12.57 -2.34 16.76
N LEU C 58 12.13 -1.10 16.52
CA LEU C 58 11.33 -0.76 15.32
C LEU C 58 11.97 0.34 14.44
N PRO C 59 13.09 0.02 13.78
CA PRO C 59 13.89 0.97 13.02
C PRO C 59 13.59 1.08 11.54
N ALA C 60 12.55 0.38 11.11
CA ALA C 60 12.23 0.27 9.70
C ALA C 60 11.83 1.61 9.04
N GLY C 61 12.48 1.90 7.92
CA GLY C 61 12.32 3.15 7.23
C GLY C 61 12.95 4.37 7.88
N GLU C 62 13.60 4.19 9.01
CA GLU C 62 14.29 5.33 9.64
C GLU C 62 15.69 5.55 9.04
N GLY C 63 16.13 4.64 8.17
CA GLY C 63 17.35 4.86 7.40
C GLY C 63 18.46 4.12 8.04
N GLN C 64 19.67 4.24 7.49
CA GLN C 64 20.84 3.53 8.05
C GLN C 64 21.11 3.84 9.51
N ASN C 65 21.21 2.76 10.29
CA ASN C 65 21.73 2.82 11.65
C ASN C 65 21.29 4.09 12.38
N PRO C 66 20.01 4.10 12.84
CA PRO C 66 19.48 5.21 13.62
C PRO C 66 20.36 5.59 14.82
N ALA C 67 21.13 4.67 15.32
CA ALA C 67 22.01 5.04 16.44
C ALA C 67 23.09 6.08 16.05
N ARG C 68 23.64 5.92 14.86
CA ARG C 68 24.59 6.85 14.31
C ARG C 68 23.90 8.16 13.99
N GLN C 69 22.65 8.10 13.55
CA GLN C 69 21.91 9.33 13.27
C GLN C 69 21.64 10.11 14.53
N ALA C 70 21.29 9.41 15.62
CA ALA C 70 21.12 10.09 16.93
C ALA C 70 22.45 10.63 17.42
N ALA C 71 23.53 9.86 17.23
CA ALA C 71 24.88 10.30 17.65
C ALA C 71 25.31 11.56 16.94
N MET C 72 25.14 11.56 15.62
CA MET C 72 25.69 12.62 14.82
C MET C 72 24.91 13.90 15.06
N LYS C 73 23.58 13.78 15.18
CA LYS C 73 22.69 14.89 15.46
C LYS C 73 23.01 15.52 16.80
N ALA C 74 23.41 14.70 17.78
CA ALA C 74 23.77 15.20 19.09
C ALA C 74 25.18 15.80 19.11
N GLY C 75 25.90 15.78 17.98
CA GLY C 75 27.21 16.42 17.89
C GLY C 75 28.35 15.57 18.40
N VAL C 76 28.11 14.25 18.46
CA VAL C 76 29.18 13.28 18.64
C VAL C 76 29.96 13.28 17.30
N PRO C 77 31.31 13.39 17.36
CA PRO C 77 32.09 13.52 16.12
C PRO C 77 32.07 12.25 15.27
N GLN C 78 32.24 12.39 13.97
CA GLN C 78 32.29 11.23 13.07
C GLN C 78 33.32 10.15 13.49
N GLU C 79 34.33 10.55 14.26
CA GLU C 79 35.39 9.59 14.67
C GLU C 79 34.92 8.55 15.68
N ALA C 80 33.85 8.86 16.40
CA ALA C 80 33.25 7.90 17.33
C ALA C 80 32.54 6.80 16.54
N THR C 81 32.02 5.81 17.24
CA THR C 81 31.18 4.82 16.55
C THR C 81 29.80 4.78 17.13
N ALA C 82 28.92 4.04 16.49
CA ALA C 82 27.54 3.95 16.98
C ALA C 82 26.81 2.72 16.46
N TRP C 83 26.00 2.12 17.31
CA TRP C 83 25.20 0.99 16.85
C TRP C 83 23.88 0.78 17.62
N GLY C 84 23.02 -0.03 17.02
CA GLY C 84 21.74 -0.36 17.60
C GLY C 84 21.65 -1.85 17.87
N MET C 85 20.88 -2.21 18.87
CA MET C 85 20.66 -3.61 19.18
C MET C 85 19.22 -3.84 19.60
N ASN C 86 18.85 -5.10 19.65
CA ASN C 86 17.49 -5.48 19.92
C ASN C 86 17.51 -6.77 20.68
N GLN C 87 17.19 -6.68 21.97
CA GLN C 87 16.73 -7.80 22.81
C GLN C 87 15.32 -7.40 23.30
N LEU C 88 14.49 -6.91 22.37
CA LEU C 88 13.10 -6.42 22.58
C LEU C 88 12.96 -5.55 23.82
N GLY C 90 13.95 -5.62 26.67
CA GLY C 90 15.16 -5.48 27.47
C GLY C 90 16.27 -4.68 26.81
N SER C 91 16.03 -4.21 25.59
CA SER C 91 17.10 -3.64 24.79
C SER C 91 17.79 -2.46 25.48
N GLY C 92 17.02 -1.50 26.01
CA GLY C 92 17.57 -0.23 26.56
C GLY C 92 18.41 -0.39 27.81
N LEU C 93 18.04 -1.40 28.60
CA LEU C 93 18.87 -1.83 29.70
C LEU C 93 20.06 -2.69 29.25
N ARG C 94 19.86 -3.62 28.32
CA ARG C 94 21.00 -4.42 27.81
C ARG C 94 22.10 -3.54 27.19
N ALA C 95 21.72 -2.50 26.48
CA ALA C 95 22.72 -1.63 25.85
C ALA C 95 23.59 -1.01 26.89
N VAL C 96 23.03 -0.72 28.06
CA VAL C 96 23.84 -0.18 29.18
C VAL C 96 24.86 -1.18 29.65
N ALA C 97 24.51 -2.47 29.69
CA ALA C 97 25.46 -3.54 30.11
C ALA C 97 26.58 -3.79 29.08
N LEU C 98 26.19 -3.74 27.81
CA LEU C 98 27.12 -3.88 26.69
C LEU C 98 28.14 -2.75 26.64
N GLY C 99 27.67 -1.54 26.96
CA GLY C 99 28.52 -0.39 27.14
C GLY C 99 29.49 -0.56 28.27
N MET C 100 29.01 -1.03 29.42
CA MET C 100 29.89 -1.34 30.54
C MET C 100 31.00 -2.28 30.09
N GLN C 101 30.62 -3.28 29.30
CA GLN C 101 31.55 -4.24 28.75
C GLN C 101 32.62 -3.62 27.86
N GLN C 102 32.24 -2.65 27.01
CA GLN C 102 33.22 -1.93 26.19
C GLN C 102 34.31 -1.39 27.09
N ILE C 103 33.91 -0.74 28.19
CA ILE C 103 34.87 -0.14 29.18
C ILE C 103 35.64 -1.15 30.05
N ALA C 104 34.92 -2.16 30.55
CA ALA C 104 35.51 -3.26 31.32
C ALA C 104 36.56 -4.01 30.53
N THR C 105 36.38 -4.11 29.20
CA THR C 105 37.35 -4.85 28.37
C THR C 105 38.44 -3.93 27.81
N GLY C 106 38.48 -2.67 28.22
CA GLY C 106 39.43 -1.72 27.70
C GLY C 106 39.28 -1.41 26.22
N ASP C 107 38.05 -1.49 25.70
CA ASP C 107 37.76 -1.13 24.29
C ASP C 107 37.33 0.32 24.15
N ALA C 108 36.91 0.94 25.25
CA ALA C 108 36.39 2.30 25.23
C ALA C 108 36.47 2.88 26.64
N SER C 109 36.68 4.19 26.71
CA SER C 109 36.71 4.89 27.99
C SER C 109 35.34 5.48 28.31
N ILE C 110 34.62 5.97 27.30
CA ILE C 110 33.36 6.71 27.57
C ILE C 110 32.23 6.33 26.61
N ILE C 111 31.11 5.88 27.16
CA ILE C 111 30.03 5.31 26.36
C ILE C 111 28.71 6.00 26.67
N VAL C 112 27.96 6.37 25.64
CA VAL C 112 26.54 6.63 25.82
C VAL C 112 25.70 5.43 25.36
N ALA C 113 24.92 4.89 26.31
CA ALA C 113 24.05 3.75 26.02
C ALA C 113 22.65 3.93 26.57
N GLY C 114 21.69 3.30 25.91
CA GLY C 114 20.31 3.34 26.34
C GLY C 114 19.42 2.77 25.27
N GLY C 115 18.25 3.35 25.10
CA GLY C 115 17.37 2.94 24.03
C GLY C 115 16.52 4.06 23.47
N MET C 116 16.03 3.88 22.24
CA MET C 116 15.09 4.83 21.66
C MET C 116 14.01 4.06 20.96
N GLU C 117 12.80 4.62 20.98
CA GLU C 117 11.65 4.00 20.31
C GLU C 117 10.57 4.97 19.95
N SER C 118 10.19 4.94 18.69
CA SER C 118 9.00 5.61 18.24
C SER C 118 8.00 4.61 17.65
N MET C 119 7.11 4.11 18.50
CA MET C 119 6.07 3.16 18.08
C MET C 119 5.04 3.85 17.18
N SER C 120 4.80 5.14 17.41
CA SER C 120 4.08 5.97 16.45
C SER C 120 4.61 5.89 15.00
N MET C 121 5.93 5.98 14.85
CA MET C 121 6.50 6.17 13.51
C MET C 121 6.78 4.87 12.81
N ALA C 122 6.53 3.75 13.50
CA ALA C 122 6.74 2.43 12.95
C ALA C 122 5.84 2.27 11.73
N PRO C 123 6.42 1.94 10.55
CA PRO C 123 5.64 1.72 9.31
C PRO C 123 4.81 0.41 9.17
N HIS C 124 3.96 0.41 8.15
CA HIS C 124 3.33 -0.80 7.64
C HIS C 124 4.20 -1.28 6.49
N CYS C 125 4.30 -2.59 6.31
CA CYS C 125 5.21 -3.13 5.30
C CYS C 125 4.66 -4.37 4.59
N ALA C 126 5.28 -4.69 3.45
CA ALA C 126 4.89 -5.83 2.60
C ALA C 126 6.08 -6.21 1.72
N HIS C 127 6.40 -7.51 1.69
CA HIS C 127 7.44 -8.01 0.81
C HIS C 127 6.91 -8.08 -0.60
N LEU C 128 7.48 -7.30 -1.52
CA LEU C 128 6.81 -7.05 -2.82
C LEU C 128 7.68 -7.17 -4.07
N ARG C 129 8.88 -7.76 -3.91
CA ARG C 129 9.83 -7.92 -5.04
C ARG C 129 9.36 -8.86 -6.12
N GLY C 130 8.96 -10.07 -5.72
CA GLY C 130 8.39 -11.06 -6.64
C GLY C 130 7.15 -10.50 -7.35
N GLY C 131 6.40 -9.65 -6.66
CA GLY C 131 5.21 -9.01 -7.24
C GLY C 131 3.99 -9.87 -7.02
N VAL C 132 2.84 -9.24 -6.94
CA VAL C 132 1.64 -9.93 -6.56
C VAL C 132 0.82 -10.04 -7.81
N LYS C 133 0.90 -11.20 -8.47
CA LYS C 133 0.27 -11.37 -9.79
C LYS C 133 -1.23 -11.28 -9.73
N MET C 134 -1.82 -11.81 -8.65
CA MET C 134 -3.25 -11.56 -8.39
C MET C 134 -3.55 -11.86 -6.93
N GLY C 135 -4.56 -11.19 -6.40
CA GLY C 135 -4.99 -11.35 -5.05
C GLY C 135 -4.58 -10.22 -4.10
N ASP C 136 -5.32 -10.10 -3.00
CA ASP C 136 -5.07 -9.11 -1.99
C ASP C 136 -3.75 -9.52 -1.35
N PHE C 137 -3.06 -8.54 -0.83
CA PHE C 137 -1.98 -8.88 0.07
C PHE C 137 -1.99 -8.02 1.32
N LYS C 138 -1.31 -8.49 2.39
CA LYS C 138 -1.34 -7.73 3.65
C LYS C 138 -0.22 -6.72 3.71
N MET C 139 -0.60 -5.53 4.15
CA MET C 139 0.32 -4.55 4.65
C MET C 139 0.48 -4.77 6.17
N ILE C 140 1.67 -5.19 6.57
CA ILE C 140 1.91 -5.64 7.94
C ILE C 140 2.37 -4.48 8.83
N ASP C 141 1.73 -4.36 10.00
CA ASP C 141 2.13 -3.39 11.03
C ASP C 141 3.37 -3.84 11.73
N THR C 142 4.49 -3.21 11.39
CA THR C 142 5.72 -3.61 11.97
C THR C 142 5.69 -3.45 13.50
N MET C 143 5.03 -2.43 14.04
CA MET C 143 4.90 -2.33 15.51
C MET C 143 4.35 -3.61 16.11
N ILE C 144 3.22 -4.06 15.57
CA ILE C 144 2.57 -5.26 16.05
C ILE C 144 3.40 -6.48 15.69
N LYS C 145 3.87 -6.54 14.45
CA LYS C 145 4.56 -7.77 14.02
C LYS C 145 5.87 -7.95 14.70
N ASP C 146 6.69 -6.91 14.75
CA ASP C 146 8.06 -7.08 15.19
C ASP C 146 8.19 -6.74 16.65
N GLY C 147 7.12 -6.20 17.25
CA GLY C 147 7.18 -5.71 18.62
C GLY C 147 6.37 -6.53 19.61
N LEU C 148 5.14 -6.84 19.23
CA LEU C 148 4.12 -7.34 20.18
C LEU C 148 3.57 -8.73 19.92
N THR C 149 4.02 -9.35 18.83
CA THR C 149 3.55 -10.69 18.45
C THR C 149 4.63 -11.73 18.74
N ASP C 150 4.28 -12.75 19.50
CA ASP C 150 5.18 -13.86 19.69
C ASP C 150 5.44 -14.60 18.37
N ALA C 151 6.72 -14.78 18.06
CA ALA C 151 7.14 -15.35 16.77
C ALA C 151 6.96 -16.86 16.69
N PHE C 152 6.72 -17.51 17.82
CA PHE C 152 6.61 -18.96 17.87
C PHE C 152 5.18 -19.44 17.98
N TYR C 153 4.38 -18.70 18.74
CA TYR C 153 2.99 -19.07 18.97
C TYR C 153 2.07 -18.17 18.17
N GLY C 154 2.61 -17.07 17.66
CA GLY C 154 1.85 -16.22 16.75
C GLY C 154 0.93 -15.26 17.47
N TYR C 155 0.68 -15.46 18.77
CA TYR C 155 -0.27 -14.58 19.46
C TYR C 155 0.47 -13.42 20.09
N HIS C 156 -0.26 -12.45 20.62
CA HIS C 156 0.33 -11.22 21.13
C HIS C 156 0.86 -11.38 22.54
N MET C 157 1.59 -10.37 22.98
CA MET C 157 2.19 -10.39 24.31
C MET C 157 1.13 -10.45 25.41
N GLY C 158 -0.02 -9.83 25.22
CA GLY C 158 -1.06 -9.86 26.24
C GLY C 158 -1.71 -11.23 26.43
N THR C 159 -1.56 -12.08 25.42
CA THR C 159 -1.90 -13.50 25.54
C THR C 159 -0.91 -14.24 26.47
N THR C 160 0.38 -13.89 26.40
CA THR C 160 1.38 -14.42 27.35
C THR C 160 1.07 -13.97 28.79
N ALA C 161 0.60 -12.74 28.93
CA ALA C 161 0.16 -12.23 30.22
C ALA C 161 -1.01 -13.10 30.73
N GLU C 162 -1.95 -13.45 29.85
CA GLU C 162 -3.04 -14.34 30.23
C GLU C 162 -2.51 -15.69 30.71
N ASN C 163 -1.49 -16.20 30.03
CA ASN C 163 -0.87 -17.46 30.48
C ASN C 163 -0.33 -17.28 31.90
N VAL C 164 0.42 -16.20 32.16
CA VAL C 164 1.00 -15.92 33.50
C VAL C 164 -0.08 -15.72 34.56
N ALA C 165 -1.11 -14.96 34.21
CA ALA C 165 -2.24 -14.75 35.09
C ALA C 165 -2.82 -16.11 35.52
N LYS C 166 -2.99 -17.00 34.54
CA LYS C 166 -3.60 -18.31 34.77
C LYS C 166 -2.72 -19.23 35.61
N GLN C 167 -1.42 -19.19 35.35
CA GLN C 167 -0.45 -19.95 36.15
C GLN C 167 -0.58 -19.54 37.60
N TRP C 168 -0.36 -18.24 37.84
CA TRP C 168 -0.32 -17.70 39.20
C TRP C 168 -1.71 -17.47 39.80
N GLN C 169 -2.77 -17.77 39.03
CA GLN C 169 -4.14 -17.64 39.50
C GLN C 169 -4.35 -16.22 40.06
N LEU C 170 -4.13 -15.23 39.21
CA LEU C 170 -4.26 -13.83 39.61
C LEU C 170 -5.61 -13.28 39.15
N SER C 171 -6.40 -12.83 40.11
CA SER C 171 -7.73 -12.32 39.85
C SER C 171 -7.70 -11.00 39.11
N ARG C 172 -8.77 -10.72 38.37
CA ARG C 172 -8.96 -9.44 37.69
C ARG C 172 -8.84 -8.26 38.66
N ASP C 173 -9.34 -8.48 39.88
CA ASP C 173 -9.32 -7.47 40.94
C ASP C 173 -7.91 -7.19 41.47
N GLU C 174 -7.09 -8.23 41.62
CA GLU C 174 -5.69 -8.03 42.03
C GLU C 174 -4.90 -7.36 40.92
N GLN C 175 -5.24 -7.65 39.68
CA GLN C 175 -4.55 -7.00 38.56
C GLN C 175 -4.98 -5.57 38.41
N ASP C 176 -6.28 -5.30 38.60
CA ASP C 176 -6.81 -3.93 38.56
C ASP C 176 -6.38 -3.05 39.71
N ALA C 177 -6.37 -3.62 40.93
CA ALA C 177 -5.86 -2.90 42.10
C ALA C 177 -4.42 -2.44 41.89
N PHE C 178 -3.63 -3.30 41.23
CA PHE C 178 -2.22 -3.01 40.93
C PHE C 178 -2.16 -1.82 39.97
N ALA C 179 -2.94 -1.95 38.88
CA ALA C 179 -3.07 -0.94 37.83
C ALA C 179 -3.33 0.45 38.38
N VAL C 180 -4.36 0.56 39.21
CA VAL C 180 -4.75 1.86 39.76
C VAL C 180 -3.67 2.35 40.72
N ALA C 181 -3.04 1.41 41.43
CA ALA C 181 -1.91 1.70 42.31
C ALA C 181 -0.78 2.34 41.53
N SER C 182 -0.46 1.74 40.38
CA SER C 182 0.63 2.23 39.51
C SER C 182 0.33 3.66 39.01
N GLN C 183 -0.90 3.89 38.55
CA GLN C 183 -1.31 5.19 38.05
C GLN C 183 -1.22 6.20 39.14
N ASN C 184 -1.75 5.82 40.31
CA ASN C 184 -1.83 6.73 41.44
C ASN C 184 -0.43 7.14 41.90
N LYS C 185 0.48 6.16 41.92
CA LYS C 185 1.87 6.41 42.31
C LYS C 185 2.52 7.37 41.32
N ALA C 186 2.22 7.17 40.04
CA ALA C 186 2.82 7.93 38.94
C ALA C 186 2.27 9.36 38.90
N GLU C 187 0.96 9.51 39.07
CA GLU C 187 0.41 10.86 39.11
C GLU C 187 0.89 11.64 40.34
N ALA C 188 1.18 10.94 41.44
CA ALA C 188 1.75 11.56 42.62
C ALA C 188 3.16 12.05 42.30
N ALA C 189 4.02 11.11 41.88
CA ALA C 189 5.36 11.46 41.42
C ALA C 189 5.33 12.66 40.46
N GLN C 190 4.46 12.59 39.46
CA GLN C 190 4.40 13.65 38.44
C GLN C 190 4.15 15.01 39.07
N LYS C 191 3.08 15.13 39.84
CA LYS C 191 2.74 16.40 40.50
C LYS C 191 3.80 16.83 41.50
N ASP C 192 4.29 15.87 42.28
CA ASP C 192 5.34 16.11 43.29
C ASP C 192 6.70 16.51 42.69
N GLY C 193 6.80 16.56 41.36
CA GLY C 193 8.02 17.01 40.66
C GLY C 193 9.10 15.94 40.53
N ARG C 194 8.78 14.70 40.87
CA ARG C 194 9.82 13.65 40.98
C ARG C 194 10.36 13.14 39.63
N PHE C 195 9.70 13.47 38.54
CA PHE C 195 10.23 13.12 37.22
C PHE C 195 11.06 14.21 36.55
N LYS C 196 11.08 15.39 37.16
CA LYS C 196 11.75 16.54 36.54
C LYS C 196 13.26 16.32 36.38
N ASP C 197 13.93 15.81 37.41
CA ASP C 197 15.35 15.55 37.30
C ASP C 197 15.71 14.72 36.06
N GLU C 198 15.05 13.58 35.94
CA GLU C 198 15.39 12.61 34.90
C GLU C 198 14.90 12.98 33.51
N ILE C 199 13.78 13.69 33.41
CA ILE C 199 13.22 14.04 32.10
C ILE C 199 14.02 15.22 31.58
N VAL C 200 14.45 15.13 30.33
CA VAL C 200 14.94 16.30 29.61
C VAL C 200 13.85 16.76 28.68
N PRO C 201 13.50 18.06 28.70
CA PRO C 201 12.52 18.52 27.75
C PRO C 201 12.93 18.21 26.32
N PHE C 202 11.98 17.78 25.51
CA PHE C 202 12.23 17.60 24.10
C PHE C 202 11.39 18.59 23.38
N ILE C 203 11.97 19.32 22.43
CA ILE C 203 11.18 20.27 21.60
C ILE C 203 10.69 19.71 20.27
N VAL C 204 9.37 19.71 20.11
CA VAL C 204 8.71 19.20 18.90
C VAL C 204 8.53 20.34 17.88
N LYS C 205 9.46 20.40 16.94
CA LYS C 205 9.49 21.49 15.98
C LYS C 205 8.29 21.42 15.05
N GLY C 206 7.74 22.59 14.74
CA GLY C 206 6.64 22.66 13.79
C GLY C 206 6.66 23.95 13.00
N ARG C 207 5.96 23.92 11.87
CA ARG C 207 5.64 25.13 11.12
C ARG C 207 4.74 26.04 11.96
N LYS C 208 3.69 25.47 12.53
CA LYS C 208 2.71 26.21 13.31
C LYS C 208 3.35 26.82 14.57
N GLY C 209 4.35 26.14 15.13
CA GLY C 209 4.97 26.58 16.37
C GLY C 209 5.60 25.42 17.11
N ASP C 210 6.73 25.69 17.76
CA ASP C 210 7.44 24.68 18.49
C ASP C 210 6.67 24.37 19.78
N ILE C 211 6.68 23.10 20.19
CA ILE C 211 6.01 22.64 21.40
C ILE C 211 7.03 21.89 22.24
N THR C 212 7.28 22.37 23.45
CA THR C 212 8.19 21.72 24.39
C THR C 212 7.40 20.69 25.17
N VAL C 213 7.91 19.46 25.13
CA VAL C 213 7.34 18.34 25.86
C VAL C 213 8.28 17.92 27.03
N ASP C 214 7.74 18.00 28.25
CA ASP C 214 8.49 17.66 29.45
C ASP C 214 7.65 16.90 30.51
N ALA C 215 6.41 16.51 30.17
CA ALA C 215 5.55 15.75 31.09
C ALA C 215 5.11 14.42 30.46
N ASP C 216 5.06 13.37 31.26
CA ASP C 216 4.67 12.05 30.76
C ASP C 216 3.18 12.03 30.47
N GLU C 217 2.80 11.93 29.18
CA GLU C 217 1.40 12.17 28.83
C GLU C 217 0.50 10.95 28.93
N TYR C 218 1.10 9.80 29.21
CA TYR C 218 0.32 8.57 29.26
C TYR C 218 -0.30 8.30 30.63
N ILE C 219 0.22 8.96 31.66
CA ILE C 219 -0.29 8.82 33.04
C ILE C 219 -1.71 9.30 33.11
N ARG C 220 -2.62 8.43 33.52
CA ARG C 220 -4.01 8.79 33.73
C ARG C 220 -4.17 9.44 35.09
N HIS C 221 -4.54 10.72 35.08
CA HIS C 221 -4.86 11.45 36.31
C HIS C 221 -6.20 10.98 36.85
N GLY C 222 -6.22 10.59 38.12
CA GLY C 222 -7.47 10.24 38.79
C GLY C 222 -8.00 8.86 38.44
N ALA C 223 -7.11 7.95 38.06
CA ALA C 223 -7.47 6.55 37.84
C ALA C 223 -8.16 6.00 39.09
N THR C 224 -9.35 5.45 38.89
CA THR C 224 -10.12 4.82 39.96
C THR C 224 -10.27 3.34 39.66
N LEU C 225 -10.45 2.56 40.71
CA LEU C 225 -10.71 1.15 40.59
C LEU C 225 -11.97 0.95 39.73
N ASP C 226 -12.96 1.80 39.98
CA ASP C 226 -14.22 1.76 39.27
C ASP C 226 -14.03 1.80 37.75
N SER C 227 -13.26 2.78 37.27
CA SER C 227 -12.90 2.89 35.85
C SER C 227 -12.23 1.62 35.33
N MET C 228 -11.32 1.08 36.14
CA MET C 228 -10.59 -0.14 35.80
C MET C 228 -11.56 -1.29 35.58
N ALA C 229 -12.53 -1.41 36.49
CA ALA C 229 -13.45 -2.55 36.52
C ALA C 229 -14.50 -2.52 35.43
N LYS C 230 -14.54 -1.44 34.65
CA LYS C 230 -15.52 -1.27 33.57
C LYS C 230 -15.08 -1.92 32.25
N LEU C 231 -13.76 -2.07 32.10
CA LEU C 231 -13.17 -2.45 30.82
C LEU C 231 -13.45 -3.91 30.51
N ARG C 232 -13.44 -4.27 29.22
CA ARG C 232 -13.59 -5.66 28.81
C ARG C 232 -12.21 -6.29 28.70
N PRO C 233 -12.13 -7.62 28.77
CA PRO C 233 -10.85 -8.29 28.55
C PRO C 233 -10.36 -8.09 27.12
N ALA C 234 -9.08 -7.80 26.97
CA ALA C 234 -8.52 -7.37 25.70
C ALA C 234 -8.03 -8.54 24.81
N PHE C 235 -7.73 -9.69 25.41
CA PHE C 235 -7.13 -10.81 24.67
C PHE C 235 -7.85 -12.13 24.83
N ASP C 236 -8.68 -12.28 25.85
CA ASP C 236 -9.41 -13.53 26.09
C ASP C 236 -10.81 -13.16 26.54
N LYS C 237 -11.83 -13.59 25.79
CA LYS C 237 -13.20 -13.24 26.13
C LYS C 237 -13.52 -13.53 27.61
N GLU C 238 -12.96 -14.63 28.14
CA GLU C 238 -13.09 -14.95 29.57
C GLU C 238 -11.78 -14.67 30.34
N GLY C 239 -10.99 -13.73 29.82
CA GLY C 239 -9.71 -13.38 30.42
C GLY C 239 -9.84 -12.20 31.37
N THR C 240 -8.75 -11.87 32.03
CA THR C 240 -8.74 -10.80 33.03
C THR C 240 -7.87 -9.61 32.62
N VAL C 241 -7.02 -9.79 31.61
CA VAL C 241 -6.12 -8.73 31.16
C VAL C 241 -6.90 -7.72 30.32
N THR C 242 -6.65 -6.44 30.55
CA THR C 242 -7.28 -5.34 29.77
C THR C 242 -6.28 -4.21 29.45
N ALA C 243 -6.78 -3.22 28.72
CA ALA C 243 -6.06 -1.99 28.39
C ALA C 243 -5.79 -1.19 29.66
N GLY C 244 -6.65 -1.35 30.65
CA GLY C 244 -6.46 -0.72 31.93
C GLY C 244 -5.34 -1.31 32.74
N ASN C 245 -5.17 -2.63 32.71
CA ASN C 245 -4.12 -3.30 33.50
C ASN C 245 -2.90 -3.83 32.70
N ALA C 246 -2.79 -3.40 31.43
CA ALA C 246 -1.60 -3.62 30.59
C ALA C 246 -0.99 -2.26 30.28
N SER C 247 0.30 -2.24 29.94
CA SER C 247 0.96 -0.98 29.57
C SER C 247 0.38 -0.53 28.23
N GLY C 248 0.95 0.49 27.61
CA GLY C 248 0.44 0.97 26.35
C GLY C 248 1.50 0.98 25.27
N LEU C 249 1.15 1.61 24.16
CA LEU C 249 2.02 1.83 23.01
C LEU C 249 2.53 3.23 23.11
N ASN C 250 3.84 3.39 23.06
CA ASN C 250 4.48 4.63 23.46
C ASN C 250 5.77 4.96 22.72
N ASP C 251 6.17 6.23 22.81
CA ASP C 251 7.38 6.71 22.17
C ASP C 251 8.27 7.38 23.23
N GLY C 252 9.58 7.18 23.15
CA GLY C 252 10.53 7.86 24.07
C GLY C 252 11.95 7.46 23.80
N ALA C 253 12.89 8.14 24.44
CA ALA C 253 14.29 7.70 24.54
C ALA C 253 14.80 7.85 25.96
N ALA C 254 15.82 7.06 26.28
CA ALA C 254 16.54 7.17 27.57
C ALA C 254 17.94 6.72 27.39
N ALA C 255 18.88 7.40 28.03
CA ALA C 255 20.32 7.06 27.95
C ALA C 255 21.06 7.26 29.27
N ALA C 256 22.28 6.75 29.31
CA ALA C 256 23.17 6.94 30.45
C ALA C 256 24.60 7.08 29.95
N LEU C 257 25.40 7.89 30.64
CA LEU C 257 26.78 8.09 30.26
C LEU C 257 27.61 7.19 31.15
N LEU C 258 28.44 6.32 30.56
CA LEU C 258 29.20 5.37 31.32
C LEU C 258 30.65 5.63 31.16
N MET C 259 31.40 5.32 32.19
CA MET C 259 32.84 5.49 32.21
C MET C 259 33.38 4.80 33.45
N SER C 260 34.70 4.77 33.62
CA SER C 260 35.25 4.13 34.81
C SER C 260 35.10 5.04 36.01
N GLU C 261 34.92 4.42 37.17
CA GLU C 261 34.96 5.12 38.46
C GLU C 261 36.13 6.12 38.60
N ALA C 262 37.32 5.71 38.18
CA ALA C 262 38.49 6.58 38.27
C ALA C 262 38.31 7.81 37.37
N GLU C 263 37.63 7.63 36.24
CA GLU C 263 37.45 8.71 35.29
C GLU C 263 36.51 9.78 35.81
N ALA C 264 35.34 9.36 36.32
CA ALA C 264 34.40 10.28 36.95
C ALA C 264 35.08 11.10 38.04
N SER C 265 35.89 10.43 38.86
CA SER C 265 36.62 11.08 39.93
C SER C 265 37.64 12.12 39.44
N ARG C 266 38.27 11.86 38.30
CA ARG C 266 39.18 12.82 37.64
C ARG C 266 38.43 14.07 37.27
N ARG C 267 37.24 13.87 36.73
CA ARG C 267 36.42 14.92 36.15
C ARG C 267 35.50 15.62 37.16
N GLY C 268 35.60 15.26 38.44
CA GLY C 268 34.71 15.77 39.46
C GLY C 268 33.26 15.35 39.35
N ILE C 269 32.97 14.31 38.56
CA ILE C 269 31.64 13.84 38.43
C ILE C 269 31.23 13.06 39.67
N GLN C 270 30.03 13.35 40.17
CA GLN C 270 29.38 12.53 41.21
C GLN C 270 28.41 11.56 40.52
N PRO C 271 28.86 10.31 40.30
CA PRO C 271 28.03 9.40 39.51
C PRO C 271 26.71 9.01 40.20
N LEU C 272 25.72 8.65 39.40
CA LEU C 272 24.40 8.22 39.86
C LEU C 272 24.41 6.77 40.39
N GLY C 273 25.47 6.02 40.04
CA GLY C 273 25.65 4.65 40.54
C GLY C 273 26.81 3.88 39.95
N ARG C 274 27.15 2.76 40.57
CA ARG C 274 28.11 1.82 40.00
C ARG C 274 27.34 0.57 39.57
N ILE C 275 27.66 0.04 38.38
CA ILE C 275 27.01 -1.19 37.89
C ILE C 275 27.73 -2.33 38.56
N VAL C 276 27.05 -3.03 39.47
CA VAL C 276 27.70 -4.09 40.19
C VAL C 276 27.49 -5.43 39.47
N SER C 277 26.35 -5.61 38.80
CA SER C 277 26.09 -6.82 38.08
C SER C 277 24.95 -6.68 37.07
N TRP C 278 24.85 -7.63 36.17
CA TRP C 278 23.68 -7.70 35.31
C TRP C 278 23.57 -9.12 34.94
N ALA C 279 22.42 -9.50 34.42
CA ALA C 279 22.22 -10.83 33.94
C ALA C 279 21.02 -10.89 33.01
N THR C 280 21.10 -11.81 32.05
CA THR C 280 19.99 -12.11 31.13
C THR C 280 19.76 -13.60 31.16
N VAL C 281 18.50 -14.01 31.08
CA VAL C 281 18.18 -15.43 31.12
C VAL C 281 16.98 -15.71 30.23
N GLY C 282 16.85 -16.95 29.76
CA GLY C 282 15.73 -17.34 28.92
C GLY C 282 14.69 -18.15 29.68
N VAL C 283 13.43 -18.06 29.22
CA VAL C 283 12.31 -18.79 29.75
C VAL C 283 11.35 -19.07 28.63
N ASP C 284 10.28 -19.79 28.96
CA ASP C 284 9.29 -20.18 27.96
C ASP C 284 8.65 -18.90 27.44
N PRO C 285 8.63 -18.70 26.11
CA PRO C 285 7.92 -17.55 25.51
C PRO C 285 6.42 -17.47 25.88
N LYS C 286 5.78 -18.61 26.06
CA LYS C 286 4.40 -18.65 26.53
C LYS C 286 4.16 -17.85 27.83
N VAL C 287 5.19 -17.78 28.68
CA VAL C 287 5.13 -17.06 29.96
C VAL C 287 6.34 -16.10 30.10
N MET C 288 6.63 -15.33 29.05
CA MET C 288 7.79 -14.45 29.07
C MET C 288 7.74 -13.47 30.24
N GLY C 289 6.56 -13.22 30.80
CA GLY C 289 6.41 -12.30 31.93
C GLY C 289 7.22 -12.72 33.15
N THR C 290 7.51 -14.02 33.20
CA THR C 290 8.32 -14.58 34.29
C THR C 290 9.82 -14.31 34.20
N GLY C 291 10.30 -13.78 33.07
CA GLY C 291 11.72 -13.48 32.82
C GLY C 291 12.51 -12.87 33.99
N PRO C 292 11.96 -11.80 34.58
CA PRO C 292 12.62 -11.09 35.66
C PRO C 292 12.90 -11.93 36.90
N ILE C 293 12.18 -13.02 37.10
CA ILE C 293 12.41 -13.90 38.25
C ILE C 293 13.84 -14.54 38.24
N PRO C 294 14.19 -15.37 37.22
CA PRO C 294 15.57 -15.85 37.10
C PRO C 294 16.65 -14.78 36.80
N ALA C 295 16.33 -13.78 35.99
CA ALA C 295 17.31 -12.71 35.73
C ALA C 295 17.67 -11.89 36.99
N SER C 296 16.66 -11.49 37.77
CA SER C 296 16.93 -10.76 39.03
C SER C 296 17.75 -11.64 39.99
N ARG C 297 17.35 -12.90 40.13
CA ARG C 297 18.08 -13.83 40.99
C ARG C 297 19.53 -14.01 40.54
N LYS C 298 19.72 -14.16 39.23
CA LYS C 298 21.05 -14.26 38.64
C LYS C 298 21.86 -12.97 38.80
N ALA C 299 21.22 -11.82 38.63
CA ALA C 299 21.93 -10.54 38.86
C ALA C 299 22.36 -10.43 40.34
N LEU C 300 21.47 -10.79 41.24
CA LEU C 300 21.74 -10.70 42.68
C LEU C 300 22.84 -11.65 43.06
N GLU C 301 22.84 -12.85 42.46
CA GLU C 301 23.91 -13.82 42.70
C GLU C 301 25.25 -13.23 42.26
N ARG C 302 25.30 -12.65 41.06
CA ARG C 302 26.52 -11.99 40.58
C ARG C 302 26.93 -10.81 41.47
N ALA C 303 25.96 -10.07 41.99
CA ALA C 303 26.22 -8.93 42.87
C ALA C 303 26.65 -9.37 44.28
N GLY C 304 26.45 -10.65 44.61
CA GLY C 304 26.74 -11.14 45.96
C GLY C 304 25.75 -10.60 46.97
N TRP C 305 24.57 -10.21 46.51
CA TRP C 305 23.56 -9.60 47.36
C TRP C 305 22.43 -10.56 47.67
N LYS C 306 21.75 -10.34 48.80
CA LYS C 306 20.46 -11.01 49.07
C LYS C 306 19.33 -10.08 48.63
N ILE C 307 18.14 -10.63 48.40
CA ILE C 307 16.98 -9.84 47.95
C ILE C 307 16.64 -8.74 48.95
N GLY C 308 16.76 -9.07 50.24
CA GLY C 308 16.55 -8.09 51.30
C GLY C 308 17.52 -6.91 51.27
N ASP C 309 18.68 -7.07 50.65
CA ASP C 309 19.64 -5.94 50.56
C ASP C 309 19.07 -4.75 49.76
N LEU C 310 18.17 -5.03 48.84
CA LEU C 310 17.68 -3.98 47.94
C LEU C 310 16.84 -2.92 48.68
N ASP C 311 17.12 -1.66 48.36
CA ASP C 311 16.41 -0.52 48.95
C ASP C 311 15.40 -0.01 47.93
N LEU C 312 15.66 -0.29 46.66
CA LEU C 312 14.85 0.24 45.61
C LEU C 312 14.90 -0.69 44.43
N VAL C 313 13.73 -0.98 43.86
CA VAL C 313 13.61 -1.80 42.68
C VAL C 313 12.80 -1.11 41.59
N GLU C 314 13.25 -1.28 40.35
CA GLU C 314 12.42 -0.95 39.18
C GLU C 314 12.13 -2.23 38.44
N ALA C 315 10.94 -2.76 38.61
CA ALA C 315 10.53 -3.97 37.90
C ALA C 315 9.43 -3.59 36.92
N ASN C 316 9.82 -3.55 35.66
CA ASN C 316 8.98 -3.06 34.59
C ASN C 316 7.58 -3.71 34.58
N GLU C 317 6.55 -2.90 34.32
CA GLU C 317 5.15 -3.35 34.38
C GLU C 317 4.56 -3.54 32.99
N ALA C 318 4.93 -4.63 32.31
CA ALA C 318 4.36 -4.88 31.01
C ALA C 318 2.85 -5.05 31.20
N PHE C 319 2.49 -5.99 32.08
CA PHE C 319 1.11 -6.26 32.44
C PHE C 319 1.01 -6.44 33.97
N ALA C 320 -0.12 -6.05 34.55
CA ALA C 320 -0.33 -6.25 36.00
C ALA C 320 -0.16 -7.73 36.41
N ALA C 321 -0.59 -8.65 35.54
CA ALA C 321 -0.51 -10.09 35.81
C ALA C 321 0.93 -10.51 35.99
N GLN C 322 1.79 -10.19 35.04
CA GLN C 322 3.21 -10.55 35.16
C GLN C 322 3.87 -9.80 36.33
N ALA C 323 3.50 -8.54 36.51
CA ALA C 323 4.11 -7.68 37.52
C ALA C 323 3.83 -8.18 38.92
N CYS C 324 2.55 -8.45 39.21
CA CYS C 324 2.16 -9.10 40.48
C CYS C 324 2.91 -10.42 40.71
N ALA C 325 3.00 -11.25 39.65
CA ALA C 325 3.63 -12.57 39.72
C ALA C 325 5.09 -12.46 40.14
N VAL C 326 5.84 -11.60 39.45
CA VAL C 326 7.22 -11.36 39.82
C VAL C 326 7.29 -10.96 41.31
N ASN C 327 6.56 -9.91 41.70
CA ASN C 327 6.57 -9.42 43.09
C ASN C 327 6.22 -10.52 44.10
N LYS C 328 5.21 -11.32 43.74
CA LYS C 328 4.85 -12.54 44.49
C LYS C 328 6.02 -13.51 44.67
N ASP C 329 6.73 -13.79 43.58
CA ASP C 329 7.75 -14.81 43.58
C ASP C 329 8.98 -14.36 44.33
N LEU C 330 9.42 -13.16 44.01
CA LEU C 330 10.71 -12.67 44.54
C LEU C 330 10.57 -12.25 46.01
N GLY C 331 9.40 -11.76 46.39
CA GLY C 331 9.05 -11.53 47.78
C GLY C 331 9.63 -10.23 48.34
N TRP C 332 10.13 -9.39 47.44
CA TRP C 332 10.60 -8.09 47.84
C TRP C 332 9.42 -7.20 48.25
N ASP C 333 9.67 -6.34 49.24
CA ASP C 333 8.68 -5.44 49.79
C ASP C 333 8.01 -4.62 48.69
N PRO C 334 6.71 -4.83 48.48
CA PRO C 334 6.11 -4.12 47.35
C PRO C 334 6.30 -2.62 47.48
N SER C 335 6.50 -2.12 48.70
CA SER C 335 6.60 -0.69 48.93
C SER C 335 7.82 -0.05 48.29
N ILE C 336 8.85 -0.85 48.01
CA ILE C 336 10.06 -0.34 47.35
C ILE C 336 10.10 -0.62 45.85
N VAL C 337 9.03 -1.19 45.32
CA VAL C 337 8.96 -1.50 43.90
C VAL C 337 8.20 -0.40 43.17
N ASN C 338 8.79 0.07 42.08
CA ASN C 338 8.22 1.12 41.24
C ASN C 338 7.57 2.25 42.04
N VAL C 339 8.35 2.90 42.92
CA VAL C 339 7.73 3.80 43.88
C VAL C 339 7.10 5.06 43.26
N ASN C 340 7.48 5.38 42.03
CA ASN C 340 6.92 6.53 41.30
C ASN C 340 6.01 6.10 40.19
N GLY C 341 5.42 4.92 40.36
CA GLY C 341 4.65 4.30 39.31
C GLY C 341 5.49 3.53 38.32
N GLY C 342 4.83 2.77 37.48
CA GLY C 342 5.52 1.97 36.48
C GLY C 342 4.89 2.11 35.12
N ALA C 343 5.33 1.26 34.20
CA ALA C 343 4.97 1.34 32.77
C ALA C 343 3.48 1.38 32.50
N ILE C 344 2.65 0.73 33.32
CA ILE C 344 1.21 0.74 33.03
C ILE C 344 0.73 2.20 32.97
N ALA C 345 1.27 3.02 33.90
CA ALA C 345 0.93 4.41 33.97
C ALA C 345 1.76 5.23 32.97
N ILE C 346 3.06 4.96 32.95
CA ILE C 346 4.03 5.80 32.19
C ILE C 346 4.12 5.46 30.71
N GLY C 347 3.92 4.19 30.39
CA GLY C 347 4.01 3.72 29.02
C GLY C 347 5.21 2.83 28.76
N HIS C 348 5.17 2.14 27.62
CA HIS C 348 6.16 1.11 27.31
C HIS C 348 6.73 1.35 25.91
N PRO C 349 7.64 2.34 25.77
CA PRO C 349 8.30 2.54 24.45
C PRO C 349 9.43 1.51 24.25
N ILE C 350 9.06 0.35 23.71
CA ILE C 350 9.86 -0.91 23.86
C ILE C 350 11.40 -0.77 24.01
N GLY C 351 12.06 -0.29 22.96
CA GLY C 351 13.52 -0.36 22.94
C GLY C 351 14.16 0.53 23.97
N ALA C 352 13.39 1.53 24.43
CA ALA C 352 13.80 2.51 25.43
C ALA C 352 13.41 2.13 26.86
N SER C 353 12.43 1.24 27.02
CA SER C 353 11.88 0.89 28.33
C SER C 353 12.95 0.65 29.38
N GLY C 354 13.94 -0.15 29.02
CA GLY C 354 14.93 -0.58 29.98
C GLY C 354 15.79 0.58 30.44
N ALA C 355 16.07 1.52 29.55
CA ALA C 355 16.83 2.72 29.94
C ALA C 355 15.93 3.71 30.67
N ARG C 356 14.65 3.73 30.32
CA ARG C 356 13.63 4.51 31.00
C ARG C 356 13.56 4.13 32.48
N ILE C 357 13.20 2.88 32.79
CA ILE C 357 13.12 2.48 34.20
C ILE C 357 14.44 2.62 34.95
N LEU C 358 15.56 2.47 34.25
CA LEU C 358 16.87 2.64 34.89
C LEU C 358 17.08 4.08 35.32
N ASN C 359 16.72 5.01 34.46
CA ASN C 359 16.69 6.42 34.81
C ASN C 359 15.91 6.63 36.07
N THR C 360 14.69 6.10 36.10
CA THR C 360 13.78 6.33 37.23
C THR C 360 14.41 5.78 38.53
N LEU C 361 15.04 4.63 38.43
CA LEU C 361 15.70 4.01 39.56
C LEU C 361 16.84 4.87 40.10
N LEU C 362 17.68 5.33 39.18
CA LEU C 362 18.90 6.07 39.53
C LEU C 362 18.48 7.38 40.20
N PHE C 363 17.51 8.12 39.64
CA PHE C 363 17.23 9.44 40.21
C PHE C 363 16.51 9.33 41.56
N GLU C 364 15.61 8.35 41.70
CA GLU C 364 14.98 8.09 42.99
C GLU C 364 15.98 7.57 44.02
N MET C 365 16.97 6.79 43.62
CA MET C 365 18.02 6.37 44.56
C MET C 365 18.75 7.61 45.06
N LYS C 366 19.11 8.49 44.14
CA LYS C 366 19.76 9.75 44.54
C LYS C 366 18.85 10.52 45.51
N ARG C 367 17.58 10.59 45.13
CA ARG C 367 16.55 11.35 45.85
C ARG C 367 16.37 10.89 47.28
N ARG C 368 16.26 9.56 47.48
CA ARG C 368 16.11 8.99 48.84
C ARG C 368 17.39 8.71 49.57
N GLY C 369 18.50 8.73 48.86
CA GLY C 369 19.78 8.27 49.40
C GLY C 369 19.88 6.75 49.54
N ALA C 370 19.10 6.05 48.72
CA ALA C 370 19.10 4.59 48.71
C ALA C 370 20.44 4.09 48.23
N ARG C 371 20.96 3.01 48.82
CA ARG C 371 22.29 2.50 48.43
C ARG C 371 22.25 1.47 47.29
N LYS C 372 21.47 0.42 47.45
CA LYS C 372 21.47 -0.69 46.51
C LYS C 372 20.16 -0.70 45.75
N GLY C 373 20.23 -0.93 44.45
CA GLY C 373 19.04 -0.93 43.63
C GLY C 373 19.12 -1.91 42.49
N LEU C 374 17.95 -2.32 41.99
CA LEU C 374 17.88 -3.27 40.88
C LEU C 374 16.80 -2.89 39.85
N ALA C 375 17.13 -2.99 38.55
CA ALA C 375 16.18 -2.81 37.44
C ALA C 375 16.04 -4.16 36.76
N THR C 376 14.83 -4.53 36.35
CA THR C 376 14.62 -5.77 35.64
C THR C 376 13.42 -5.61 34.74
N LEU C 377 13.43 -6.32 33.60
CA LEU C 377 12.29 -6.34 32.67
C LEU C 377 12.07 -7.75 32.12
N CYS C 378 10.82 -8.07 31.83
CA CYS C 378 10.44 -9.24 31.04
C CYS C 378 10.53 -8.89 29.55
N ILE C 379 10.78 -9.90 28.74
CA ILE C 379 11.23 -9.74 27.37
C ILE C 379 10.50 -10.72 26.49
N GLY C 380 9.83 -10.18 25.49
CA GLY C 380 9.11 -10.95 24.48
C GLY C 380 9.99 -12.04 23.91
N GLY C 381 9.39 -13.19 23.65
CA GLY C 381 10.11 -14.40 23.28
C GLY C 381 10.58 -15.24 24.45
N GLY C 382 10.50 -14.72 25.69
CA GLY C 382 10.85 -15.48 26.88
C GLY C 382 12.25 -15.17 27.33
N MET C 383 12.48 -13.93 27.72
CA MET C 383 13.72 -13.65 28.42
C MET C 383 13.50 -12.61 29.49
N GLY C 384 14.53 -12.38 30.28
CA GLY C 384 14.53 -11.35 31.31
C GLY C 384 15.93 -10.81 31.38
N VAL C 385 16.05 -9.57 31.81
CA VAL C 385 17.34 -8.92 32.04
C VAL C 385 17.22 -8.16 33.35
N ALA C 386 18.31 -8.14 34.10
CA ALA C 386 18.34 -7.37 35.32
C ALA C 386 19.70 -6.71 35.44
N MET C 387 19.78 -5.71 36.30
CA MET C 387 21.06 -4.99 36.55
C MET C 387 21.07 -4.48 37.97
N CYS C 388 22.16 -4.71 38.71
CA CYS C 388 22.26 -4.18 40.05
C CYS C 388 23.12 -2.91 40.08
N ILE C 389 22.62 -1.91 40.81
CA ILE C 389 23.26 -0.59 40.91
C ILE C 389 23.51 -0.26 42.38
N GLU C 390 24.72 0.21 42.67
CA GLU C 390 25.03 0.71 44.01
C GLU C 390 25.49 2.14 43.96
N SER C 391 25.01 2.93 44.92
CA SER C 391 25.41 4.32 45.02
C SER C 391 26.88 4.44 45.38
N LEU C 392 27.50 5.51 44.90
CA LEU C 392 28.83 5.87 45.33
C LEU C 392 28.56 6.85 46.45
N PRO D 3 42.18 -12.60 29.75
CA PRO D 3 41.34 -13.64 29.19
C PRO D 3 41.63 -13.93 27.73
N SER D 4 41.47 -15.19 27.32
CA SER D 4 41.83 -15.63 25.99
C SER D 4 40.68 -16.41 25.38
N ILE D 5 40.09 -15.83 24.33
CA ILE D 5 38.87 -16.34 23.74
C ILE D 5 39.18 -16.80 22.32
N VAL D 6 38.81 -18.06 22.02
CA VAL D 6 39.03 -18.70 20.72
C VAL D 6 37.71 -18.93 19.99
N ILE D 7 37.78 -18.95 18.66
CA ILE D 7 36.70 -19.43 17.85
C ILE D 7 36.92 -20.93 17.83
N ALA D 8 35.91 -21.64 18.34
CA ALA D 8 35.93 -23.08 18.43
C ALA D 8 35.69 -23.64 17.05
N SER D 9 34.66 -23.08 16.40
CA SER D 9 34.20 -23.52 15.11
C SER D 9 33.49 -22.38 14.38
N ALA D 10 33.12 -22.62 13.15
CA ALA D 10 32.61 -21.58 12.29
C ALA D 10 31.90 -22.22 11.11
N ALA D 11 30.77 -21.67 10.71
CA ALA D 11 30.12 -22.07 9.46
C ALA D 11 29.44 -20.88 8.81
N ARG D 12 29.18 -21.01 7.52
CA ARG D 12 28.37 -20.04 6.78
C ARG D 12 27.55 -20.73 5.74
N THR D 13 26.42 -20.13 5.40
CA THR D 13 25.69 -20.57 4.22
C THR D 13 26.48 -20.05 3.03
N ALA D 14 26.28 -20.70 1.89
CA ALA D 14 26.61 -20.08 0.61
C ALA D 14 25.86 -18.74 0.55
N VAL D 15 26.40 -17.80 -0.19
CA VAL D 15 25.77 -16.53 -0.39
C VAL D 15 24.96 -16.67 -1.67
N GLY D 16 23.68 -16.30 -1.53
CA GLY D 16 22.72 -16.29 -2.60
C GLY D 16 22.69 -14.92 -3.27
N SER D 17 22.41 -14.95 -4.56
CA SER D 17 22.23 -13.76 -5.38
C SER D 17 20.86 -13.20 -5.05
N PHE D 18 20.69 -11.92 -5.33
CA PHE D 18 19.45 -11.22 -5.03
C PHE D 18 18.25 -11.91 -5.70
N ASN D 19 17.18 -12.07 -4.94
CA ASN D 19 16.02 -12.85 -5.40
C ASN D 19 16.32 -14.19 -6.06
N GLY D 20 17.41 -14.81 -5.62
CA GLY D 20 17.88 -16.05 -6.20
C GLY D 20 17.56 -17.22 -5.30
N ALA D 21 18.59 -17.91 -4.86
CA ALA D 21 18.41 -19.18 -4.16
C ALA D 21 17.57 -19.07 -2.88
N PHE D 22 17.66 -17.93 -2.21
CA PHE D 22 17.08 -17.75 -0.88
C PHE D 22 15.96 -16.72 -0.91
N ALA D 23 15.49 -16.43 -2.14
CA ALA D 23 14.53 -15.37 -2.40
C ALA D 23 13.38 -15.35 -1.42
N ASN D 24 12.91 -16.51 -0.96
CA ASN D 24 11.81 -16.51 -0.01
C ASN D 24 12.20 -17.21 1.28
N THR D 25 13.48 -17.09 1.64
CA THR D 25 14.00 -17.68 2.84
C THR D 25 14.18 -16.56 3.86
N PRO D 26 13.48 -16.66 5.00
CA PRO D 26 13.76 -15.77 6.13
C PRO D 26 15.20 -15.80 6.54
N ALA D 27 15.71 -14.66 6.95
CA ALA D 27 17.04 -14.59 7.51
C ALA D 27 17.31 -15.66 8.59
N HIS D 28 16.35 -15.84 9.48
CA HIS D 28 16.53 -16.59 10.71
C HIS D 28 16.61 -18.08 10.47
N GLU D 29 16.09 -18.53 9.34
CA GLU D 29 16.25 -19.93 8.92
C GLU D 29 17.68 -20.21 8.41
N LEU D 30 18.26 -19.25 7.72
CA LEU D 30 19.66 -19.38 7.30
C LEU D 30 20.55 -19.34 8.53
N GLY D 31 20.16 -18.47 9.46
CA GLY D 31 20.80 -18.35 10.77
C GLY D 31 20.75 -19.64 11.57
N ALA D 32 19.57 -20.23 11.68
CA ALA D 32 19.40 -21.48 12.42
C ALA D 32 20.32 -22.57 11.85
N THR D 33 20.55 -22.59 10.54
CA THR D 33 21.43 -23.59 9.93
C THR D 33 22.90 -23.40 10.35
N VAL D 34 23.34 -22.14 10.36
CA VAL D 34 24.70 -21.80 10.71
C VAL D 34 24.96 -22.05 12.19
N ILE D 35 24.01 -21.67 13.06
CA ILE D 35 24.15 -21.98 14.50
C ILE D 35 24.32 -23.48 14.72
N SER D 36 23.43 -24.30 14.15
CA SER D 36 23.57 -25.77 14.30
C SER D 36 24.90 -26.30 13.79
N ALA D 37 25.37 -25.74 12.67
CA ALA D 37 26.60 -26.21 12.01
C ALA D 37 27.83 -25.88 12.86
N VAL D 38 27.90 -24.68 13.42
CA VAL D 38 29.01 -24.38 14.37
C VAL D 38 29.09 -25.41 15.54
N LEU D 39 27.93 -25.67 16.16
CA LEU D 39 27.81 -26.62 17.31
C LEU D 39 28.15 -28.06 16.92
N GLU D 40 27.66 -28.48 15.77
CA GLU D 40 27.97 -29.82 15.27
C GLU D 40 29.46 -29.96 14.97
N ARG D 41 30.07 -28.92 14.40
CA ARG D 41 31.44 -29.02 13.96
C ARG D 41 32.36 -29.04 15.18
N ALA D 42 31.93 -28.34 16.25
CA ALA D 42 32.67 -28.25 17.50
C ALA D 42 32.39 -29.43 18.45
N GLY D 43 31.34 -30.21 18.20
CA GLY D 43 30.94 -31.27 19.09
C GLY D 43 30.38 -30.71 20.37
N VAL D 44 29.68 -29.59 20.28
CA VAL D 44 29.06 -28.95 21.43
C VAL D 44 27.54 -29.10 21.40
N ALA D 45 26.97 -29.66 22.47
CA ALA D 45 25.53 -29.66 22.66
C ALA D 45 24.97 -28.24 22.57
N ALA D 46 23.85 -28.09 21.87
CA ALA D 46 23.20 -26.76 21.72
C ALA D 46 22.79 -26.23 23.08
N GLY D 47 22.44 -27.14 23.99
CA GLY D 47 22.03 -26.76 25.34
C GLY D 47 23.16 -26.17 26.16
N GLU D 48 24.40 -26.28 25.66
CA GLU D 48 25.57 -25.68 26.29
C GLU D 48 25.71 -24.19 25.92
N VAL D 49 24.90 -23.72 24.97
CA VAL D 49 25.00 -22.35 24.47
C VAL D 49 24.36 -21.36 25.44
N ASN D 50 25.13 -20.35 25.87
CA ASN D 50 24.59 -19.27 26.71
C ASN D 50 23.77 -18.28 25.90
N GLU D 51 24.36 -17.76 24.83
CA GLU D 51 23.71 -16.73 24.04
C GLU D 51 24.08 -16.80 22.57
N VAL D 52 23.19 -16.27 21.74
CA VAL D 52 23.36 -16.19 20.31
C VAL D 52 23.22 -14.70 19.94
N ILE D 53 24.21 -14.16 19.24
CA ILE D 53 24.26 -12.72 18.95
C ILE D 53 24.37 -12.61 17.46
N LEU D 54 23.38 -12.02 16.82
CA LEU D 54 23.39 -11.98 15.39
C LEU D 54 23.30 -10.56 14.86
N GLY D 55 24.29 -10.20 14.06
CA GLY D 55 24.13 -9.01 13.24
C GLY D 55 23.00 -9.22 12.25
N GLN D 56 22.19 -8.18 12.05
CA GLN D 56 21.13 -8.15 11.02
C GLN D 56 20.74 -6.70 10.84
N VAL D 57 20.71 -6.24 9.60
CA VAL D 57 20.45 -4.84 9.31
C VAL D 57 19.00 -4.65 8.83
N LEU D 58 18.37 -5.74 8.37
CA LEU D 58 17.08 -5.64 7.69
C LEU D 58 16.03 -6.63 8.23
N PRO D 59 15.59 -6.45 9.50
CA PRO D 59 14.60 -7.35 10.16
C PRO D 59 13.08 -6.98 10.01
N ALA D 60 12.72 -5.98 9.20
CA ALA D 60 11.30 -5.56 9.15
C ALA D 60 10.36 -6.64 8.56
N GLY D 61 9.27 -6.89 9.29
CA GLY D 61 8.30 -7.92 8.92
C GLY D 61 8.64 -9.30 9.43
N GLU D 62 9.88 -9.52 9.90
CA GLU D 62 10.32 -10.88 10.19
C GLU D 62 9.89 -11.38 11.57
N GLY D 63 9.25 -10.53 12.38
CA GLY D 63 8.71 -10.95 13.67
C GLY D 63 9.71 -10.72 14.77
N GLN D 64 9.23 -10.82 16.02
CA GLN D 64 10.05 -10.42 17.17
C GLN D 64 11.42 -11.06 17.11
N ASN D 65 12.46 -10.25 17.33
CA ASN D 65 13.83 -10.71 17.60
C ASN D 65 14.20 -11.95 16.78
N PRO D 66 14.47 -11.76 15.48
CA PRO D 66 14.84 -12.93 14.68
C PRO D 66 16.07 -13.76 15.12
N ALA D 67 16.99 -13.19 15.89
CA ALA D 67 18.14 -13.95 16.42
C ALA D 67 17.71 -15.02 17.38
N ARG D 68 16.70 -14.72 18.18
CA ARG D 68 16.08 -15.71 19.06
C ARG D 68 15.25 -16.69 18.22
N GLN D 69 14.62 -16.24 17.13
CA GLN D 69 13.91 -17.19 16.29
C GLN D 69 14.89 -18.21 15.67
N ALA D 70 16.08 -17.76 15.30
CA ALA D 70 17.12 -18.64 14.77
C ALA D 70 17.59 -19.58 15.88
N ALA D 71 17.79 -18.99 17.03
CA ALA D 71 18.37 -19.71 18.16
C ALA D 71 17.44 -20.86 18.47
N MET D 72 16.14 -20.59 18.46
CA MET D 72 15.15 -21.60 18.82
C MET D 72 15.00 -22.62 17.71
N LYS D 73 14.99 -22.15 16.46
CA LYS D 73 14.88 -23.07 15.30
C LYS D 73 16.13 -23.98 15.20
N ALA D 74 17.27 -23.50 15.69
CA ALA D 74 18.50 -24.32 15.77
C ALA D 74 18.56 -25.25 16.99
N GLY D 75 17.54 -25.26 17.85
CA GLY D 75 17.53 -26.21 18.96
C GLY D 75 18.26 -25.75 20.20
N VAL D 76 18.73 -24.51 20.20
CA VAL D 76 19.24 -23.91 21.40
C VAL D 76 18.00 -23.78 22.30
N PRO D 77 18.08 -24.33 23.53
CA PRO D 77 16.91 -24.29 24.42
C PRO D 77 16.40 -22.88 24.75
N GLN D 78 15.15 -22.82 25.24
CA GLN D 78 14.54 -21.56 25.70
C GLN D 78 15.35 -20.88 26.80
N GLU D 79 16.21 -21.62 27.51
CA GLU D 79 17.03 -21.07 28.58
C GLU D 79 18.12 -20.10 28.11
N ALA D 80 18.60 -20.24 26.88
CA ALA D 80 19.61 -19.31 26.37
C ALA D 80 18.95 -17.98 26.07
N THR D 81 19.79 -17.02 25.71
CA THR D 81 19.30 -15.72 25.33
C THR D 81 19.72 -15.49 23.90
N ALA D 82 19.11 -14.50 23.26
CA ALA D 82 19.55 -14.08 21.94
C ALA D 82 19.22 -12.64 21.65
N TRP D 83 20.07 -12.05 20.84
CA TRP D 83 19.77 -10.72 20.36
C TRP D 83 20.46 -10.41 19.06
N GLY D 84 19.92 -9.37 18.44
CA GLY D 84 20.33 -8.80 17.17
C GLY D 84 21.00 -7.46 17.39
N MET D 85 21.84 -7.11 16.42
CA MET D 85 22.55 -5.83 16.48
C MET D 85 22.92 -5.40 15.07
N ASN D 86 23.13 -4.10 14.96
CA ASN D 86 23.32 -3.42 13.69
C ASN D 86 24.41 -2.34 13.84
N GLN D 87 25.60 -2.66 13.33
CA GLN D 87 26.56 -1.67 12.89
C GLN D 87 26.69 -1.82 11.35
N LEU D 88 25.53 -1.83 10.67
CA LEU D 88 25.46 -2.13 9.24
C LEU D 88 26.46 -3.23 8.80
N GLY D 90 29.33 -3.94 9.29
CA GLY D 90 30.24 -4.44 10.32
C GLY D 90 29.59 -5.40 11.30
N SER D 91 28.26 -5.49 11.28
CA SER D 91 27.51 -6.18 12.32
C SER D 91 28.01 -7.61 12.49
N GLY D 92 28.16 -8.35 11.38
CA GLY D 92 28.58 -9.74 11.42
C GLY D 92 29.91 -9.96 12.10
N LEU D 93 30.84 -9.03 11.95
CA LEU D 93 32.11 -9.10 12.65
C LEU D 93 31.92 -8.48 14.05
N ARG D 94 31.19 -7.37 14.14
CA ARG D 94 31.03 -6.79 15.45
C ARG D 94 30.41 -7.80 16.41
N ALA D 95 29.46 -8.59 15.90
CA ALA D 95 28.79 -9.61 16.70
C ALA D 95 29.80 -10.50 17.38
N VAL D 96 30.86 -10.87 16.66
CA VAL D 96 31.90 -11.80 17.19
C VAL D 96 32.79 -11.18 18.29
N ALA D 97 33.19 -9.92 18.09
CA ALA D 97 33.76 -9.08 19.15
C ALA D 97 32.85 -9.03 20.39
N LEU D 98 31.58 -8.78 20.18
CA LEU D 98 30.60 -8.64 21.24
C LEU D 98 30.52 -9.95 22.04
N GLY D 99 30.41 -11.10 21.36
CA GLY D 99 30.44 -12.42 22.03
C GLY D 99 31.72 -12.71 22.81
N MET D 100 32.86 -12.30 22.23
CA MET D 100 34.15 -12.43 22.91
C MET D 100 34.13 -11.65 24.20
N GLN D 101 33.48 -10.50 24.19
CA GLN D 101 33.39 -9.66 25.41
C GLN D 101 32.52 -10.33 26.44
N GLN D 102 31.40 -10.90 26.00
CA GLN D 102 30.59 -11.70 26.90
C GLN D 102 31.41 -12.71 27.67
N ILE D 103 32.34 -13.40 26.99
CA ILE D 103 33.20 -14.41 27.61
C ILE D 103 34.37 -13.80 28.41
N ALA D 104 34.95 -12.75 27.86
CA ALA D 104 35.98 -12.02 28.56
C ALA D 104 35.52 -11.49 29.93
N THR D 105 34.28 -11.02 30.04
CA THR D 105 33.85 -10.41 31.31
C THR D 105 33.30 -11.44 32.29
N GLY D 106 33.19 -12.70 31.85
CA GLY D 106 32.71 -13.78 32.67
C GLY D 106 31.21 -13.86 32.80
N ASP D 107 30.54 -13.37 31.76
CA ASP D 107 29.08 -13.38 31.70
C ASP D 107 28.53 -14.59 30.92
N ALA D 108 29.43 -15.28 30.23
CA ALA D 108 29.05 -16.44 29.42
C ALA D 108 30.23 -17.36 29.22
N SER D 109 29.92 -18.63 28.95
CA SER D 109 30.91 -19.66 28.68
C SER D 109 31.02 -19.92 27.18
N ILE D 110 29.89 -19.96 26.51
CA ILE D 110 29.83 -20.31 25.10
C ILE D 110 28.88 -19.38 24.37
N ILE D 111 29.36 -18.76 23.30
CA ILE D 111 28.56 -17.87 22.50
C ILE D 111 28.61 -18.33 21.08
N VAL D 112 27.48 -18.22 20.42
CA VAL D 112 27.42 -18.26 18.97
C VAL D 112 27.19 -16.85 18.47
N ALA D 113 28.14 -16.39 17.68
CA ALA D 113 28.07 -15.02 17.18
C ALA D 113 28.23 -14.97 15.69
N GLY D 114 27.45 -14.11 15.03
CA GLY D 114 27.72 -13.83 13.64
C GLY D 114 26.72 -12.89 13.07
N GLY D 115 26.20 -13.19 11.88
CA GLY D 115 25.20 -12.39 11.27
C GLY D 115 24.37 -13.16 10.30
N MET D 116 23.26 -12.56 9.90
CA MET D 116 22.37 -13.15 8.96
C MET D 116 21.70 -12.04 8.21
N GLU D 117 21.46 -12.26 6.93
CA GLU D 117 20.70 -11.29 6.15
C GLU D 117 19.91 -11.92 5.00
N SER D 118 18.68 -11.49 4.81
CA SER D 118 17.98 -11.75 3.56
C SER D 118 17.58 -10.42 2.96
N MET D 119 18.38 -9.97 1.99
CA MET D 119 18.07 -8.72 1.34
C MET D 119 16.88 -8.89 0.43
N SER D 120 16.68 -10.07 -0.13
CA SER D 120 15.51 -10.37 -0.99
C SER D 120 14.20 -10.29 -0.21
N MET D 121 14.25 -10.66 1.08
CA MET D 121 13.01 -10.71 1.87
C MET D 121 12.63 -9.35 2.49
N ALA D 122 13.55 -8.39 2.43
CA ALA D 122 13.30 -7.00 2.88
C ALA D 122 12.05 -6.41 2.21
N PRO D 123 11.11 -5.95 3.05
CA PRO D 123 9.85 -5.42 2.50
C PRO D 123 9.93 -3.95 2.06
N HIS D 124 8.88 -3.50 1.39
CA HIS D 124 8.57 -2.04 1.17
C HIS D 124 7.65 -1.57 2.30
N CYS D 125 7.79 -0.32 2.70
CA CYS D 125 7.10 0.15 3.88
C CYS D 125 6.72 1.62 3.69
N ALA D 126 5.76 2.05 4.49
CA ALA D 126 5.40 3.44 4.55
C ALA D 126 4.82 3.64 5.91
N HIS D 127 5.13 4.78 6.52
CA HIS D 127 4.49 5.16 7.75
C HIS D 127 3.12 5.70 7.44
N LEU D 128 2.10 5.06 8.00
CA LEU D 128 0.74 5.31 7.56
C LEU D 128 -0.31 5.50 8.69
N ARG D 129 0.11 5.75 9.92
CA ARG D 129 -0.85 5.91 11.03
C ARG D 129 -1.63 7.21 10.99
N GLY D 130 -0.94 8.29 10.67
CA GLY D 130 -1.59 9.58 10.54
C GLY D 130 -2.46 9.62 9.30
N GLY D 131 -2.22 8.74 8.35
CA GLY D 131 -2.98 8.72 7.12
C GLY D 131 -2.60 9.78 6.11
N VAL D 132 -2.69 9.42 4.84
CA VAL D 132 -2.34 10.34 3.78
C VAL D 132 -3.60 10.99 3.32
N LYS D 133 -3.84 12.22 3.77
CA LYS D 133 -5.13 12.83 3.52
C LYS D 133 -5.38 13.11 2.04
N MET D 134 -4.34 13.53 1.31
CA MET D 134 -4.44 13.54 -0.15
C MET D 134 -3.03 13.61 -0.78
N GLY D 135 -2.96 13.11 -1.99
CA GLY D 135 -1.76 13.10 -2.79
C GLY D 135 -1.03 11.80 -2.81
N ASP D 136 -0.10 11.68 -3.73
CA ASP D 136 0.65 10.45 -3.84
C ASP D 136 1.58 10.33 -2.67
N PHE D 137 2.00 9.12 -2.37
CA PHE D 137 3.14 8.90 -1.44
C PHE D 137 4.05 7.80 -1.96
N LYS D 138 5.23 7.67 -1.35
CA LYS D 138 6.21 6.67 -1.74
C LYS D 138 6.18 5.50 -0.82
N MET D 139 6.07 4.32 -1.42
CA MET D 139 6.47 3.09 -0.71
C MET D 139 7.95 2.89 -0.76
N ILE D 140 8.55 2.83 0.43
CA ILE D 140 10.00 2.82 0.58
C ILE D 140 10.61 1.38 0.58
N ASP D 141 11.58 1.11 -0.29
CA ASP D 141 12.37 -0.13 -0.23
C ASP D 141 13.28 -0.11 0.99
N THR D 142 12.91 -0.87 2.04
CA THR D 142 13.67 -0.83 3.28
C THR D 142 15.07 -1.33 3.08
N MET D 143 15.29 -2.18 2.08
CA MET D 143 16.68 -2.63 1.78
C MET D 143 17.55 -1.42 1.40
N ILE D 144 16.97 -0.50 0.65
CA ILE D 144 17.72 0.64 0.13
C ILE D 144 17.81 1.70 1.22
N LYS D 145 16.66 2.11 1.74
CA LYS D 145 16.64 3.09 2.82
C LYS D 145 17.53 2.65 3.96
N ASP D 146 17.24 1.49 4.54
CA ASP D 146 17.85 1.13 5.81
C ASP D 146 19.19 0.43 5.63
N GLY D 147 19.54 0.09 4.39
CA GLY D 147 20.72 -0.71 4.11
C GLY D 147 21.82 0.00 3.38
N LEU D 148 21.49 0.73 2.31
CA LEU D 148 22.51 1.23 1.39
C LEU D 148 22.40 2.73 1.11
N THR D 149 21.65 3.46 1.93
CA THR D 149 21.43 4.88 1.71
C THR D 149 21.95 5.61 2.90
N ASP D 150 22.89 6.53 2.67
CA ASP D 150 23.53 7.24 3.78
C ASP D 150 22.55 8.25 4.36
N ALA D 151 22.40 8.19 5.68
CA ALA D 151 21.36 8.93 6.40
C ALA D 151 21.57 10.43 6.35
N PHE D 152 22.81 10.84 6.14
CA PHE D 152 23.20 12.23 6.31
C PHE D 152 23.16 13.01 5.00
N TYR D 153 23.63 12.39 3.93
CA TYR D 153 23.67 13.05 2.64
C TYR D 153 22.58 12.56 1.74
N GLY D 154 22.01 11.41 2.08
CA GLY D 154 20.86 10.87 1.37
C GLY D 154 21.22 10.24 0.04
N TYR D 155 22.49 9.90 -0.13
CA TYR D 155 22.90 9.21 -1.35
C TYR D 155 23.34 7.80 -1.03
N HIS D 156 23.44 6.96 -2.06
CA HIS D 156 23.75 5.57 -1.87
C HIS D 156 25.23 5.39 -1.55
N MET D 157 25.59 4.17 -1.18
CA MET D 157 26.96 3.83 -0.83
C MET D 157 27.91 3.90 -2.02
N GLY D 158 27.35 3.87 -3.23
CA GLY D 158 28.14 3.98 -4.46
C GLY D 158 28.64 5.39 -4.76
N THR D 159 28.02 6.39 -4.15
CA THR D 159 28.50 7.76 -4.26
C THR D 159 29.73 7.92 -3.37
N THR D 160 29.66 7.38 -2.14
CA THR D 160 30.84 7.39 -1.25
C THR D 160 32.08 6.78 -1.96
N ALA D 161 31.89 5.62 -2.59
CA ALA D 161 32.97 4.92 -3.32
C ALA D 161 33.53 5.79 -4.42
N GLU D 162 32.67 6.58 -5.05
CA GLU D 162 33.10 7.57 -6.04
C GLU D 162 33.90 8.71 -5.40
N ASN D 163 33.43 9.17 -4.24
CA ASN D 163 34.17 10.14 -3.43
C ASN D 163 35.59 9.64 -3.09
N VAL D 164 35.70 8.34 -2.85
CA VAL D 164 37.00 7.72 -2.55
C VAL D 164 37.86 7.49 -3.81
N ALA D 165 37.20 7.12 -4.92
CA ALA D 165 37.84 7.00 -6.23
C ALA D 165 38.49 8.31 -6.67
N LYS D 166 37.84 9.42 -6.34
CA LYS D 166 38.30 10.74 -6.74
C LYS D 166 39.37 11.30 -5.79
N GLN D 167 39.35 10.88 -4.53
CA GLN D 167 40.37 11.27 -3.56
C GLN D 167 41.67 10.49 -3.77
N TRP D 168 41.54 9.18 -3.93
CA TRP D 168 42.69 8.31 -4.20
C TRP D 168 43.01 8.25 -5.69
N GLN D 169 42.18 8.89 -6.52
CA GLN D 169 42.45 9.04 -7.94
C GLN D 169 42.66 7.67 -8.57
N LEU D 170 41.64 6.83 -8.41
CA LEU D 170 41.65 5.45 -8.88
C LEU D 170 40.91 5.33 -10.22
N SER D 171 41.63 4.86 -11.24
CA SER D 171 41.11 4.75 -12.60
C SER D 171 40.03 3.67 -12.73
N ARG D 172 39.20 3.80 -13.77
CA ARG D 172 38.16 2.81 -14.08
C ARG D 172 38.81 1.50 -14.55
N ASP D 173 39.97 1.64 -15.17
CA ASP D 173 40.78 0.49 -15.56
C ASP D 173 41.22 -0.29 -14.31
N GLU D 174 41.76 0.43 -13.33
CA GLU D 174 42.26 -0.17 -12.09
C GLU D 174 41.18 -0.95 -11.33
N GLN D 175 39.99 -0.38 -11.28
CA GLN D 175 38.86 -1.01 -10.58
C GLN D 175 38.35 -2.25 -11.33
N ASP D 176 38.40 -2.23 -12.66
CA ASP D 176 38.10 -3.41 -13.48
C ASP D 176 39.19 -4.45 -13.41
N ALA D 177 40.44 -4.00 -13.28
CA ALA D 177 41.56 -4.88 -13.00
C ALA D 177 41.30 -5.56 -11.65
N PHE D 178 40.81 -4.78 -10.69
CA PHE D 178 40.50 -5.32 -9.37
C PHE D 178 39.30 -6.28 -9.40
N ALA D 179 38.29 -5.92 -10.19
CA ALA D 179 37.02 -6.63 -10.20
C ALA D 179 37.14 -7.99 -10.88
N VAL D 180 37.85 -8.03 -12.02
CA VAL D 180 38.12 -9.29 -12.71
C VAL D 180 39.02 -10.18 -11.85
N ALA D 181 40.06 -9.58 -11.26
CA ALA D 181 40.99 -10.28 -10.38
C ALA D 181 40.28 -10.98 -9.22
N SER D 182 39.26 -10.32 -8.69
CA SER D 182 38.46 -10.83 -7.58
C SER D 182 37.63 -12.03 -8.03
N GLN D 183 36.94 -11.89 -9.15
CA GLN D 183 36.11 -12.96 -9.70
C GLN D 183 36.94 -14.21 -10.03
N ASN D 184 38.12 -14.00 -10.63
CA ASN D 184 39.01 -15.07 -11.02
C ASN D 184 39.41 -15.91 -9.82
N LYS D 185 39.90 -15.23 -8.78
CA LYS D 185 40.23 -15.88 -7.52
C LYS D 185 39.04 -16.68 -6.97
N ALA D 186 37.85 -16.09 -7.00
CA ALA D 186 36.63 -16.72 -6.45
C ALA D 186 36.19 -17.97 -7.22
N GLU D 187 36.24 -17.90 -8.55
CA GLU D 187 35.95 -19.09 -9.38
C GLU D 187 37.07 -20.14 -9.25
N ALA D 188 38.31 -19.67 -9.21
CA ALA D 188 39.43 -20.59 -8.95
C ALA D 188 39.17 -21.29 -7.62
N ALA D 189 39.06 -20.50 -6.56
CA ALA D 189 38.84 -21.02 -5.22
C ALA D 189 37.65 -21.98 -5.17
N GLN D 190 36.54 -21.59 -5.82
CA GLN D 190 35.29 -22.36 -5.76
C GLN D 190 35.43 -23.75 -6.33
N LYS D 191 35.84 -23.81 -7.59
CA LYS D 191 36.05 -25.07 -8.32
C LYS D 191 37.14 -25.87 -7.66
N ASP D 192 38.12 -25.19 -7.07
CA ASP D 192 39.24 -25.84 -6.37
C ASP D 192 38.81 -26.49 -5.05
N GLY D 193 37.59 -26.20 -4.60
CA GLY D 193 37.03 -26.87 -3.44
C GLY D 193 37.41 -26.19 -2.13
N ARG D 194 37.70 -24.90 -2.18
CA ARG D 194 38.17 -24.19 -1.00
C ARG D 194 37.05 -23.50 -0.21
N PHE D 195 35.83 -23.49 -0.73
CA PHE D 195 34.70 -23.01 0.06
C PHE D 195 33.94 -24.15 0.72
N LYS D 196 34.33 -25.40 0.45
CA LYS D 196 33.57 -26.54 0.95
C LYS D 196 33.53 -26.61 2.47
N ASP D 197 34.70 -26.52 3.11
CA ASP D 197 34.77 -26.62 4.57
C ASP D 197 33.87 -25.59 5.25
N GLU D 198 34.06 -24.31 4.90
CA GLU D 198 33.34 -23.23 5.56
C GLU D 198 31.83 -23.27 5.29
N ILE D 199 31.44 -23.60 4.05
CA ILE D 199 30.03 -23.70 3.70
C ILE D 199 29.40 -24.89 4.45
N VAL D 200 28.23 -24.65 5.03
CA VAL D 200 27.27 -25.69 5.41
C VAL D 200 26.15 -25.61 4.40
N PRO D 201 25.77 -26.77 3.78
CA PRO D 201 24.64 -26.72 2.85
C PRO D 201 23.32 -26.27 3.49
N PHE D 202 22.47 -25.61 2.71
CA PHE D 202 21.16 -25.21 3.20
C PHE D 202 20.11 -25.77 2.28
N ILE D 203 19.14 -26.42 2.90
CA ILE D 203 18.03 -27.05 2.20
C ILE D 203 16.91 -26.02 2.11
N VAL D 204 16.57 -25.62 0.89
CA VAL D 204 15.41 -24.76 0.68
C VAL D 204 14.21 -25.67 0.45
N LYS D 205 13.26 -25.62 1.38
CA LYS D 205 12.07 -26.46 1.34
C LYS D 205 11.11 -25.95 0.29
N GLY D 206 10.49 -26.87 -0.45
CA GLY D 206 9.49 -26.50 -1.46
C GLY D 206 8.47 -27.60 -1.72
N ARG D 207 7.26 -27.18 -2.11
CA ARG D 207 6.20 -28.08 -2.58
C ARG D 207 6.51 -28.75 -3.92
N LYS D 208 7.47 -28.19 -4.66
CA LYS D 208 7.91 -28.78 -5.92
C LYS D 208 9.09 -29.74 -5.70
N GLY D 209 9.78 -29.55 -4.59
CA GLY D 209 10.91 -30.38 -4.21
C GLY D 209 11.85 -29.54 -3.35
N ASP D 210 12.57 -30.21 -2.46
CA ASP D 210 13.60 -29.52 -1.71
C ASP D 210 14.74 -29.26 -2.67
N ILE D 211 15.52 -28.21 -2.38
CA ILE D 211 16.78 -27.96 -3.07
C ILE D 211 17.87 -27.77 -2.03
N THR D 212 19.07 -28.21 -2.34
CA THR D 212 20.19 -28.06 -1.42
C THR D 212 21.15 -27.06 -2.01
N VAL D 213 21.26 -25.92 -1.33
CA VAL D 213 22.16 -24.86 -1.75
C VAL D 213 23.47 -25.05 -0.97
N ASP D 214 24.56 -25.26 -1.71
CA ASP D 214 25.88 -25.39 -1.11
C ASP D 214 26.99 -24.85 -2.02
N ALA D 215 26.62 -23.92 -2.91
CA ALA D 215 27.59 -23.20 -3.72
C ALA D 215 27.21 -21.72 -3.79
N ASP D 216 28.21 -20.85 -3.75
CA ASP D 216 28.00 -19.40 -3.85
C ASP D 216 27.57 -19.09 -5.27
N GLU D 217 26.43 -18.46 -5.44
CA GLU D 217 25.86 -18.32 -6.80
C GLU D 217 26.03 -16.95 -7.46
N TYR D 218 26.50 -15.97 -6.71
CA TYR D 218 26.73 -14.63 -7.24
C TYR D 218 28.04 -14.51 -8.04
N ILE D 219 28.95 -15.49 -7.86
CA ILE D 219 30.24 -15.54 -8.57
C ILE D 219 30.07 -15.76 -10.07
N ARG D 220 30.69 -14.91 -10.87
CA ARG D 220 30.65 -15.00 -12.33
C ARG D 220 31.78 -15.86 -12.88
N HIS D 221 31.43 -16.85 -13.70
CA HIS D 221 32.42 -17.76 -14.25
C HIS D 221 32.97 -17.28 -15.60
N GLY D 222 34.28 -17.05 -15.65
CA GLY D 222 34.97 -16.57 -16.84
C GLY D 222 34.92 -15.06 -16.96
N ALA D 223 35.12 -14.38 -15.83
CA ALA D 223 34.98 -12.91 -15.79
C ALA D 223 36.08 -12.25 -16.60
N THR D 224 35.69 -11.61 -17.71
CA THR D 224 36.62 -10.92 -18.59
C THR D 224 36.60 -9.42 -18.29
N LEU D 225 37.72 -8.74 -18.57
CA LEU D 225 37.78 -7.27 -18.44
C LEU D 225 36.77 -6.58 -19.36
N ASP D 226 36.55 -7.16 -20.53
CA ASP D 226 35.58 -6.61 -21.49
C ASP D 226 34.20 -6.40 -20.90
N SER D 227 33.68 -7.45 -20.26
CA SER D 227 32.37 -7.42 -19.62
C SER D 227 32.31 -6.33 -18.56
N MET D 228 33.43 -6.12 -17.85
CA MET D 228 33.59 -4.98 -16.94
C MET D 228 33.60 -3.67 -17.72
N ALA D 229 34.52 -3.54 -18.68
CA ALA D 229 34.69 -2.30 -19.45
C ALA D 229 33.49 -1.95 -20.34
N LYS D 230 32.60 -2.91 -20.55
CA LYS D 230 31.34 -2.68 -21.24
C LYS D 230 30.23 -2.07 -20.36
N LEU D 231 30.47 -1.95 -19.05
CA LEU D 231 29.46 -1.38 -18.13
C LEU D 231 29.45 0.16 -18.13
N ARG D 232 28.26 0.73 -17.95
CA ARG D 232 28.13 2.17 -17.73
C ARG D 232 28.24 2.47 -16.22
N PRO D 233 28.72 3.68 -15.86
CA PRO D 233 28.74 4.04 -14.44
C PRO D 233 27.34 4.08 -13.83
N ALA D 234 27.22 3.58 -12.61
CA ALA D 234 25.93 3.40 -11.93
C ALA D 234 25.51 4.59 -11.04
N PHE D 235 26.49 5.39 -10.60
CA PHE D 235 26.24 6.42 -9.59
C PHE D 235 26.59 7.85 -10.01
N ASP D 236 27.30 8.00 -11.13
CA ASP D 236 27.61 9.30 -11.70
C ASP D 236 27.87 9.10 -13.18
N LYS D 237 27.28 9.97 -14.01
CA LYS D 237 27.38 9.84 -15.46
C LYS D 237 28.82 9.95 -15.98
N GLU D 238 29.70 10.59 -15.21
CA GLU D 238 31.14 10.63 -15.53
C GLU D 238 32.00 9.82 -14.54
N GLY D 239 31.37 8.93 -13.79
CA GLY D 239 32.05 8.17 -12.73
C GLY D 239 32.81 6.93 -13.20
N THR D 240 33.44 6.25 -12.24
CA THR D 240 34.15 4.99 -12.50
C THR D 240 33.60 3.79 -11.74
N VAL D 241 32.53 3.98 -10.95
CA VAL D 241 31.95 2.87 -10.21
C VAL D 241 30.83 2.26 -11.05
N THR D 242 30.74 0.93 -11.01
CA THR D 242 29.82 0.17 -11.83
C THR D 242 29.24 -1.00 -11.05
N ALA D 243 28.29 -1.68 -11.67
CA ALA D 243 27.75 -2.93 -11.15
C ALA D 243 28.84 -4.01 -11.02
N GLY D 244 29.80 -3.97 -11.94
CA GLY D 244 30.86 -4.98 -12.00
C GLY D 244 31.99 -4.80 -11.01
N ASN D 245 32.32 -3.55 -10.70
CA ASN D 245 33.33 -3.22 -9.70
C ASN D 245 32.69 -2.76 -8.38
N ALA D 246 31.51 -3.31 -8.10
CA ALA D 246 30.88 -3.13 -6.81
C ALA D 246 30.27 -4.45 -6.44
N SER D 247 30.04 -4.65 -5.14
CA SER D 247 29.41 -5.86 -4.67
C SER D 247 27.93 -5.89 -5.00
N GLY D 248 27.29 -7.00 -4.67
CA GLY D 248 25.90 -7.20 -5.00
C GLY D 248 24.99 -7.09 -3.80
N LEU D 249 23.71 -7.31 -4.06
CA LEU D 249 22.71 -7.46 -3.01
C LEU D 249 22.58 -8.98 -2.84
N ASN D 250 22.55 -9.43 -1.60
CA ASN D 250 22.70 -10.84 -1.30
C ASN D 250 22.03 -11.31 0.01
N ASP D 251 21.76 -12.61 0.05
CA ASP D 251 21.25 -13.26 1.24
C ASP D 251 22.26 -14.24 1.77
N GLY D 252 22.30 -14.40 3.08
CA GLY D 252 23.18 -15.39 3.69
C GLY D 252 23.35 -15.26 5.20
N ALA D 253 24.07 -16.21 5.77
CA ALA D 253 24.39 -16.21 7.20
C ALA D 253 25.74 -16.84 7.46
N ALA D 254 26.33 -16.49 8.59
CA ALA D 254 27.66 -16.94 8.97
C ALA D 254 27.79 -16.73 10.46
N ALA D 255 28.53 -17.63 11.11
CA ALA D 255 28.67 -17.57 12.56
C ALA D 255 29.90 -18.28 13.07
N ALA D 256 30.30 -17.93 14.29
CA ALA D 256 31.38 -18.58 14.99
C ALA D 256 30.93 -19.01 16.39
N LEU D 257 31.49 -20.13 16.85
CA LEU D 257 31.28 -20.62 18.21
C LEU D 257 32.45 -20.11 19.05
N LEU D 258 32.15 -19.23 20.01
CA LEU D 258 33.19 -18.76 20.91
C LEU D 258 33.12 -19.41 22.31
N MET D 259 34.32 -19.59 22.85
CA MET D 259 34.55 -20.05 24.23
C MET D 259 35.97 -19.71 24.57
N SER D 260 36.30 -19.80 25.86
CA SER D 260 37.65 -19.53 26.30
C SER D 260 38.58 -20.54 25.65
N GLU D 261 39.85 -20.18 25.57
CA GLU D 261 40.87 -21.16 25.20
C GLU D 261 40.90 -22.38 26.13
N ALA D 262 40.79 -22.14 27.43
CA ALA D 262 40.81 -23.23 28.41
C ALA D 262 39.69 -24.21 28.14
N GLU D 263 38.49 -23.69 27.89
CA GLU D 263 37.32 -24.53 27.65
C GLU D 263 37.46 -25.37 26.36
N ALA D 264 38.04 -24.78 25.32
CA ALA D 264 38.26 -25.49 24.09
C ALA D 264 39.17 -26.69 24.34
N SER D 265 40.11 -26.54 25.27
CA SER D 265 41.02 -27.63 25.64
C SER D 265 40.38 -28.68 26.55
N ARG D 266 39.43 -28.28 27.40
CA ARG D 266 38.66 -29.27 28.16
C ARG D 266 37.80 -30.08 27.21
N ARG D 267 37.26 -29.40 26.20
CA ARG D 267 36.39 -30.07 25.26
C ARG D 267 37.14 -30.84 24.20
N GLY D 268 38.46 -30.72 24.20
CA GLY D 268 39.30 -31.41 23.22
C GLY D 268 39.03 -30.92 21.81
N ILE D 269 38.59 -29.66 21.70
CA ILE D 269 38.40 -28.99 20.42
C ILE D 269 39.67 -28.27 19.95
N GLN D 270 40.04 -28.52 18.68
CA GLN D 270 41.17 -27.85 18.01
C GLN D 270 40.65 -26.53 17.38
N PRO D 271 40.83 -25.39 18.05
CA PRO D 271 40.13 -24.18 17.56
C PRO D 271 40.65 -23.61 16.23
N LEU D 272 39.81 -22.83 15.56
CA LEU D 272 40.16 -22.22 14.26
C LEU D 272 41.08 -21.02 14.43
N GLY D 273 41.13 -20.50 15.66
CA GLY D 273 41.93 -19.35 15.95
C GLY D 273 41.59 -18.73 17.29
N ARG D 274 42.50 -17.88 17.73
CA ARG D 274 42.37 -17.13 18.95
C ARG D 274 42.22 -15.69 18.55
N ILE D 275 41.22 -15.02 19.13
CA ILE D 275 40.96 -13.62 18.86
C ILE D 275 41.92 -12.80 19.68
N VAL D 276 42.81 -12.08 18.99
CA VAL D 276 43.92 -11.43 19.65
C VAL D 276 43.59 -9.97 19.91
N SER D 277 42.81 -9.37 19.01
CA SER D 277 42.33 -8.01 19.22
C SER D 277 41.24 -7.67 18.24
N TRP D 278 40.65 -6.51 18.44
CA TRP D 278 39.67 -5.99 17.51
C TRP D 278 39.53 -4.49 17.76
N ALA D 279 38.88 -3.81 16.84
CA ALA D 279 38.60 -2.40 17.02
C ALA D 279 37.58 -1.94 16.02
N THR D 280 36.86 -0.87 16.41
CA THR D 280 35.98 -0.16 15.52
C THR D 280 36.33 1.32 15.60
N VAL D 281 36.20 2.02 14.48
CA VAL D 281 36.61 3.43 14.40
C VAL D 281 35.72 4.19 13.44
N GLY D 282 35.64 5.50 13.63
CA GLY D 282 34.80 6.33 12.78
C GLY D 282 35.62 7.13 11.77
N VAL D 283 34.97 7.48 10.66
CA VAL D 283 35.59 8.29 9.59
C VAL D 283 34.49 9.12 8.93
N ASP D 284 34.87 10.12 8.14
CA ASP D 284 33.89 10.93 7.38
C ASP D 284 32.92 9.97 6.71
N PRO D 285 31.61 10.10 6.98
CA PRO D 285 30.64 9.24 6.27
C PRO D 285 30.78 9.27 4.76
N LYS D 286 30.98 10.48 4.19
CA LYS D 286 31.22 10.72 2.74
C LYS D 286 32.21 9.76 2.10
N VAL D 287 33.23 9.36 2.85
CA VAL D 287 34.26 8.42 2.39
C VAL D 287 34.34 7.24 3.38
N MET D 288 33.22 6.55 3.55
CA MET D 288 33.10 5.48 4.56
C MET D 288 34.02 4.27 4.35
N GLY D 289 34.35 4.00 3.09
CA GLY D 289 35.16 2.82 2.71
C GLY D 289 36.59 2.83 3.22
N THR D 290 37.06 4.03 3.60
CA THR D 290 38.37 4.22 4.21
C THR D 290 38.43 3.64 5.62
N GLY D 291 37.26 3.34 6.16
CA GLY D 291 37.08 2.88 7.53
C GLY D 291 38.06 1.82 7.96
N PRO D 292 38.25 0.76 7.14
CA PRO D 292 39.18 -0.35 7.40
C PRO D 292 40.62 0.07 7.70
N ILE D 293 41.00 1.27 7.28
CA ILE D 293 42.34 1.77 7.57
C ILE D 293 42.50 2.02 9.09
N PRO D 294 41.85 3.05 9.66
CA PRO D 294 42.03 3.26 11.11
C PRO D 294 41.69 2.06 12.00
N ALA D 295 40.65 1.31 11.60
CA ALA D 295 40.19 0.14 12.35
C ALA D 295 41.14 -1.06 12.28
N SER D 296 41.90 -1.18 11.17
CA SER D 296 42.88 -2.25 11.04
C SER D 296 44.18 -1.87 11.70
N ARG D 297 44.51 -0.57 11.67
CA ARG D 297 45.72 -0.05 12.33
C ARG D 297 45.60 -0.14 13.87
N LYS D 298 44.47 0.31 14.39
CA LYS D 298 44.13 0.16 15.80
C LYS D 298 44.13 -1.31 16.24
N ALA D 299 43.43 -2.15 15.48
CA ALA D 299 43.43 -3.60 15.71
C ALA D 299 44.86 -4.08 15.87
N LEU D 300 45.70 -3.74 14.89
CA LEU D 300 47.13 -4.13 14.86
C LEU D 300 47.95 -3.55 16.01
N GLU D 301 47.71 -2.28 16.35
CA GLU D 301 48.35 -1.65 17.51
C GLU D 301 47.86 -2.35 18.79
N ARG D 302 46.56 -2.63 18.85
CA ARG D 302 46.00 -3.36 19.98
C ARG D 302 46.53 -4.79 20.06
N ALA D 303 46.87 -5.37 18.91
CA ALA D 303 47.44 -6.73 18.87
C ALA D 303 48.96 -6.76 19.06
N GLY D 304 49.61 -5.59 19.11
CA GLY D 304 51.06 -5.55 19.23
C GLY D 304 51.75 -6.12 17.99
N TRP D 305 51.06 -6.05 16.86
CA TRP D 305 51.55 -6.54 15.58
C TRP D 305 51.99 -5.39 14.66
N LYS D 306 52.83 -5.71 13.68
CA LYS D 306 53.11 -4.82 12.55
C LYS D 306 52.31 -5.32 11.34
N ILE D 307 52.02 -4.43 10.39
CA ILE D 307 51.36 -4.84 9.14
C ILE D 307 52.21 -5.91 8.43
N GLY D 308 53.52 -5.80 8.56
CA GLY D 308 54.43 -6.84 8.06
C GLY D 308 54.26 -8.22 8.69
N ASP D 309 53.55 -8.32 9.81
CA ASP D 309 53.34 -9.60 10.50
C ASP D 309 52.25 -10.46 9.85
N LEU D 310 51.26 -9.82 9.25
CA LEU D 310 50.09 -10.54 8.75
C LEU D 310 50.47 -11.54 7.65
N ASP D 311 49.87 -12.74 7.72
CA ASP D 311 50.06 -13.80 6.72
C ASP D 311 48.86 -13.87 5.77
N LEU D 312 47.75 -13.32 6.21
CA LEU D 312 46.53 -13.36 5.45
C LEU D 312 45.65 -12.23 5.97
N VAL D 313 44.94 -11.58 5.05
CA VAL D 313 43.99 -10.55 5.39
C VAL D 313 42.72 -10.78 4.58
N GLU D 314 41.56 -10.56 5.21
CA GLU D 314 40.29 -10.47 4.49
C GLU D 314 39.78 -9.03 4.57
N ALA D 315 39.82 -8.33 3.44
CA ALA D 315 39.45 -6.92 3.36
C ALA D 315 38.18 -6.69 2.53
N ASN D 316 37.04 -6.63 3.20
CA ASN D 316 35.78 -6.59 2.46
C ASN D 316 35.72 -5.62 1.28
N GLU D 317 35.50 -6.18 0.09
CA GLU D 317 35.33 -5.43 -1.14
C GLU D 317 33.85 -5.06 -1.26
N ALA D 318 33.47 -3.97 -0.63
CA ALA D 318 32.16 -3.43 -0.85
C ALA D 318 32.21 -2.86 -2.26
N PHE D 319 33.27 -2.08 -2.53
CA PHE D 319 33.54 -1.46 -3.83
C PHE D 319 35.01 -1.67 -4.16
N ALA D 320 35.35 -1.50 -5.44
CA ALA D 320 36.73 -1.68 -5.90
C ALA D 320 37.58 -0.48 -5.49
N ALA D 321 36.97 0.70 -5.53
CA ALA D 321 37.65 1.95 -5.17
C ALA D 321 38.04 1.99 -3.69
N GLN D 322 37.14 1.57 -2.81
CA GLN D 322 37.43 1.59 -1.37
C GLN D 322 38.45 0.53 -1.02
N ALA D 323 38.38 -0.60 -1.70
CA ALA D 323 39.27 -1.73 -1.44
C ALA D 323 40.72 -1.47 -1.92
N CYS D 324 40.86 -0.96 -3.15
CA CYS D 324 42.17 -0.54 -3.69
C CYS D 324 42.85 0.48 -2.80
N ALA D 325 42.06 1.46 -2.36
CA ALA D 325 42.54 2.53 -1.49
C ALA D 325 43.05 2.04 -0.13
N VAL D 326 42.37 1.06 0.45
CA VAL D 326 42.80 0.46 1.70
C VAL D 326 44.13 -0.26 1.47
N ASN D 327 44.18 -1.08 0.43
CA ASN D 327 45.43 -1.74 0.06
C ASN D 327 46.54 -0.72 -0.10
N LYS D 328 46.26 0.32 -0.86
CA LYS D 328 47.23 1.38 -1.11
C LYS D 328 47.82 1.98 0.16
N ASP D 329 46.96 2.29 1.13
CA ASP D 329 47.37 3.02 2.34
C ASP D 329 48.00 2.09 3.37
N LEU D 330 47.34 0.96 3.62
CA LEU D 330 47.86 0.00 4.59
C LEU D 330 49.17 -0.65 4.08
N GLY D 331 49.25 -0.85 2.76
CA GLY D 331 50.51 -1.23 2.11
C GLY D 331 50.94 -2.65 2.40
N TRP D 332 49.96 -3.52 2.68
CA TRP D 332 50.24 -4.94 2.82
C TRP D 332 50.33 -5.57 1.46
N ASP D 333 50.92 -6.76 1.43
CA ASP D 333 51.13 -7.52 0.21
C ASP D 333 49.77 -7.88 -0.38
N PRO D 334 49.47 -7.40 -1.60
CA PRO D 334 48.15 -7.69 -2.15
C PRO D 334 47.95 -9.17 -2.49
N SER D 335 49.04 -9.94 -2.54
CA SER D 335 48.96 -11.38 -2.77
C SER D 335 48.31 -12.15 -1.60
N ILE D 336 48.47 -11.67 -0.37
CA ILE D 336 47.82 -12.29 0.79
C ILE D 336 46.43 -11.70 1.10
N VAL D 337 45.88 -10.88 0.21
CA VAL D 337 44.61 -10.20 0.53
C VAL D 337 43.41 -10.66 -0.33
N ASN D 338 42.40 -11.17 0.37
CA ASN D 338 41.27 -11.85 -0.25
C ASN D 338 41.68 -12.93 -1.25
N VAL D 339 42.53 -13.85 -0.79
CA VAL D 339 43.17 -14.83 -1.64
C VAL D 339 42.22 -15.81 -2.34
N ASN D 340 40.98 -15.92 -1.86
CA ASN D 340 39.94 -16.75 -2.50
C ASN D 340 38.82 -15.88 -3.06
N GLY D 341 39.13 -14.63 -3.34
CA GLY D 341 38.17 -13.69 -3.92
C GLY D 341 37.46 -12.86 -2.87
N GLY D 342 36.68 -11.89 -3.30
CA GLY D 342 36.00 -11.03 -2.35
C GLY D 342 34.52 -10.89 -2.62
N ALA D 343 33.95 -9.90 -1.94
CA ALA D 343 32.51 -9.65 -1.93
C ALA D 343 31.97 -9.26 -3.28
N ILE D 344 32.74 -8.56 -4.10
CA ILE D 344 32.31 -8.26 -5.47
C ILE D 344 31.91 -9.60 -6.14
N ALA D 345 32.75 -10.61 -5.95
CA ALA D 345 32.55 -11.93 -6.54
C ALA D 345 31.56 -12.74 -5.74
N ILE D 346 31.74 -12.71 -4.42
CA ILE D 346 31.03 -13.56 -3.48
C ILE D 346 29.62 -13.03 -3.15
N GLY D 347 29.50 -11.72 -2.99
CA GLY D 347 28.23 -11.07 -2.61
C GLY D 347 28.41 -10.40 -1.26
N HIS D 348 27.52 -9.47 -0.93
CA HIS D 348 27.58 -8.75 0.34
C HIS D 348 26.23 -8.80 1.07
N PRO D 349 25.95 -9.92 1.74
CA PRO D 349 24.78 -9.99 2.60
C PRO D 349 25.06 -9.15 3.85
N ILE D 350 24.55 -7.91 3.83
CA ILE D 350 24.95 -6.85 4.76
C ILE D 350 25.33 -7.36 6.14
N GLY D 351 24.32 -7.76 6.93
CA GLY D 351 24.55 -8.13 8.33
C GLY D 351 25.41 -9.37 8.55
N ALA D 352 25.43 -10.28 7.57
CA ALA D 352 26.29 -11.49 7.63
C ALA D 352 27.73 -11.29 7.18
N SER D 353 27.98 -10.23 6.41
CA SER D 353 29.22 -10.05 5.69
C SER D 353 30.50 -10.15 6.52
N GLY D 354 30.51 -9.52 7.70
CA GLY D 354 31.65 -9.59 8.59
C GLY D 354 31.86 -11.00 9.07
N ALA D 355 30.77 -11.74 9.28
CA ALA D 355 30.89 -13.14 9.69
C ALA D 355 31.42 -13.97 8.52
N ARG D 356 30.84 -13.73 7.33
CA ARG D 356 31.29 -14.34 6.08
C ARG D 356 32.81 -14.28 5.93
N ILE D 357 33.33 -13.05 5.91
CA ILE D 357 34.75 -12.84 5.61
C ILE D 357 35.64 -13.39 6.71
N LEU D 358 35.10 -13.50 7.93
CA LEU D 358 35.79 -14.21 9.02
C LEU D 358 35.90 -15.72 8.74
N ASN D 359 34.79 -16.34 8.34
CA ASN D 359 34.78 -17.76 7.92
C ASN D 359 35.85 -18.09 6.90
N THR D 360 35.88 -17.30 5.83
CA THR D 360 36.87 -17.42 4.76
C THR D 360 38.28 -17.24 5.33
N LEU D 361 38.50 -16.15 6.06
CA LEU D 361 39.80 -15.92 6.71
C LEU D 361 40.25 -17.10 7.55
N LEU D 362 39.37 -17.64 8.39
CA LEU D 362 39.74 -18.69 9.34
C LEU D 362 39.98 -20.05 8.67
N PHE D 363 39.15 -20.36 7.68
CA PHE D 363 39.25 -21.66 7.03
C PHE D 363 40.46 -21.76 6.10
N GLU D 364 40.87 -20.61 5.54
CA GLU D 364 42.08 -20.55 4.70
C GLU D 364 43.41 -20.49 5.50
N MET D 365 43.40 -19.89 6.70
CA MET D 365 44.55 -19.90 7.61
C MET D 365 44.89 -21.32 8.04
N LYS D 366 43.84 -22.13 8.25
CA LYS D 366 44.03 -23.56 8.53
C LYS D 366 44.64 -24.27 7.30
N ARG D 367 43.94 -24.09 6.17
CA ARG D 367 44.30 -24.69 4.88
C ARG D 367 45.75 -24.51 4.47
N ARG D 368 46.29 -23.31 4.69
CA ARG D 368 47.67 -23.03 4.32
C ARG D 368 48.62 -22.93 5.50
N GLY D 369 48.08 -22.90 6.71
CA GLY D 369 48.91 -22.84 7.91
C GLY D 369 49.45 -21.46 8.19
N ALA D 370 48.65 -20.44 7.90
CA ALA D 370 49.00 -19.08 8.28
C ALA D 370 48.79 -18.91 9.78
N ARG D 371 49.67 -18.13 10.40
CA ARG D 371 49.63 -17.91 11.86
C ARG D 371 48.77 -16.71 12.23
N LYS D 372 48.83 -15.65 11.44
CA LYS D 372 48.13 -14.41 11.75
C LYS D 372 47.22 -13.97 10.59
N GLY D 373 46.03 -13.52 10.93
CA GLY D 373 45.13 -13.02 9.94
C GLY D 373 44.42 -11.81 10.47
N LEU D 374 44.08 -10.88 9.59
CA LEU D 374 43.24 -9.76 9.98
C LEU D 374 42.00 -9.72 9.09
N ALA D 375 40.85 -9.52 9.72
CA ALA D 375 39.61 -9.35 9.00
C ALA D 375 39.12 -7.89 9.18
N THR D 376 38.56 -7.28 8.13
CA THR D 376 38.12 -5.88 8.23
C THR D 376 37.08 -5.45 7.19
N LEU D 377 36.18 -4.56 7.62
CA LEU D 377 35.09 -4.06 6.81
C LEU D 377 34.92 -2.55 6.96
N CYS D 378 34.44 -1.91 5.90
CA CYS D 378 33.95 -0.53 5.99
C CYS D 378 32.46 -0.62 6.22
N ILE D 379 31.90 0.45 6.76
CA ILE D 379 30.52 0.48 7.25
C ILE D 379 29.83 1.78 6.81
N GLY D 380 28.63 1.66 6.25
CA GLY D 380 27.79 2.81 5.96
C GLY D 380 27.73 3.77 7.13
N GLY D 381 27.70 5.06 6.82
CA GLY D 381 27.75 6.10 7.85
C GLY D 381 29.18 6.45 8.28
N GLY D 382 30.16 5.70 7.78
CA GLY D 382 31.55 5.99 8.03
C GLY D 382 32.11 5.34 9.27
N MET D 383 32.26 4.03 9.24
CA MET D 383 33.01 3.35 10.30
C MET D 383 33.85 2.23 9.69
N GLY D 384 34.71 1.65 10.51
CA GLY D 384 35.48 0.48 10.11
C GLY D 384 35.53 -0.43 11.33
N VAL D 385 35.39 -1.73 11.11
CA VAL D 385 35.63 -2.74 12.15
C VAL D 385 36.82 -3.63 11.71
N ALA D 386 37.60 -4.11 12.67
CA ALA D 386 38.69 -5.03 12.35
C ALA D 386 38.96 -5.96 13.50
N MET D 387 39.46 -7.15 13.17
CA MET D 387 39.81 -8.15 14.19
C MET D 387 41.05 -8.97 13.78
N CYS D 388 41.88 -9.26 14.78
CA CYS D 388 43.13 -9.95 14.59
C CYS D 388 43.09 -11.37 15.14
N ILE D 389 43.26 -12.34 14.24
CA ILE D 389 43.11 -13.76 14.53
C ILE D 389 44.40 -14.56 14.39
N GLU D 390 44.92 -15.04 15.53
CA GLU D 390 46.11 -15.89 15.55
C GLU D 390 45.71 -17.35 15.64
N SER D 391 46.29 -18.20 14.79
CA SER D 391 45.98 -19.64 14.81
C SER D 391 46.66 -20.32 15.99
N LEU D 392 46.02 -21.36 16.51
CA LEU D 392 46.57 -22.13 17.63
C LEU D 392 47.49 -23.25 17.13
#